data_3FMY
# 
_entry.id   3FMY 
# 
_audit_conform.dict_name       mmcif_pdbx.dic 
_audit_conform.dict_version    5.397 
_audit_conform.dict_location   http://mmcif.pdb.org/dictionaries/ascii/mmcif_pdbx.dic 
# 
loop_
_database_2.database_id 
_database_2.database_code 
_database_2.pdbx_database_accession 
_database_2.pdbx_DOI 
PDB   3FMY         pdb_00003fmy 10.2210/pdb3fmy/pdb 
RCSB  RCSB050788   ?            ?                   
WWPDB D_1000050788 ?            ?                   
# 
loop_
_pdbx_audit_revision_history.ordinal 
_pdbx_audit_revision_history.data_content_type 
_pdbx_audit_revision_history.major_revision 
_pdbx_audit_revision_history.minor_revision 
_pdbx_audit_revision_history.revision_date 
1 'Structure model' 1 0 2010-01-12 
2 'Structure model' 1 1 2011-07-13 
3 'Structure model' 1 2 2024-10-16 
# 
_pdbx_audit_revision_details.ordinal             1 
_pdbx_audit_revision_details.revision_ordinal    1 
_pdbx_audit_revision_details.data_content_type   'Structure model' 
_pdbx_audit_revision_details.provider            repository 
_pdbx_audit_revision_details.type                'Initial release' 
_pdbx_audit_revision_details.description         ? 
_pdbx_audit_revision_details.details             ? 
# 
loop_
_pdbx_audit_revision_group.ordinal 
_pdbx_audit_revision_group.revision_ordinal 
_pdbx_audit_revision_group.data_content_type 
_pdbx_audit_revision_group.group 
1 2 'Structure model' 'Version format compliance' 
2 3 'Structure model' 'Data collection'           
3 3 'Structure model' 'Database references'       
4 3 'Structure model' 'Derived calculations'      
5 3 'Structure model' 'Structure summary'         
# 
loop_
_pdbx_audit_revision_category.ordinal 
_pdbx_audit_revision_category.revision_ordinal 
_pdbx_audit_revision_category.data_content_type 
_pdbx_audit_revision_category.category 
1 3 'Structure model' chem_comp_atom            
2 3 'Structure model' chem_comp_bond            
3 3 'Structure model' database_2                
4 3 'Structure model' pdbx_entry_details        
5 3 'Structure model' pdbx_modification_feature 
6 3 'Structure model' struct_conn               
7 3 'Structure model' struct_ref_seq_dif        
# 
loop_
_pdbx_audit_revision_item.ordinal 
_pdbx_audit_revision_item.revision_ordinal 
_pdbx_audit_revision_item.data_content_type 
_pdbx_audit_revision_item.item 
1 3 'Structure model' '_database_2.pdbx_DOI'                
2 3 'Structure model' '_database_2.pdbx_database_accession' 
3 3 'Structure model' '_struct_conn.pdbx_leaving_atom_flag' 
4 3 'Structure model' '_struct_ref_seq_dif.details'         
# 
_pdbx_database_status.status_code                     REL 
_pdbx_database_status.entry_id                        3FMY 
_pdbx_database_status.recvd_initial_deposition_date   2008-12-22 
_pdbx_database_status.deposit_site                    RCSB 
_pdbx_database_status.process_site                    RCSB 
_pdbx_database_status.status_code_sf                  REL 
_pdbx_database_status.status_code_mr                  ? 
_pdbx_database_status.SG_entry                        ? 
_pdbx_database_status.pdb_format_compatible           Y 
_pdbx_database_status.status_code_cs                  ? 
_pdbx_database_status.status_code_nmr_data            ? 
_pdbx_database_status.methods_development_category    ? 
# 
loop_
_audit_author.name 
_audit_author.pdbx_ordinal 
'Page, R.'     1 
'Brown, B.L.'  2 
'Arruda, J.M.' 3 
'Peti, W.'     4 
# 
_citation.id                        primary 
_citation.title                     
;Three dimensional structure of the MqsR:MqsA complex: a novel TA pair comprised of a toxin homologous to RelE and an antitoxin with unique properties
;
_citation.journal_abbrev            'Plos Pathog.' 
_citation.journal_volume            5 
_citation.page_first                e1000706 
_citation.page_last                 e1000706 
_citation.year                      2009 
_citation.journal_id_ASTM           ? 
_citation.country                   US 
_citation.journal_id_ISSN           1553-7366 
_citation.journal_id_CSD            ? 
_citation.book_publisher            ? 
_citation.pdbx_database_id_PubMed   20041169 
_citation.pdbx_database_id_DOI      10.1371/journal.ppat.1000706 
# 
loop_
_citation_author.citation_id 
_citation_author.name 
_citation_author.ordinal 
_citation_author.identifier_ORCID 
primary 'Brown, B.L.'   1 ? 
primary 'Grigoriu, S.'  2 ? 
primary 'Kim, Y.'       3 ? 
primary 'Arruda, J.M.'  4 ? 
primary 'Davenport, A.' 5 ? 
primary 'Wood, T.K.'    6 ? 
primary 'Peti, W.'      7 ? 
primary 'Page, R.'      8 ? 
# 
loop_
_entity.id 
_entity.type 
_entity.src_method 
_entity.pdbx_description 
_entity.formula_weight 
_entity.pdbx_number_of_molecules 
_entity.pdbx_ec 
_entity.pdbx_mutation 
_entity.pdbx_fragment 
_entity.details 
1 polymer man 'HTH-type transcriptional regulator MQSA (ygiT/b3021)' 8125.364 1  ? ? 'C-terminus (UNP residues 62 to 131)' ? 
2 water   nat water                                                  18.015   80 ? ? ?                                     ? 
# 
_entity_poly.entity_id                      1 
_entity_poly.type                           'polypeptide(L)' 
_entity_poly.nstd_linkage                   no 
_entity_poly.nstd_monomer                   yes 
_entity_poly.pdbx_seq_one_letter_code       'GHMASVNAETVAPEFIVKVRKKLSLTQKEASEIFGGGVNAFSRYEKGNA(MEQ)PHPSTIKLLRVLDKHPELLNEIR' 
_entity_poly.pdbx_seq_one_letter_code_can   GHMASVNAETVAPEFIVKVRKKLSLTQKEASEIFGGGVNAFSRYEKGNAQPHPSTIKLLRVLDKHPELLNEIR 
_entity_poly.pdbx_strand_id                 A 
_entity_poly.pdbx_target_identifier         ? 
# 
_pdbx_entity_nonpoly.entity_id   2 
_pdbx_entity_nonpoly.name        water 
_pdbx_entity_nonpoly.comp_id     HOH 
# 
loop_
_entity_poly_seq.entity_id 
_entity_poly_seq.num 
_entity_poly_seq.mon_id 
_entity_poly_seq.hetero 
1 1  GLY n 
1 2  HIS n 
1 3  MET n 
1 4  ALA n 
1 5  SER n 
1 6  VAL n 
1 7  ASN n 
1 8  ALA n 
1 9  GLU n 
1 10 THR n 
1 11 VAL n 
1 12 ALA n 
1 13 PRO n 
1 14 GLU n 
1 15 PHE n 
1 16 ILE n 
1 17 VAL n 
1 18 LYS n 
1 19 VAL n 
1 20 ARG n 
1 21 LYS n 
1 22 LYS n 
1 23 LEU n 
1 24 SER n 
1 25 LEU n 
1 26 THR n 
1 27 GLN n 
1 28 LYS n 
1 29 GLU n 
1 30 ALA n 
1 31 SER n 
1 32 GLU n 
1 33 ILE n 
1 34 PHE n 
1 35 GLY n 
1 36 GLY n 
1 37 GLY n 
1 38 VAL n 
1 39 ASN n 
1 40 ALA n 
1 41 PHE n 
1 42 SER n 
1 43 ARG n 
1 44 TYR n 
1 45 GLU n 
1 46 LYS n 
1 47 GLY n 
1 48 ASN n 
1 49 ALA n 
1 50 MEQ n 
1 51 PRO n 
1 52 HIS n 
1 53 PRO n 
1 54 SER n 
1 55 THR n 
1 56 ILE n 
1 57 LYS n 
1 58 LEU n 
1 59 LEU n 
1 60 ARG n 
1 61 VAL n 
1 62 LEU n 
1 63 ASP n 
1 64 LYS n 
1 65 HIS n 
1 66 PRO n 
1 67 GLU n 
1 68 LEU n 
1 69 LEU n 
1 70 ASN n 
1 71 GLU n 
1 72 ILE n 
1 73 ARG n 
# 
_entity_src_gen.entity_id                          1 
_entity_src_gen.pdbx_src_id                        1 
_entity_src_gen.pdbx_alt_source_flag               sample 
_entity_src_gen.pdbx_seq_type                      ? 
_entity_src_gen.pdbx_beg_seq_num                   ? 
_entity_src_gen.pdbx_end_seq_num                   ? 
_entity_src_gen.gene_src_common_name               ? 
_entity_src_gen.gene_src_genus                     ? 
_entity_src_gen.pdbx_gene_src_gene                 'b3021, JW2989, ygiT' 
_entity_src_gen.gene_src_species                   ? 
_entity_src_gen.gene_src_strain                    K12 
_entity_src_gen.gene_src_tissue                    ? 
_entity_src_gen.gene_src_tissue_fraction           ? 
_entity_src_gen.gene_src_details                   ? 
_entity_src_gen.pdbx_gene_src_fragment             ? 
_entity_src_gen.pdbx_gene_src_scientific_name      'Escherichia coli K-12' 
_entity_src_gen.pdbx_gene_src_ncbi_taxonomy_id     83333 
_entity_src_gen.pdbx_gene_src_variant              ? 
_entity_src_gen.pdbx_gene_src_cell_line            ? 
_entity_src_gen.pdbx_gene_src_atcc                 ? 
_entity_src_gen.pdbx_gene_src_organ                ? 
_entity_src_gen.pdbx_gene_src_organelle            ? 
_entity_src_gen.pdbx_gene_src_cell                 ? 
_entity_src_gen.pdbx_gene_src_cellular_location    ? 
_entity_src_gen.host_org_common_name               ? 
_entity_src_gen.pdbx_host_org_scientific_name      'Escherichia coli' 
_entity_src_gen.pdbx_host_org_ncbi_taxonomy_id     562 
_entity_src_gen.host_org_genus                     ? 
_entity_src_gen.pdbx_host_org_gene                 ? 
_entity_src_gen.pdbx_host_org_organ                ? 
_entity_src_gen.host_org_species                   ? 
_entity_src_gen.pdbx_host_org_tissue               ? 
_entity_src_gen.pdbx_host_org_tissue_fraction      ? 
_entity_src_gen.pdbx_host_org_strain               'BL21 DE3 RIL' 
_entity_src_gen.pdbx_host_org_variant              ? 
_entity_src_gen.pdbx_host_org_cell_line            ? 
_entity_src_gen.pdbx_host_org_atcc                 ? 
_entity_src_gen.pdbx_host_org_culture_collection   ? 
_entity_src_gen.pdbx_host_org_cell                 ? 
_entity_src_gen.pdbx_host_org_organelle            ? 
_entity_src_gen.pdbx_host_org_cellular_location    ? 
_entity_src_gen.pdbx_host_org_vector_type          plasmid 
_entity_src_gen.pdbx_host_org_vector               ? 
_entity_src_gen.host_org_details                   ? 
_entity_src_gen.expression_system_id               ? 
_entity_src_gen.plasmid_name                       RP1B 
_entity_src_gen.plasmid_details                    ? 
_entity_src_gen.pdbx_description                   ? 
# 
loop_
_chem_comp.id 
_chem_comp.type 
_chem_comp.mon_nstd_flag 
_chem_comp.name 
_chem_comp.pdbx_synonyms 
_chem_comp.formula 
_chem_comp.formula_weight 
ALA 'L-peptide linking' y ALANINE            ? 'C3 H7 N O2'     89.093  
ARG 'L-peptide linking' y ARGININE           ? 'C6 H15 N4 O2 1' 175.209 
ASN 'L-peptide linking' y ASPARAGINE         ? 'C4 H8 N2 O3'    132.118 
ASP 'L-peptide linking' y 'ASPARTIC ACID'    ? 'C4 H7 N O4'     133.103 
GLN 'L-peptide linking' y GLUTAMINE          ? 'C5 H10 N2 O3'   146.144 
GLU 'L-peptide linking' y 'GLUTAMIC ACID'    ? 'C5 H9 N O4'     147.129 
GLY 'peptide linking'   y GLYCINE            ? 'C2 H5 N O2'     75.067  
HIS 'L-peptide linking' y HISTIDINE          ? 'C6 H10 N3 O2 1' 156.162 
HOH non-polymer         . WATER              ? 'H2 O'           18.015  
ILE 'L-peptide linking' y ISOLEUCINE         ? 'C6 H13 N O2'    131.173 
LEU 'L-peptide linking' y LEUCINE            ? 'C6 H13 N O2'    131.173 
LYS 'L-peptide linking' y LYSINE             ? 'C6 H15 N2 O2 1' 147.195 
MEQ 'L-peptide linking' n N5-METHYLGLUTAMINE ? 'C6 H12 N2 O3'   160.171 
MET 'L-peptide linking' y METHIONINE         ? 'C5 H11 N O2 S'  149.211 
PHE 'L-peptide linking' y PHENYLALANINE      ? 'C9 H11 N O2'    165.189 
PRO 'L-peptide linking' y PROLINE            ? 'C5 H9 N O2'     115.130 
SER 'L-peptide linking' y SERINE             ? 'C3 H7 N O3'     105.093 
THR 'L-peptide linking' y THREONINE          ? 'C4 H9 N O3'     119.119 
TYR 'L-peptide linking' y TYROSINE           ? 'C9 H11 N O3'    181.189 
VAL 'L-peptide linking' y VALINE             ? 'C5 H11 N O2'    117.146 
# 
loop_
_pdbx_poly_seq_scheme.asym_id 
_pdbx_poly_seq_scheme.entity_id 
_pdbx_poly_seq_scheme.seq_id 
_pdbx_poly_seq_scheme.mon_id 
_pdbx_poly_seq_scheme.ndb_seq_num 
_pdbx_poly_seq_scheme.pdb_seq_num 
_pdbx_poly_seq_scheme.auth_seq_num 
_pdbx_poly_seq_scheme.pdb_mon_id 
_pdbx_poly_seq_scheme.auth_mon_id 
_pdbx_poly_seq_scheme.pdb_strand_id 
_pdbx_poly_seq_scheme.pdb_ins_code 
_pdbx_poly_seq_scheme.hetero 
A 1 1  GLY 1  -2  ?   ?   ?   A . n 
A 1 2  HIS 2  -1  ?   ?   ?   A . n 
A 1 3  MET 3  0   ?   ?   ?   A . n 
A 1 4  ALA 4  62  ?   ?   ?   A . n 
A 1 5  SER 5  63  ?   ?   ?   A . n 
A 1 6  VAL 6  64  ?   ?   ?   A . n 
A 1 7  ASN 7  65  ?   ?   ?   A . n 
A 1 8  ALA 8  66  66  ALA ALA A . n 
A 1 9  GLU 9  67  67  GLU GLU A . n 
A 1 10 THR 10 68  68  THR THR A . n 
A 1 11 VAL 11 69  69  VAL VAL A . n 
A 1 12 ALA 12 70  70  ALA ALA A . n 
A 1 13 PRO 13 71  71  PRO PRO A . n 
A 1 14 GLU 14 72  72  GLU GLU A . n 
A 1 15 PHE 15 73  73  PHE PHE A . n 
A 1 16 ILE 16 74  74  ILE ILE A . n 
A 1 17 VAL 17 75  75  VAL VAL A . n 
A 1 18 LYS 18 76  76  LYS LYS A . n 
A 1 19 VAL 19 77  77  VAL VAL A . n 
A 1 20 ARG 20 78  78  ARG ARG A . n 
A 1 21 LYS 21 79  79  LYS LYS A . n 
A 1 22 LYS 22 80  80  LYS LYS A . n 
A 1 23 LEU 23 81  81  LEU LEU A . n 
A 1 24 SER 24 82  82  SER SER A . n 
A 1 25 LEU 25 83  83  LEU LEU A . n 
A 1 26 THR 26 84  84  THR THR A . n 
A 1 27 GLN 27 85  85  GLN GLN A . n 
A 1 28 LYS 28 86  86  LYS LYS A . n 
A 1 29 GLU 29 87  87  GLU GLU A . n 
A 1 30 ALA 30 88  88  ALA ALA A . n 
A 1 31 SER 31 89  89  SER SER A . n 
A 1 32 GLU 32 90  90  GLU GLU A . n 
A 1 33 ILE 33 91  91  ILE ILE A . n 
A 1 34 PHE 34 92  92  PHE PHE A . n 
A 1 35 GLY 35 93  93  GLY GLY A . n 
A 1 36 GLY 36 94  94  GLY GLY A . n 
A 1 37 GLY 37 95  95  GLY GLY A . n 
A 1 38 VAL 38 96  96  VAL VAL A . n 
A 1 39 ASN 39 97  97  ASN ASN A . n 
A 1 40 ALA 40 98  98  ALA ALA A . n 
A 1 41 PHE 41 99  99  PHE PHE A . n 
A 1 42 SER 42 100 100 SER SER A . n 
A 1 43 ARG 43 101 101 ARG ARG A . n 
A 1 44 TYR 44 102 102 TYR TYR A . n 
A 1 45 GLU 45 103 103 GLU GLU A . n 
A 1 46 LYS 46 104 104 LYS LYS A . n 
A 1 47 GLY 47 105 105 GLY GLY A . n 
A 1 48 ASN 48 106 106 ASN ASN A . n 
A 1 49 ALA 49 107 107 ALA ALA A . n 
A 1 50 MEQ 50 108 108 MEQ MEQ A . n 
A 1 51 PRO 51 109 109 PRO PRO A . n 
A 1 52 HIS 52 110 110 HIS HIS A . n 
A 1 53 PRO 53 111 111 PRO PRO A . n 
A 1 54 SER 54 112 112 SER SER A . n 
A 1 55 THR 55 113 113 THR THR A . n 
A 1 56 ILE 56 114 114 ILE ILE A . n 
A 1 57 LYS 57 115 115 LYS LYS A . n 
A 1 58 LEU 58 116 116 LEU LEU A . n 
A 1 59 LEU 59 117 117 LEU LEU A . n 
A 1 60 ARG 60 118 118 ARG ARG A . n 
A 1 61 VAL 61 119 119 VAL VAL A . n 
A 1 62 LEU 62 120 120 LEU LEU A . n 
A 1 63 ASP 63 121 121 ASP ASP A . n 
A 1 64 LYS 64 122 122 LYS LYS A . n 
A 1 65 HIS 65 123 123 HIS HIS A . n 
A 1 66 PRO 66 124 124 PRO PRO A . n 
A 1 67 GLU 67 125 125 GLU GLU A . n 
A 1 68 LEU 68 126 126 LEU LEU A . n 
A 1 69 LEU 69 127 127 LEU LEU A . n 
A 1 70 ASN 70 128 128 ASN ASN A . n 
A 1 71 GLU 71 129 129 GLU GLU A . n 
A 1 72 ILE 72 130 130 ILE ILE A . n 
A 1 73 ARG 73 131 131 ARG ARG A . n 
# 
loop_
_pdbx_nonpoly_scheme.asym_id 
_pdbx_nonpoly_scheme.entity_id 
_pdbx_nonpoly_scheme.mon_id 
_pdbx_nonpoly_scheme.ndb_seq_num 
_pdbx_nonpoly_scheme.pdb_seq_num 
_pdbx_nonpoly_scheme.auth_seq_num 
_pdbx_nonpoly_scheme.pdb_mon_id 
_pdbx_nonpoly_scheme.auth_mon_id 
_pdbx_nonpoly_scheme.pdb_strand_id 
_pdbx_nonpoly_scheme.pdb_ins_code 
B 2 HOH 1  1   1   HOH HOH A . 
B 2 HOH 2  2   2   HOH HOH A . 
B 2 HOH 3  3   3   HOH HOH A . 
B 2 HOH 4  4   4   HOH HOH A . 
B 2 HOH 5  5   5   HOH HOH A . 
B 2 HOH 6  7   7   HOH HOH A . 
B 2 HOH 7  8   8   HOH HOH A . 
B 2 HOH 8  9   9   HOH HOH A . 
B 2 HOH 9  10  10  HOH HOH A . 
B 2 HOH 10 11  11  HOH HOH A . 
B 2 HOH 11 12  12  HOH HOH A . 
B 2 HOH 12 13  13  HOH HOH A . 
B 2 HOH 13 14  14  HOH HOH A . 
B 2 HOH 14 16  16  HOH HOH A . 
B 2 HOH 15 17  17  HOH HOH A . 
B 2 HOH 16 18  18  HOH HOH A . 
B 2 HOH 17 19  19  HOH HOH A . 
B 2 HOH 18 20  20  HOH HOH A . 
B 2 HOH 19 21  21  HOH HOH A . 
B 2 HOH 20 24  24  HOH HOH A . 
B 2 HOH 21 26  26  HOH HOH A . 
B 2 HOH 22 27  27  HOH HOH A . 
B 2 HOH 23 28  28  HOH HOH A . 
B 2 HOH 24 29  29  HOH HOH A . 
B 2 HOH 25 30  30  HOH HOH A . 
B 2 HOH 26 34  34  HOH HOH A . 
B 2 HOH 27 35  35  HOH HOH A . 
B 2 HOH 28 36  36  HOH HOH A . 
B 2 HOH 29 38  38  HOH HOH A . 
B 2 HOH 30 41  41  HOH HOH A . 
B 2 HOH 31 42  42  HOH HOH A . 
B 2 HOH 32 43  43  HOH HOH A . 
B 2 HOH 33 44  44  HOH HOH A . 
B 2 HOH 34 47  47  HOH HOH A . 
B 2 HOH 35 50  50  HOH HOH A . 
B 2 HOH 36 51  51  HOH HOH A . 
B 2 HOH 37 53  53  HOH HOH A . 
B 2 HOH 38 55  55  HOH HOH A . 
B 2 HOH 39 132 59  HOH HOH A . 
B 2 HOH 40 133 60  HOH HOH A . 
B 2 HOH 41 134 62  HOH HOH A . 
B 2 HOH 42 135 63  HOH HOH A . 
B 2 HOH 43 136 64  HOH HOH A . 
B 2 HOH 44 137 65  HOH HOH A . 
B 2 HOH 45 138 66  HOH HOH A . 
B 2 HOH 46 139 67  HOH HOH A . 
B 2 HOH 47 140 69  HOH HOH A . 
B 2 HOH 48 141 70  HOH HOH A . 
B 2 HOH 49 142 71  HOH HOH A . 
B 2 HOH 50 143 72  HOH HOH A . 
B 2 HOH 51 144 73  HOH HOH A . 
B 2 HOH 52 145 74  HOH HOH A . 
B 2 HOH 53 146 75  HOH HOH A . 
B 2 HOH 54 147 76  HOH HOH A . 
B 2 HOH 55 148 77  HOH HOH A . 
B 2 HOH 56 149 78  HOH HOH A . 
B 2 HOH 57 150 79  HOH HOH A . 
B 2 HOH 58 151 80  HOH HOH A . 
B 2 HOH 59 152 81  HOH HOH A . 
B 2 HOH 60 153 82  HOH HOH A . 
B 2 HOH 61 154 83  HOH HOH A . 
B 2 HOH 62 155 84  HOH HOH A . 
B 2 HOH 63 156 85  HOH HOH A . 
B 2 HOH 64 157 86  HOH HOH A . 
B 2 HOH 65 158 87  HOH HOH A . 
B 2 HOH 66 159 88  HOH HOH A . 
B 2 HOH 67 160 89  HOH HOH A . 
B 2 HOH 68 161 90  HOH HOH A . 
B 2 HOH 69 162 91  HOH HOH A . 
B 2 HOH 70 163 92  HOH HOH A . 
B 2 HOH 71 164 93  HOH HOH A . 
B 2 HOH 72 165 94  HOH HOH A . 
B 2 HOH 73 166 95  HOH HOH A . 
B 2 HOH 74 167 96  HOH HOH A . 
B 2 HOH 75 168 97  HOH HOH A . 
B 2 HOH 76 169 98  HOH HOH A . 
B 2 HOH 77 170 99  HOH HOH A . 
B 2 HOH 78 171 100 HOH HOH A . 
B 2 HOH 79 172 101 HOH HOH A . 
B 2 HOH 80 173 102 HOH HOH A . 
# 
loop_
_software.name 
_software.classification 
_software.version 
_software.citation_id 
_software.pdbx_ordinal 
HKL-2000 'data collection' .        ? 1 
SOLVE    phasing           .        ? 2 
REFMAC   refinement        5.2.0019 ? 3 
HKL-2000 'data reduction'  .        ? 4 
HKL-2000 'data scaling'    .        ? 5 
# 
_cell.entry_id           3FMY 
_cell.length_a           39.573 
_cell.length_b           39.573 
_cell.length_c           78.306 
_cell.angle_alpha        90.00 
_cell.angle_beta         90.00 
_cell.angle_gamma        120.00 
_cell.Z_PDB              6 
_cell.pdbx_unique_axis   ? 
_cell.length_a_esd       ? 
_cell.length_b_esd       ? 
_cell.length_c_esd       ? 
_cell.angle_alpha_esd    ? 
_cell.angle_beta_esd     ? 
_cell.angle_gamma_esd    ? 
# 
_symmetry.entry_id                         3FMY 
_symmetry.space_group_name_H-M             'P 31 2 1' 
_symmetry.pdbx_full_space_group_name_H-M   ? 
_symmetry.cell_setting                     ? 
_symmetry.Int_Tables_number                152 
_symmetry.space_group_name_Hall            ? 
# 
_exptl.entry_id          3FMY 
_exptl.method            'X-RAY DIFFRACTION' 
_exptl.crystals_number   2 
# 
loop_
_exptl_crystal.id 
_exptl_crystal.density_meas 
_exptl_crystal.density_Matthews 
_exptl_crystal.density_percent_sol 
_exptl_crystal.description 
_exptl_crystal.F_000 
_exptl_crystal.preparation 
1 ? 2.18 43.51 ? ? ? 
2 ? ?    ?     ? ? ? 
# 
loop_
_exptl_crystal_grow.crystal_id 
_exptl_crystal_grow.method 
_exptl_crystal_grow.temp 
_exptl_crystal_grow.temp_details 
_exptl_crystal_grow.pH 
_exptl_crystal_grow.pdbx_pH_range 
_exptl_crystal_grow.pdbx_details 
1 'VAPOR DIFFUSION, SITTING DROP' 277 ? 8.5 ? 
'20% PEG 300, 5% PEG 8000, 10% glycerol, 0.1M Tris, pH 8.5, VAPOR DIFFUSION, SITTING DROP, temperature 277K' 
2 'VAPOR DIFFUSION, SITTING DROP' 277 ? 7.5 ? 
'40% PEG 300, 0.1M Hepes, 0.2M NaCl, pH 7.5, VAPOR DIFFUSION, SITTING DROP, temperature 277K'                
# 
loop_
_diffrn.id 
_diffrn.ambient_temp 
_diffrn.ambient_temp_details 
_diffrn.crystal_id 
1 100 ? 1 
2 100 ? 1 
# 
loop_
_diffrn_detector.diffrn_id 
_diffrn_detector.detector 
_diffrn_detector.type 
_diffrn_detector.pdbx_collection_date 
_diffrn_detector.details 
1 CCD 'ADSC QUANTUM 210' 2008-07-18 'Toroidal focusing mirror' 
2 CCD 'ADSC QUANTUM 210' 2008-09-28 'Toroidal focusing mirror' 
# 
loop_
_diffrn_radiation.diffrn_id 
_diffrn_radiation.wavelength_id 
_diffrn_radiation.pdbx_monochromatic_or_laue_m_l 
_diffrn_radiation.monochromator 
_diffrn_radiation.pdbx_diffrn_protocol 
_diffrn_radiation.pdbx_scattering_type 
1 1 M 'Si (111) channel cut monochromator' 'SINGLE WAVELENGTH' x-ray 
2 1 M 'Si (111) channel cut monochromator' MAD                 x-ray 
# 
loop_
_diffrn_radiation_wavelength.id 
_diffrn_radiation_wavelength.wavelength 
_diffrn_radiation_wavelength.wt 
1 1.0    1.0 
2 0.9322 1.0 
3 0.9794 1.0 
4 0.9788 1.0 
# 
loop_
_diffrn_source.diffrn_id 
_diffrn_source.source 
_diffrn_source.type 
_diffrn_source.pdbx_synchrotron_site 
_diffrn_source.pdbx_synchrotron_beamline 
_diffrn_source.pdbx_wavelength 
_diffrn_source.pdbx_wavelength_list 
1 SYNCHROTRON 'NSLS BEAMLINE X6A' NSLS X6A ? 1.0                      
2 SYNCHROTRON 'NSLS BEAMLINE X6A' NSLS X6A ? '0.9322, 0.9794, 0.9788' 
# 
_reflns.entry_id                     3FMY 
_reflns.observed_criterion_sigma_I   0 
_reflns.observed_criterion_sigma_F   0 
_reflns.d_resolution_low             50.0 
_reflns.d_resolution_high            1.40 
_reflns.number_obs                   14556 
_reflns.number_all                   14613 
_reflns.percent_possible_obs         99.6 
_reflns.pdbx_Rmerge_I_obs            ? 
_reflns.pdbx_Rsym_value              0.032 
_reflns.pdbx_netI_over_sigmaI        31.5 
_reflns.B_iso_Wilson_estimate        ? 
_reflns.pdbx_redundancy              5.7 
_reflns.R_free_details               ? 
_reflns.limit_h_max                  ? 
_reflns.limit_h_min                  ? 
_reflns.limit_k_max                  ? 
_reflns.limit_k_min                  ? 
_reflns.limit_l_max                  ? 
_reflns.limit_l_min                  ? 
_reflns.observed_criterion_F_max     ? 
_reflns.observed_criterion_F_min     ? 
_reflns.pdbx_chi_squared             ? 
_reflns.pdbx_scaling_rejects         ? 
_reflns.pdbx_diffrn_id               1,2 
_reflns.pdbx_ordinal                 1 
# 
_reflns_shell.d_res_high             1.40 
_reflns_shell.d_res_low              1.42 
_reflns_shell.percent_possible_all   99.2 
_reflns_shell.Rmerge_I_obs           ? 
_reflns_shell.pdbx_Rsym_value        0.232 
_reflns_shell.meanI_over_sigI_obs    6.19 
_reflns_shell.pdbx_redundancy        4.5 
_reflns_shell.percent_possible_obs   ? 
_reflns_shell.number_unique_all      ? 
_reflns_shell.number_measured_all    ? 
_reflns_shell.number_measured_obs    ? 
_reflns_shell.number_unique_obs      ? 
_reflns_shell.pdbx_chi_squared       ? 
_reflns_shell.pdbx_diffrn_id         ? 
_reflns_shell.pdbx_ordinal           1 
# 
_refine.pdbx_refine_id                           'X-RAY DIFFRACTION' 
_refine.entry_id                                 3FMY 
_refine.ls_number_reflns_obs                     13813 
_refine.ls_number_reflns_all                     14529 
_refine.pdbx_ls_sigma_I                          ? 
_refine.pdbx_ls_sigma_F                          . 
_refine.pdbx_data_cutoff_high_absF               ? 
_refine.pdbx_data_cutoff_low_absF                ? 
_refine.pdbx_data_cutoff_high_rms_absF           ? 
_refine.ls_d_res_low                             20.77 
_refine.ls_d_res_high                            1.40 
_refine.ls_percent_reflns_obs                    99.71 
_refine.ls_R_factor_obs                          0.15654 
_refine.ls_R_factor_all                          ? 
_refine.ls_R_factor_R_work                       0.15532 
_refine.ls_R_factor_R_free                       0.18151 
_refine.ls_R_factor_R_free_error                 ? 
_refine.ls_R_factor_R_free_error_details         ? 
_refine.ls_percent_reflns_R_free                 4.9 
_refine.ls_number_reflns_R_free                  716 
_refine.ls_number_parameters                     ? 
_refine.ls_number_restraints                     ? 
_refine.occupancy_min                            ? 
_refine.occupancy_max                            ? 
_refine.correlation_coeff_Fo_to_Fc               0.968 
_refine.correlation_coeff_Fo_to_Fc_free          0.963 
_refine.B_iso_mean                               12.155 
_refine.aniso_B[1][1]                            0.02 
_refine.aniso_B[2][2]                            0.02 
_refine.aniso_B[3][3]                            -0.03 
_refine.aniso_B[1][2]                            0.01 
_refine.aniso_B[1][3]                            0.00 
_refine.aniso_B[2][3]                            0.00 
_refine.solvent_model_details                    MASK 
_refine.solvent_model_param_ksol                 ? 
_refine.solvent_model_param_bsol                 ? 
_refine.pdbx_solvent_vdw_probe_radii             1.20 
_refine.pdbx_solvent_ion_probe_radii             0.80 
_refine.pdbx_solvent_shrinkage_radii             0.80 
_refine.pdbx_ls_cross_valid_method               THROUGHOUT 
_refine.details                                  'HYDROGENS HAVE BEEN ADDED IN THE RIDING POSITIONS' 
_refine.pdbx_starting_model                      ? 
_refine.pdbx_method_to_determine_struct          MAD 
_refine.pdbx_isotropic_thermal_model             ? 
_refine.pdbx_stereochemistry_target_values       'MAXIMUM LIKELIHOOD' 
_refine.pdbx_stereochem_target_val_spec_case     ? 
_refine.pdbx_R_Free_selection_details            RANDOM 
_refine.pdbx_overall_ESU_R                       0.063 
_refine.pdbx_overall_ESU_R_Free                  0.056 
_refine.overall_SU_ML                            0.029 
_refine.pdbx_overall_phase_error                 ? 
_refine.overall_SU_B                             1.525 
_refine.ls_redundancy_reflns_obs                 ? 
_refine.B_iso_min                                ? 
_refine.B_iso_max                                ? 
_refine.overall_SU_R_Cruickshank_DPI             ? 
_refine.overall_SU_R_free                        ? 
_refine.ls_wR_factor_R_free                      ? 
_refine.ls_wR_factor_R_work                      ? 
_refine.overall_FOM_free_R_set                   ? 
_refine.overall_FOM_work_R_set                   ? 
_refine.pdbx_diffrn_id                           1 
_refine.pdbx_TLS_residual_ADP_flag               ? 
_refine.pdbx_overall_SU_R_free_Cruickshank_DPI   ? 
_refine.pdbx_overall_SU_R_Blow_DPI               ? 
_refine.pdbx_overall_SU_R_free_Blow_DPI          ? 
# 
_refine_hist.pdbx_refine_id                   'X-RAY DIFFRACTION' 
_refine_hist.cycle_id                         LAST 
_refine_hist.pdbx_number_atoms_protein        571 
_refine_hist.pdbx_number_atoms_nucleic_acid   0 
_refine_hist.pdbx_number_atoms_ligand         0 
_refine_hist.number_atoms_solvent             80 
_refine_hist.number_atoms_total               651 
_refine_hist.d_res_high                       1.40 
_refine_hist.d_res_low                        20.77 
# 
loop_
_refine_ls_restr.type 
_refine_ls_restr.dev_ideal 
_refine_ls_restr.dev_ideal_target 
_refine_ls_restr.weight 
_refine_ls_restr.number 
_refine_ls_restr.pdbx_refine_id 
_refine_ls_restr.pdbx_restraint_function 
r_bond_refined_d             0.011  0.022  ? 590  'X-RAY DIFFRACTION' ? 
r_bond_other_d               0.001  0.020  ? 424  'X-RAY DIFFRACTION' ? 
r_angle_refined_deg          1.413  2.007  ? 809  'X-RAY DIFFRACTION' ? 
r_angle_other_deg            0.935  3.000  ? 1056 'X-RAY DIFFRACTION' ? 
r_dihedral_angle_1_deg       4.893  5.000  ? 84   'X-RAY DIFFRACTION' ? 
r_dihedral_angle_2_deg       25.507 24.400 ? 25   'X-RAY DIFFRACTION' ? 
r_dihedral_angle_3_deg       12.363 15.000 ? 119  'X-RAY DIFFRACTION' ? 
r_dihedral_angle_4_deg       8.215  15.000 ? 4    'X-RAY DIFFRACTION' ? 
r_chiral_restr               0.085  0.200  ? 93   'X-RAY DIFFRACTION' ? 
r_gen_planes_refined         0.005  0.020  ? 658  'X-RAY DIFFRACTION' ? 
r_gen_planes_other           0.001  0.020  ? 110  'X-RAY DIFFRACTION' ? 
r_nbd_refined                0.245  0.200  ? 118  'X-RAY DIFFRACTION' ? 
r_nbd_other                  0.190  0.200  ? 432  'X-RAY DIFFRACTION' ? 
r_nbtor_refined              0.191  0.200  ? 292  'X-RAY DIFFRACTION' ? 
r_nbtor_other                0.089  0.200  ? 294  'X-RAY DIFFRACTION' ? 
r_xyhbond_nbd_refined        0.174  0.200  ? 49   'X-RAY DIFFRACTION' ? 
r_xyhbond_nbd_other          ?      ?      ? ?    'X-RAY DIFFRACTION' ? 
r_metal_ion_refined          ?      ?      ? ?    'X-RAY DIFFRACTION' ? 
r_metal_ion_other            ?      ?      ? ?    'X-RAY DIFFRACTION' ? 
r_symmetry_vdw_refined       0.241  0.200  ? 8    'X-RAY DIFFRACTION' ? 
r_symmetry_vdw_other         0.277  0.200  ? 22   'X-RAY DIFFRACTION' ? 
r_symmetry_hbond_refined     0.163  0.200  ? 16   'X-RAY DIFFRACTION' ? 
r_symmetry_hbond_other       ?      ?      ? ?    'X-RAY DIFFRACTION' ? 
r_symmetry_metal_ion_refined ?      ?      ? ?    'X-RAY DIFFRACTION' ? 
r_symmetry_metal_ion_other   ?      ?      ? ?    'X-RAY DIFFRACTION' ? 
r_mcbond_it                  2.228  3.000  ? 371  'X-RAY DIFFRACTION' ? 
r_mcbond_other               1.295  3.000  ? 140  'X-RAY DIFFRACTION' ? 
r_mcangle_it                 2.970  5.000  ? 596  'X-RAY DIFFRACTION' ? 
r_scbond_it                  4.157  8.000  ? 239  'X-RAY DIFFRACTION' ? 
r_scangle_it                 5.560  11.000 ? 203  'X-RAY DIFFRACTION' ? 
r_rigid_bond_restr           2.211  3.000  ? 1077 'X-RAY DIFFRACTION' ? 
r_sphericity_free            5.727  3.000  ? 80   'X-RAY DIFFRACTION' ? 
r_sphericity_bonded          3.252  3.000  ? 995  'X-RAY DIFFRACTION' ? 
# 
_refine_ls_shell.pdbx_refine_id                   'X-RAY DIFFRACTION' 
_refine_ls_shell.pdbx_total_number_of_bins_used   20 
_refine_ls_shell.d_res_high                       1.400 
_refine_ls_shell.d_res_low                        1.436 
_refine_ls_shell.number_reflns_R_work             993 
_refine_ls_shell.R_factor_R_work                  0.143 
_refine_ls_shell.percent_reflns_obs               99.53 
_refine_ls_shell.R_factor_R_free                  0.197 
_refine_ls_shell.R_factor_R_free_error            ? 
_refine_ls_shell.percent_reflns_R_free            ? 
_refine_ls_shell.number_reflns_R_free             58 
_refine_ls_shell.number_reflns_all                ? 
_refine_ls_shell.R_factor_all                     ? 
_refine_ls_shell.redundancy_reflns_obs            ? 
_refine_ls_shell.number_reflns_obs                ? 
# 
_struct.entry_id                  3FMY 
_struct.title                     'Structure of the C-terminal domain of the E. coli protein MQSA (YgiT/b3021)' 
_struct.pdbx_model_details        ? 
_struct.pdbx_CASP_flag            ? 
_struct.pdbx_model_type_details   ? 
# 
_struct_keywords.entry_id        3FMY 
_struct_keywords.pdbx_keywords   'DNA BINDING PROTEIN' 
_struct_keywords.text            'helix-turn-helix, DNA-binding, Transcription, Transcription regulation, DNA BINDING PROTEIN' 
# 
loop_
_struct_asym.id 
_struct_asym.pdbx_blank_PDB_chainid_flag 
_struct_asym.pdbx_modified 
_struct_asym.entity_id 
_struct_asym.details 
A N N 1 ? 
B N N 2 ? 
# 
_struct_ref.id                         1 
_struct_ref.db_name                    UNP 
_struct_ref.db_code                    YGIT_ECOLI 
_struct_ref.pdbx_db_accession          Q46864 
_struct_ref.entity_id                  1 
_struct_ref.pdbx_seq_one_letter_code   ASVNAETVAPEFIVKVRKKLSLTQKEASEIFGGGVNAFSRYEKGNAQPHPSTIKLLRVLDKHPELLNEIR 
_struct_ref.pdbx_align_begin           62 
_struct_ref.pdbx_db_isoform            ? 
# 
_struct_ref_seq.align_id                      1 
_struct_ref_seq.ref_id                        1 
_struct_ref_seq.pdbx_PDB_id_code              3FMY 
_struct_ref_seq.pdbx_strand_id                A 
_struct_ref_seq.seq_align_beg                 4 
_struct_ref_seq.pdbx_seq_align_beg_ins_code   ? 
_struct_ref_seq.seq_align_end                 73 
_struct_ref_seq.pdbx_seq_align_end_ins_code   ? 
_struct_ref_seq.pdbx_db_accession             Q46864 
_struct_ref_seq.db_align_beg                  62 
_struct_ref_seq.pdbx_db_align_beg_ins_code    ? 
_struct_ref_seq.db_align_end                  131 
_struct_ref_seq.pdbx_db_align_end_ins_code    ? 
_struct_ref_seq.pdbx_auth_seq_align_beg       62 
_struct_ref_seq.pdbx_auth_seq_align_end       131 
# 
loop_
_struct_ref_seq_dif.align_id 
_struct_ref_seq_dif.pdbx_pdb_id_code 
_struct_ref_seq_dif.mon_id 
_struct_ref_seq_dif.pdbx_pdb_strand_id 
_struct_ref_seq_dif.seq_num 
_struct_ref_seq_dif.pdbx_pdb_ins_code 
_struct_ref_seq_dif.pdbx_seq_db_name 
_struct_ref_seq_dif.pdbx_seq_db_accession_code 
_struct_ref_seq_dif.db_mon_id 
_struct_ref_seq_dif.pdbx_seq_db_seq_num 
_struct_ref_seq_dif.details 
_struct_ref_seq_dif.pdbx_auth_seq_num 
_struct_ref_seq_dif.pdbx_ordinal 
1 3FMY GLY A 1 ? UNP Q46864 ? ? 'expression tag' -2 1 
1 3FMY HIS A 2 ? UNP Q46864 ? ? 'expression tag' -1 2 
1 3FMY MET A 3 ? UNP Q46864 ? ? 'expression tag' 0  3 
# 
_pdbx_struct_assembly.id                   1 
_pdbx_struct_assembly.details              author_and_software_defined_assembly 
_pdbx_struct_assembly.method_details       PISA 
_pdbx_struct_assembly.oligomeric_details   dimeric 
_pdbx_struct_assembly.oligomeric_count     2 
# 
loop_
_pdbx_struct_assembly_prop.biol_id 
_pdbx_struct_assembly_prop.type 
_pdbx_struct_assembly_prop.value 
_pdbx_struct_assembly_prop.details 
1 'ABSA (A^2)' 1600 ? 
1 MORE         -6   ? 
1 'SSA (A^2)'  6760 ? 
# 
_pdbx_struct_assembly_gen.assembly_id       1 
_pdbx_struct_assembly_gen.oper_expression   1,2 
_pdbx_struct_assembly_gen.asym_id_list      A,B 
# 
loop_
_pdbx_struct_oper_list.id 
_pdbx_struct_oper_list.type 
_pdbx_struct_oper_list.name 
_pdbx_struct_oper_list.symmetry_operation 
_pdbx_struct_oper_list.matrix[1][1] 
_pdbx_struct_oper_list.matrix[1][2] 
_pdbx_struct_oper_list.matrix[1][3] 
_pdbx_struct_oper_list.vector[1] 
_pdbx_struct_oper_list.matrix[2][1] 
_pdbx_struct_oper_list.matrix[2][2] 
_pdbx_struct_oper_list.matrix[2][3] 
_pdbx_struct_oper_list.vector[2] 
_pdbx_struct_oper_list.matrix[3][1] 
_pdbx_struct_oper_list.matrix[3][2] 
_pdbx_struct_oper_list.matrix[3][3] 
_pdbx_struct_oper_list.vector[3] 
1 'identity operation'         1_555 x,y,z  1.0000000000  0.0000000000  0.0000000000  0.0000000000  0.0000000000  1.0000000000  0.0000000000 0.0000000000  0.0000000000  0.0000000000 1.0000000000  0.0000000000  
2 'crystal symmetry operation' 4_555 y,x,-z -0.7164682479 -0.4602967962 -0.5242138011 11.9430758057 -0.4602967962 -0.2527357555 0.8510296689 13.3333139368 -0.5242138011 0.8510296689 -0.0307959966 -5.2479359993 
# 
_struct_biol.id        1 
_struct_biol.details   ? 
# 
loop_
_struct_conf.conf_type_id 
_struct_conf.id 
_struct_conf.pdbx_PDB_helix_id 
_struct_conf.beg_label_comp_id 
_struct_conf.beg_label_asym_id 
_struct_conf.beg_label_seq_id 
_struct_conf.pdbx_beg_PDB_ins_code 
_struct_conf.end_label_comp_id 
_struct_conf.end_label_asym_id 
_struct_conf.end_label_seq_id 
_struct_conf.pdbx_end_PDB_ins_code 
_struct_conf.beg_auth_comp_id 
_struct_conf.beg_auth_asym_id 
_struct_conf.beg_auth_seq_id 
_struct_conf.end_auth_comp_id 
_struct_conf.end_auth_asym_id 
_struct_conf.end_auth_seq_id 
_struct_conf.pdbx_PDB_helix_class 
_struct_conf.details 
_struct_conf.pdbx_PDB_helix_length 
HELX_P HELX_P1 1 ALA A 12 ? LEU A 23 ? ALA A 70  LEU A 81  1 ? 12 
HELX_P HELX_P2 2 THR A 26 ? GLY A 35 ? THR A 84  GLY A 93  1 ? 10 
HELX_P HELX_P3 3 ASN A 39 ? LYS A 46 ? ASN A 97  LYS A 104 1 ? 8  
HELX_P HELX_P4 4 HIS A 52 ? HIS A 65 ? HIS A 110 HIS A 123 1 ? 14 
HELX_P HELX_P5 5 LEU A 68 ? ARG A 73 ? LEU A 126 ARG A 131 1 ? 6  
# 
_struct_conf_type.id          HELX_P 
_struct_conf_type.criteria    ? 
_struct_conf_type.reference   ? 
# 
loop_
_struct_conn.id 
_struct_conn.conn_type_id 
_struct_conn.pdbx_leaving_atom_flag 
_struct_conn.pdbx_PDB_id 
_struct_conn.ptnr1_label_asym_id 
_struct_conn.ptnr1_label_comp_id 
_struct_conn.ptnr1_label_seq_id 
_struct_conn.ptnr1_label_atom_id 
_struct_conn.pdbx_ptnr1_label_alt_id 
_struct_conn.pdbx_ptnr1_PDB_ins_code 
_struct_conn.pdbx_ptnr1_standard_comp_id 
_struct_conn.ptnr1_symmetry 
_struct_conn.ptnr2_label_asym_id 
_struct_conn.ptnr2_label_comp_id 
_struct_conn.ptnr2_label_seq_id 
_struct_conn.ptnr2_label_atom_id 
_struct_conn.pdbx_ptnr2_label_alt_id 
_struct_conn.pdbx_ptnr2_PDB_ins_code 
_struct_conn.ptnr1_auth_asym_id 
_struct_conn.ptnr1_auth_comp_id 
_struct_conn.ptnr1_auth_seq_id 
_struct_conn.ptnr2_auth_asym_id 
_struct_conn.ptnr2_auth_comp_id 
_struct_conn.ptnr2_auth_seq_id 
_struct_conn.ptnr2_symmetry 
_struct_conn.pdbx_ptnr3_label_atom_id 
_struct_conn.pdbx_ptnr3_label_seq_id 
_struct_conn.pdbx_ptnr3_label_comp_id 
_struct_conn.pdbx_ptnr3_label_asym_id 
_struct_conn.pdbx_ptnr3_label_alt_id 
_struct_conn.pdbx_ptnr3_PDB_ins_code 
_struct_conn.details 
_struct_conn.pdbx_dist_value 
_struct_conn.pdbx_value_order 
_struct_conn.pdbx_role 
covale1 covale both ? A ALA 49 C ? ? ? 1_555 A MEQ 50 N ? ? A ALA 107 A MEQ 108 1_555 ? ? ? ? ? ? ? 1.325 ? ? 
covale2 covale both ? A MEQ 50 C ? ? ? 1_555 A PRO 51 N ? ? A MEQ 108 A PRO 109 1_555 ? ? ? ? ? ? ? 1.350 ? ? 
# 
_struct_conn_type.id          covale 
_struct_conn_type.criteria    ? 
_struct_conn_type.reference   ? 
# 
_pdbx_modification_feature.ordinal                            1 
_pdbx_modification_feature.label_comp_id                      MEQ 
_pdbx_modification_feature.label_asym_id                      A 
_pdbx_modification_feature.label_seq_id                       50 
_pdbx_modification_feature.label_alt_id                       ? 
_pdbx_modification_feature.modified_residue_label_comp_id     . 
_pdbx_modification_feature.modified_residue_label_asym_id     . 
_pdbx_modification_feature.modified_residue_label_seq_id      . 
_pdbx_modification_feature.modified_residue_label_alt_id      . 
_pdbx_modification_feature.auth_comp_id                       MEQ 
_pdbx_modification_feature.auth_asym_id                       A 
_pdbx_modification_feature.auth_seq_id                        108 
_pdbx_modification_feature.PDB_ins_code                       ? 
_pdbx_modification_feature.symmetry                           1_555 
_pdbx_modification_feature.modified_residue_auth_comp_id      . 
_pdbx_modification_feature.modified_residue_auth_asym_id      . 
_pdbx_modification_feature.modified_residue_auth_seq_id       . 
_pdbx_modification_feature.modified_residue_PDB_ins_code      . 
_pdbx_modification_feature.modified_residue_symmetry          . 
_pdbx_modification_feature.comp_id_linking_atom               . 
_pdbx_modification_feature.modified_residue_id_linking_atom   . 
_pdbx_modification_feature.modified_residue_id                GLN 
_pdbx_modification_feature.ref_pcm_id                         1 
_pdbx_modification_feature.ref_comp_id                        MEQ 
_pdbx_modification_feature.type                               Methylation 
_pdbx_modification_feature.category                           'Named protein modification' 
# 
_pdbx_entry_details.entry_id                   3FMY 
_pdbx_entry_details.compound_details           ? 
_pdbx_entry_details.source_details             ? 
_pdbx_entry_details.nonpolymer_details         ? 
_pdbx_entry_details.sequence_details           ? 
_pdbx_entry_details.has_ligand_of_interest     ? 
_pdbx_entry_details.has_protein_modification   Y 
# 
_pdbx_validate_close_contact.id               1 
_pdbx_validate_close_contact.PDB_model_num    1 
_pdbx_validate_close_contact.auth_atom_id_1   OD2 
_pdbx_validate_close_contact.auth_asym_id_1   A 
_pdbx_validate_close_contact.auth_comp_id_1   ASP 
_pdbx_validate_close_contact.auth_seq_id_1    121 
_pdbx_validate_close_contact.PDB_ins_code_1   ? 
_pdbx_validate_close_contact.label_alt_id_1   ? 
_pdbx_validate_close_contact.auth_atom_id_2   O 
_pdbx_validate_close_contact.auth_asym_id_2   A 
_pdbx_validate_close_contact.auth_comp_id_2   HOH 
_pdbx_validate_close_contact.auth_seq_id_2    163 
_pdbx_validate_close_contact.PDB_ins_code_2   ? 
_pdbx_validate_close_contact.label_alt_id_2   ? 
_pdbx_validate_close_contact.dist             2.18 
# 
_pdbx_struct_mod_residue.id               1 
_pdbx_struct_mod_residue.label_asym_id    A 
_pdbx_struct_mod_residue.label_comp_id    MEQ 
_pdbx_struct_mod_residue.label_seq_id     50 
_pdbx_struct_mod_residue.auth_asym_id     A 
_pdbx_struct_mod_residue.auth_comp_id     MEQ 
_pdbx_struct_mod_residue.auth_seq_id      108 
_pdbx_struct_mod_residue.PDB_ins_code     ? 
_pdbx_struct_mod_residue.parent_comp_id   GLN 
_pdbx_struct_mod_residue.details          N5-METHYLGLUTAMINE 
# 
_pdbx_struct_special_symmetry.id              1 
_pdbx_struct_special_symmetry.PDB_model_num   1 
_pdbx_struct_special_symmetry.auth_asym_id    A 
_pdbx_struct_special_symmetry.auth_comp_id    HOH 
_pdbx_struct_special_symmetry.auth_seq_id     160 
_pdbx_struct_special_symmetry.PDB_ins_code    ? 
_pdbx_struct_special_symmetry.label_asym_id   B 
_pdbx_struct_special_symmetry.label_comp_id   HOH 
_pdbx_struct_special_symmetry.label_seq_id    . 
# 
loop_
_pdbx_unobs_or_zero_occ_residues.id 
_pdbx_unobs_or_zero_occ_residues.PDB_model_num 
_pdbx_unobs_or_zero_occ_residues.polymer_flag 
_pdbx_unobs_or_zero_occ_residues.occupancy_flag 
_pdbx_unobs_or_zero_occ_residues.auth_asym_id 
_pdbx_unobs_or_zero_occ_residues.auth_comp_id 
_pdbx_unobs_or_zero_occ_residues.auth_seq_id 
_pdbx_unobs_or_zero_occ_residues.PDB_ins_code 
_pdbx_unobs_or_zero_occ_residues.label_asym_id 
_pdbx_unobs_or_zero_occ_residues.label_comp_id 
_pdbx_unobs_or_zero_occ_residues.label_seq_id 
1 1 Y 1 A GLY -2 ? A GLY 1 
2 1 Y 1 A HIS -1 ? A HIS 2 
3 1 Y 1 A MET 0  ? A MET 3 
4 1 Y 1 A ALA 62 ? A ALA 4 
5 1 Y 1 A SER 63 ? A SER 5 
6 1 Y 1 A VAL 64 ? A VAL 6 
7 1 Y 1 A ASN 65 ? A ASN 7 
# 
loop_
_chem_comp_atom.comp_id 
_chem_comp_atom.atom_id 
_chem_comp_atom.type_symbol 
_chem_comp_atom.pdbx_aromatic_flag 
_chem_comp_atom.pdbx_stereo_config 
_chem_comp_atom.pdbx_ordinal 
ALA N    N N N 1   
ALA CA   C N S 2   
ALA C    C N N 3   
ALA O    O N N 4   
ALA CB   C N N 5   
ALA OXT  O N N 6   
ALA H    H N N 7   
ALA H2   H N N 8   
ALA HA   H N N 9   
ALA HB1  H N N 10  
ALA HB2  H N N 11  
ALA HB3  H N N 12  
ALA HXT  H N N 13  
ARG N    N N N 14  
ARG CA   C N S 15  
ARG C    C N N 16  
ARG O    O N N 17  
ARG CB   C N N 18  
ARG CG   C N N 19  
ARG CD   C N N 20  
ARG NE   N N N 21  
ARG CZ   C N N 22  
ARG NH1  N N N 23  
ARG NH2  N N N 24  
ARG OXT  O N N 25  
ARG H    H N N 26  
ARG H2   H N N 27  
ARG HA   H N N 28  
ARG HB2  H N N 29  
ARG HB3  H N N 30  
ARG HG2  H N N 31  
ARG HG3  H N N 32  
ARG HD2  H N N 33  
ARG HD3  H N N 34  
ARG HE   H N N 35  
ARG HH11 H N N 36  
ARG HH12 H N N 37  
ARG HH21 H N N 38  
ARG HH22 H N N 39  
ARG HXT  H N N 40  
ASN N    N N N 41  
ASN CA   C N S 42  
ASN C    C N N 43  
ASN O    O N N 44  
ASN CB   C N N 45  
ASN CG   C N N 46  
ASN OD1  O N N 47  
ASN ND2  N N N 48  
ASN OXT  O N N 49  
ASN H    H N N 50  
ASN H2   H N N 51  
ASN HA   H N N 52  
ASN HB2  H N N 53  
ASN HB3  H N N 54  
ASN HD21 H N N 55  
ASN HD22 H N N 56  
ASN HXT  H N N 57  
ASP N    N N N 58  
ASP CA   C N S 59  
ASP C    C N N 60  
ASP O    O N N 61  
ASP CB   C N N 62  
ASP CG   C N N 63  
ASP OD1  O N N 64  
ASP OD2  O N N 65  
ASP OXT  O N N 66  
ASP H    H N N 67  
ASP H2   H N N 68  
ASP HA   H N N 69  
ASP HB2  H N N 70  
ASP HB3  H N N 71  
ASP HD2  H N N 72  
ASP HXT  H N N 73  
GLN N    N N N 74  
GLN CA   C N S 75  
GLN C    C N N 76  
GLN O    O N N 77  
GLN CB   C N N 78  
GLN CG   C N N 79  
GLN CD   C N N 80  
GLN OE1  O N N 81  
GLN NE2  N N N 82  
GLN OXT  O N N 83  
GLN H    H N N 84  
GLN H2   H N N 85  
GLN HA   H N N 86  
GLN HB2  H N N 87  
GLN HB3  H N N 88  
GLN HG2  H N N 89  
GLN HG3  H N N 90  
GLN HE21 H N N 91  
GLN HE22 H N N 92  
GLN HXT  H N N 93  
GLU N    N N N 94  
GLU CA   C N S 95  
GLU C    C N N 96  
GLU O    O N N 97  
GLU CB   C N N 98  
GLU CG   C N N 99  
GLU CD   C N N 100 
GLU OE1  O N N 101 
GLU OE2  O N N 102 
GLU OXT  O N N 103 
GLU H    H N N 104 
GLU H2   H N N 105 
GLU HA   H N N 106 
GLU HB2  H N N 107 
GLU HB3  H N N 108 
GLU HG2  H N N 109 
GLU HG3  H N N 110 
GLU HE2  H N N 111 
GLU HXT  H N N 112 
GLY N    N N N 113 
GLY CA   C N N 114 
GLY C    C N N 115 
GLY O    O N N 116 
GLY OXT  O N N 117 
GLY H    H N N 118 
GLY H2   H N N 119 
GLY HA2  H N N 120 
GLY HA3  H N N 121 
GLY HXT  H N N 122 
HIS N    N N N 123 
HIS CA   C N S 124 
HIS C    C N N 125 
HIS O    O N N 126 
HIS CB   C N N 127 
HIS CG   C Y N 128 
HIS ND1  N Y N 129 
HIS CD2  C Y N 130 
HIS CE1  C Y N 131 
HIS NE2  N Y N 132 
HIS OXT  O N N 133 
HIS H    H N N 134 
HIS H2   H N N 135 
HIS HA   H N N 136 
HIS HB2  H N N 137 
HIS HB3  H N N 138 
HIS HD1  H N N 139 
HIS HD2  H N N 140 
HIS HE1  H N N 141 
HIS HE2  H N N 142 
HIS HXT  H N N 143 
HOH O    O N N 144 
HOH H1   H N N 145 
HOH H2   H N N 146 
ILE N    N N N 147 
ILE CA   C N S 148 
ILE C    C N N 149 
ILE O    O N N 150 
ILE CB   C N S 151 
ILE CG1  C N N 152 
ILE CG2  C N N 153 
ILE CD1  C N N 154 
ILE OXT  O N N 155 
ILE H    H N N 156 
ILE H2   H N N 157 
ILE HA   H N N 158 
ILE HB   H N N 159 
ILE HG12 H N N 160 
ILE HG13 H N N 161 
ILE HG21 H N N 162 
ILE HG22 H N N 163 
ILE HG23 H N N 164 
ILE HD11 H N N 165 
ILE HD12 H N N 166 
ILE HD13 H N N 167 
ILE HXT  H N N 168 
LEU N    N N N 169 
LEU CA   C N S 170 
LEU C    C N N 171 
LEU O    O N N 172 
LEU CB   C N N 173 
LEU CG   C N N 174 
LEU CD1  C N N 175 
LEU CD2  C N N 176 
LEU OXT  O N N 177 
LEU H    H N N 178 
LEU H2   H N N 179 
LEU HA   H N N 180 
LEU HB2  H N N 181 
LEU HB3  H N N 182 
LEU HG   H N N 183 
LEU HD11 H N N 184 
LEU HD12 H N N 185 
LEU HD13 H N N 186 
LEU HD21 H N N 187 
LEU HD22 H N N 188 
LEU HD23 H N N 189 
LEU HXT  H N N 190 
LYS N    N N N 191 
LYS CA   C N S 192 
LYS C    C N N 193 
LYS O    O N N 194 
LYS CB   C N N 195 
LYS CG   C N N 196 
LYS CD   C N N 197 
LYS CE   C N N 198 
LYS NZ   N N N 199 
LYS OXT  O N N 200 
LYS H    H N N 201 
LYS H2   H N N 202 
LYS HA   H N N 203 
LYS HB2  H N N 204 
LYS HB3  H N N 205 
LYS HG2  H N N 206 
LYS HG3  H N N 207 
LYS HD2  H N N 208 
LYS HD3  H N N 209 
LYS HE2  H N N 210 
LYS HE3  H N N 211 
LYS HZ1  H N N 212 
LYS HZ2  H N N 213 
LYS HZ3  H N N 214 
LYS HXT  H N N 215 
MEQ N    N N N 216 
MEQ CA   C N S 217 
MEQ CB   C N N 218 
MEQ CG   C N N 219 
MEQ CD   C N N 220 
MEQ OE1  O N N 221 
MEQ NE2  N N N 222 
MEQ CE   C N N 223 
MEQ C    C N N 224 
MEQ O    O N N 225 
MEQ OXT  O N N 226 
MEQ H    H N N 227 
MEQ H2   H N N 228 
MEQ HA   H N N 229 
MEQ HB2  H N N 230 
MEQ HB3  H N N 231 
MEQ HG2  H N N 232 
MEQ HG3  H N N 233 
MEQ HE21 H N N 234 
MEQ HE1  H N N 235 
MEQ HE2  H N N 236 
MEQ HE3  H N N 237 
MEQ HXT  H N N 238 
MET N    N N N 239 
MET CA   C N S 240 
MET C    C N N 241 
MET O    O N N 242 
MET CB   C N N 243 
MET CG   C N N 244 
MET SD   S N N 245 
MET CE   C N N 246 
MET OXT  O N N 247 
MET H    H N N 248 
MET H2   H N N 249 
MET HA   H N N 250 
MET HB2  H N N 251 
MET HB3  H N N 252 
MET HG2  H N N 253 
MET HG3  H N N 254 
MET HE1  H N N 255 
MET HE2  H N N 256 
MET HE3  H N N 257 
MET HXT  H N N 258 
PHE N    N N N 259 
PHE CA   C N S 260 
PHE C    C N N 261 
PHE O    O N N 262 
PHE CB   C N N 263 
PHE CG   C Y N 264 
PHE CD1  C Y N 265 
PHE CD2  C Y N 266 
PHE CE1  C Y N 267 
PHE CE2  C Y N 268 
PHE CZ   C Y N 269 
PHE OXT  O N N 270 
PHE H    H N N 271 
PHE H2   H N N 272 
PHE HA   H N N 273 
PHE HB2  H N N 274 
PHE HB3  H N N 275 
PHE HD1  H N N 276 
PHE HD2  H N N 277 
PHE HE1  H N N 278 
PHE HE2  H N N 279 
PHE HZ   H N N 280 
PHE HXT  H N N 281 
PRO N    N N N 282 
PRO CA   C N S 283 
PRO C    C N N 284 
PRO O    O N N 285 
PRO CB   C N N 286 
PRO CG   C N N 287 
PRO CD   C N N 288 
PRO OXT  O N N 289 
PRO H    H N N 290 
PRO HA   H N N 291 
PRO HB2  H N N 292 
PRO HB3  H N N 293 
PRO HG2  H N N 294 
PRO HG3  H N N 295 
PRO HD2  H N N 296 
PRO HD3  H N N 297 
PRO HXT  H N N 298 
SER N    N N N 299 
SER CA   C N S 300 
SER C    C N N 301 
SER O    O N N 302 
SER CB   C N N 303 
SER OG   O N N 304 
SER OXT  O N N 305 
SER H    H N N 306 
SER H2   H N N 307 
SER HA   H N N 308 
SER HB2  H N N 309 
SER HB3  H N N 310 
SER HG   H N N 311 
SER HXT  H N N 312 
THR N    N N N 313 
THR CA   C N S 314 
THR C    C N N 315 
THR O    O N N 316 
THR CB   C N R 317 
THR OG1  O N N 318 
THR CG2  C N N 319 
THR OXT  O N N 320 
THR H    H N N 321 
THR H2   H N N 322 
THR HA   H N N 323 
THR HB   H N N 324 
THR HG1  H N N 325 
THR HG21 H N N 326 
THR HG22 H N N 327 
THR HG23 H N N 328 
THR HXT  H N N 329 
TYR N    N N N 330 
TYR CA   C N S 331 
TYR C    C N N 332 
TYR O    O N N 333 
TYR CB   C N N 334 
TYR CG   C Y N 335 
TYR CD1  C Y N 336 
TYR CD2  C Y N 337 
TYR CE1  C Y N 338 
TYR CE2  C Y N 339 
TYR CZ   C Y N 340 
TYR OH   O N N 341 
TYR OXT  O N N 342 
TYR H    H N N 343 
TYR H2   H N N 344 
TYR HA   H N N 345 
TYR HB2  H N N 346 
TYR HB3  H N N 347 
TYR HD1  H N N 348 
TYR HD2  H N N 349 
TYR HE1  H N N 350 
TYR HE2  H N N 351 
TYR HH   H N N 352 
TYR HXT  H N N 353 
VAL N    N N N 354 
VAL CA   C N S 355 
VAL C    C N N 356 
VAL O    O N N 357 
VAL CB   C N N 358 
VAL CG1  C N N 359 
VAL CG2  C N N 360 
VAL OXT  O N N 361 
VAL H    H N N 362 
VAL H2   H N N 363 
VAL HA   H N N 364 
VAL HB   H N N 365 
VAL HG11 H N N 366 
VAL HG12 H N N 367 
VAL HG13 H N N 368 
VAL HG21 H N N 369 
VAL HG22 H N N 370 
VAL HG23 H N N 371 
VAL HXT  H N N 372 
# 
loop_
_chem_comp_bond.comp_id 
_chem_comp_bond.atom_id_1 
_chem_comp_bond.atom_id_2 
_chem_comp_bond.value_order 
_chem_comp_bond.pdbx_aromatic_flag 
_chem_comp_bond.pdbx_stereo_config 
_chem_comp_bond.pdbx_ordinal 
ALA N   CA   sing N N 1   
ALA N   H    sing N N 2   
ALA N   H2   sing N N 3   
ALA CA  C    sing N N 4   
ALA CA  CB   sing N N 5   
ALA CA  HA   sing N N 6   
ALA C   O    doub N N 7   
ALA C   OXT  sing N N 8   
ALA CB  HB1  sing N N 9   
ALA CB  HB2  sing N N 10  
ALA CB  HB3  sing N N 11  
ALA OXT HXT  sing N N 12  
ARG N   CA   sing N N 13  
ARG N   H    sing N N 14  
ARG N   H2   sing N N 15  
ARG CA  C    sing N N 16  
ARG CA  CB   sing N N 17  
ARG CA  HA   sing N N 18  
ARG C   O    doub N N 19  
ARG C   OXT  sing N N 20  
ARG CB  CG   sing N N 21  
ARG CB  HB2  sing N N 22  
ARG CB  HB3  sing N N 23  
ARG CG  CD   sing N N 24  
ARG CG  HG2  sing N N 25  
ARG CG  HG3  sing N N 26  
ARG CD  NE   sing N N 27  
ARG CD  HD2  sing N N 28  
ARG CD  HD3  sing N N 29  
ARG NE  CZ   sing N N 30  
ARG NE  HE   sing N N 31  
ARG CZ  NH1  sing N N 32  
ARG CZ  NH2  doub N N 33  
ARG NH1 HH11 sing N N 34  
ARG NH1 HH12 sing N N 35  
ARG NH2 HH21 sing N N 36  
ARG NH2 HH22 sing N N 37  
ARG OXT HXT  sing N N 38  
ASN N   CA   sing N N 39  
ASN N   H    sing N N 40  
ASN N   H2   sing N N 41  
ASN CA  C    sing N N 42  
ASN CA  CB   sing N N 43  
ASN CA  HA   sing N N 44  
ASN C   O    doub N N 45  
ASN C   OXT  sing N N 46  
ASN CB  CG   sing N N 47  
ASN CB  HB2  sing N N 48  
ASN CB  HB3  sing N N 49  
ASN CG  OD1  doub N N 50  
ASN CG  ND2  sing N N 51  
ASN ND2 HD21 sing N N 52  
ASN ND2 HD22 sing N N 53  
ASN OXT HXT  sing N N 54  
ASP N   CA   sing N N 55  
ASP N   H    sing N N 56  
ASP N   H2   sing N N 57  
ASP CA  C    sing N N 58  
ASP CA  CB   sing N N 59  
ASP CA  HA   sing N N 60  
ASP C   O    doub N N 61  
ASP C   OXT  sing N N 62  
ASP CB  CG   sing N N 63  
ASP CB  HB2  sing N N 64  
ASP CB  HB3  sing N N 65  
ASP CG  OD1  doub N N 66  
ASP CG  OD2  sing N N 67  
ASP OD2 HD2  sing N N 68  
ASP OXT HXT  sing N N 69  
GLN N   CA   sing N N 70  
GLN N   H    sing N N 71  
GLN N   H2   sing N N 72  
GLN CA  C    sing N N 73  
GLN CA  CB   sing N N 74  
GLN CA  HA   sing N N 75  
GLN C   O    doub N N 76  
GLN C   OXT  sing N N 77  
GLN CB  CG   sing N N 78  
GLN CB  HB2  sing N N 79  
GLN CB  HB3  sing N N 80  
GLN CG  CD   sing N N 81  
GLN CG  HG2  sing N N 82  
GLN CG  HG3  sing N N 83  
GLN CD  OE1  doub N N 84  
GLN CD  NE2  sing N N 85  
GLN NE2 HE21 sing N N 86  
GLN NE2 HE22 sing N N 87  
GLN OXT HXT  sing N N 88  
GLU N   CA   sing N N 89  
GLU N   H    sing N N 90  
GLU N   H2   sing N N 91  
GLU CA  C    sing N N 92  
GLU CA  CB   sing N N 93  
GLU CA  HA   sing N N 94  
GLU C   O    doub N N 95  
GLU C   OXT  sing N N 96  
GLU CB  CG   sing N N 97  
GLU CB  HB2  sing N N 98  
GLU CB  HB3  sing N N 99  
GLU CG  CD   sing N N 100 
GLU CG  HG2  sing N N 101 
GLU CG  HG3  sing N N 102 
GLU CD  OE1  doub N N 103 
GLU CD  OE2  sing N N 104 
GLU OE2 HE2  sing N N 105 
GLU OXT HXT  sing N N 106 
GLY N   CA   sing N N 107 
GLY N   H    sing N N 108 
GLY N   H2   sing N N 109 
GLY CA  C    sing N N 110 
GLY CA  HA2  sing N N 111 
GLY CA  HA3  sing N N 112 
GLY C   O    doub N N 113 
GLY C   OXT  sing N N 114 
GLY OXT HXT  sing N N 115 
HIS N   CA   sing N N 116 
HIS N   H    sing N N 117 
HIS N   H2   sing N N 118 
HIS CA  C    sing N N 119 
HIS CA  CB   sing N N 120 
HIS CA  HA   sing N N 121 
HIS C   O    doub N N 122 
HIS C   OXT  sing N N 123 
HIS CB  CG   sing N N 124 
HIS CB  HB2  sing N N 125 
HIS CB  HB3  sing N N 126 
HIS CG  ND1  sing Y N 127 
HIS CG  CD2  doub Y N 128 
HIS ND1 CE1  doub Y N 129 
HIS ND1 HD1  sing N N 130 
HIS CD2 NE2  sing Y N 131 
HIS CD2 HD2  sing N N 132 
HIS CE1 NE2  sing Y N 133 
HIS CE1 HE1  sing N N 134 
HIS NE2 HE2  sing N N 135 
HIS OXT HXT  sing N N 136 
HOH O   H1   sing N N 137 
HOH O   H2   sing N N 138 
ILE N   CA   sing N N 139 
ILE N   H    sing N N 140 
ILE N   H2   sing N N 141 
ILE CA  C    sing N N 142 
ILE CA  CB   sing N N 143 
ILE CA  HA   sing N N 144 
ILE C   O    doub N N 145 
ILE C   OXT  sing N N 146 
ILE CB  CG1  sing N N 147 
ILE CB  CG2  sing N N 148 
ILE CB  HB   sing N N 149 
ILE CG1 CD1  sing N N 150 
ILE CG1 HG12 sing N N 151 
ILE CG1 HG13 sing N N 152 
ILE CG2 HG21 sing N N 153 
ILE CG2 HG22 sing N N 154 
ILE CG2 HG23 sing N N 155 
ILE CD1 HD11 sing N N 156 
ILE CD1 HD12 sing N N 157 
ILE CD1 HD13 sing N N 158 
ILE OXT HXT  sing N N 159 
LEU N   CA   sing N N 160 
LEU N   H    sing N N 161 
LEU N   H2   sing N N 162 
LEU CA  C    sing N N 163 
LEU CA  CB   sing N N 164 
LEU CA  HA   sing N N 165 
LEU C   O    doub N N 166 
LEU C   OXT  sing N N 167 
LEU CB  CG   sing N N 168 
LEU CB  HB2  sing N N 169 
LEU CB  HB3  sing N N 170 
LEU CG  CD1  sing N N 171 
LEU CG  CD2  sing N N 172 
LEU CG  HG   sing N N 173 
LEU CD1 HD11 sing N N 174 
LEU CD1 HD12 sing N N 175 
LEU CD1 HD13 sing N N 176 
LEU CD2 HD21 sing N N 177 
LEU CD2 HD22 sing N N 178 
LEU CD2 HD23 sing N N 179 
LEU OXT HXT  sing N N 180 
LYS N   CA   sing N N 181 
LYS N   H    sing N N 182 
LYS N   H2   sing N N 183 
LYS CA  C    sing N N 184 
LYS CA  CB   sing N N 185 
LYS CA  HA   sing N N 186 
LYS C   O    doub N N 187 
LYS C   OXT  sing N N 188 
LYS CB  CG   sing N N 189 
LYS CB  HB2  sing N N 190 
LYS CB  HB3  sing N N 191 
LYS CG  CD   sing N N 192 
LYS CG  HG2  sing N N 193 
LYS CG  HG3  sing N N 194 
LYS CD  CE   sing N N 195 
LYS CD  HD2  sing N N 196 
LYS CD  HD3  sing N N 197 
LYS CE  NZ   sing N N 198 
LYS CE  HE2  sing N N 199 
LYS CE  HE3  sing N N 200 
LYS NZ  HZ1  sing N N 201 
LYS NZ  HZ2  sing N N 202 
LYS NZ  HZ3  sing N N 203 
LYS OXT HXT  sing N N 204 
MEQ N   CA   sing N N 205 
MEQ N   H    sing N N 206 
MEQ N   H2   sing N N 207 
MEQ CA  CB   sing N N 208 
MEQ CA  C    sing N N 209 
MEQ CA  HA   sing N N 210 
MEQ CB  CG   sing N N 211 
MEQ CB  HB2  sing N N 212 
MEQ CB  HB3  sing N N 213 
MEQ CG  CD   sing N N 214 
MEQ CG  HG2  sing N N 215 
MEQ CG  HG3  sing N N 216 
MEQ CD  OE1  doub N N 217 
MEQ CD  NE2  sing N N 218 
MEQ NE2 CE   sing N N 219 
MEQ NE2 HE21 sing N N 220 
MEQ CE  HE1  sing N N 221 
MEQ CE  HE2  sing N N 222 
MEQ CE  HE3  sing N N 223 
MEQ C   O    doub N N 224 
MEQ C   OXT  sing N N 225 
MEQ OXT HXT  sing N N 226 
MET N   CA   sing N N 227 
MET N   H    sing N N 228 
MET N   H2   sing N N 229 
MET CA  C    sing N N 230 
MET CA  CB   sing N N 231 
MET CA  HA   sing N N 232 
MET C   O    doub N N 233 
MET C   OXT  sing N N 234 
MET CB  CG   sing N N 235 
MET CB  HB2  sing N N 236 
MET CB  HB3  sing N N 237 
MET CG  SD   sing N N 238 
MET CG  HG2  sing N N 239 
MET CG  HG3  sing N N 240 
MET SD  CE   sing N N 241 
MET CE  HE1  sing N N 242 
MET CE  HE2  sing N N 243 
MET CE  HE3  sing N N 244 
MET OXT HXT  sing N N 245 
PHE N   CA   sing N N 246 
PHE N   H    sing N N 247 
PHE N   H2   sing N N 248 
PHE CA  C    sing N N 249 
PHE CA  CB   sing N N 250 
PHE CA  HA   sing N N 251 
PHE C   O    doub N N 252 
PHE C   OXT  sing N N 253 
PHE CB  CG   sing N N 254 
PHE CB  HB2  sing N N 255 
PHE CB  HB3  sing N N 256 
PHE CG  CD1  doub Y N 257 
PHE CG  CD2  sing Y N 258 
PHE CD1 CE1  sing Y N 259 
PHE CD1 HD1  sing N N 260 
PHE CD2 CE2  doub Y N 261 
PHE CD2 HD2  sing N N 262 
PHE CE1 CZ   doub Y N 263 
PHE CE1 HE1  sing N N 264 
PHE CE2 CZ   sing Y N 265 
PHE CE2 HE2  sing N N 266 
PHE CZ  HZ   sing N N 267 
PHE OXT HXT  sing N N 268 
PRO N   CA   sing N N 269 
PRO N   CD   sing N N 270 
PRO N   H    sing N N 271 
PRO CA  C    sing N N 272 
PRO CA  CB   sing N N 273 
PRO CA  HA   sing N N 274 
PRO C   O    doub N N 275 
PRO C   OXT  sing N N 276 
PRO CB  CG   sing N N 277 
PRO CB  HB2  sing N N 278 
PRO CB  HB3  sing N N 279 
PRO CG  CD   sing N N 280 
PRO CG  HG2  sing N N 281 
PRO CG  HG3  sing N N 282 
PRO CD  HD2  sing N N 283 
PRO CD  HD3  sing N N 284 
PRO OXT HXT  sing N N 285 
SER N   CA   sing N N 286 
SER N   H    sing N N 287 
SER N   H2   sing N N 288 
SER CA  C    sing N N 289 
SER CA  CB   sing N N 290 
SER CA  HA   sing N N 291 
SER C   O    doub N N 292 
SER C   OXT  sing N N 293 
SER CB  OG   sing N N 294 
SER CB  HB2  sing N N 295 
SER CB  HB3  sing N N 296 
SER OG  HG   sing N N 297 
SER OXT HXT  sing N N 298 
THR N   CA   sing N N 299 
THR N   H    sing N N 300 
THR N   H2   sing N N 301 
THR CA  C    sing N N 302 
THR CA  CB   sing N N 303 
THR CA  HA   sing N N 304 
THR C   O    doub N N 305 
THR C   OXT  sing N N 306 
THR CB  OG1  sing N N 307 
THR CB  CG2  sing N N 308 
THR CB  HB   sing N N 309 
THR OG1 HG1  sing N N 310 
THR CG2 HG21 sing N N 311 
THR CG2 HG22 sing N N 312 
THR CG2 HG23 sing N N 313 
THR OXT HXT  sing N N 314 
TYR N   CA   sing N N 315 
TYR N   H    sing N N 316 
TYR N   H2   sing N N 317 
TYR CA  C    sing N N 318 
TYR CA  CB   sing N N 319 
TYR CA  HA   sing N N 320 
TYR C   O    doub N N 321 
TYR C   OXT  sing N N 322 
TYR CB  CG   sing N N 323 
TYR CB  HB2  sing N N 324 
TYR CB  HB3  sing N N 325 
TYR CG  CD1  doub Y N 326 
TYR CG  CD2  sing Y N 327 
TYR CD1 CE1  sing Y N 328 
TYR CD1 HD1  sing N N 329 
TYR CD2 CE2  doub Y N 330 
TYR CD2 HD2  sing N N 331 
TYR CE1 CZ   doub Y N 332 
TYR CE1 HE1  sing N N 333 
TYR CE2 CZ   sing Y N 334 
TYR CE2 HE2  sing N N 335 
TYR CZ  OH   sing N N 336 
TYR OH  HH   sing N N 337 
TYR OXT HXT  sing N N 338 
VAL N   CA   sing N N 339 
VAL N   H    sing N N 340 
VAL N   H2   sing N N 341 
VAL CA  C    sing N N 342 
VAL CA  CB   sing N N 343 
VAL CA  HA   sing N N 344 
VAL C   O    doub N N 345 
VAL C   OXT  sing N N 346 
VAL CB  CG1  sing N N 347 
VAL CB  CG2  sing N N 348 
VAL CB  HB   sing N N 349 
VAL CG1 HG11 sing N N 350 
VAL CG1 HG12 sing N N 351 
VAL CG1 HG13 sing N N 352 
VAL CG2 HG21 sing N N 353 
VAL CG2 HG22 sing N N 354 
VAL CG2 HG23 sing N N 355 
VAL OXT HXT  sing N N 356 
# 
_atom_sites.entry_id                    3FMY 
_atom_sites.fract_transf_matrix[1][1]   -0.00347717 
_atom_sites.fract_transf_matrix[1][2]   -0.02195500 
_atom_sites.fract_transf_matrix[1][3]   -0.01890236 
_atom_sites.fract_transf_matrix[2][1]   0.02250568 
_atom_sites.fract_transf_matrix[2][2]   -0.00893753 
_atom_sites.fract_transf_matrix[2][3]   -0.01627972 
_atom_sites.fract_transf_matrix[3][1]   0.00326424 
_atom_sites.fract_transf_matrix[3][2]   -0.00834792 
_atom_sites.fract_transf_matrix[3][3]   0.00909560 
_atom_sites.fract_transf_vector[1]      0.477416 
_atom_sites.fract_transf_vector[2]      0.242362 
_atom_sites.fract_transf_vector[3]      0.060027 
# 
loop_
_atom_type.symbol 
C 
N 
O 
# 
loop_
_atom_site.group_PDB 
_atom_site.id 
_atom_site.type_symbol 
_atom_site.label_atom_id 
_atom_site.label_alt_id 
_atom_site.label_comp_id 
_atom_site.label_asym_id 
_atom_site.label_entity_id 
_atom_site.label_seq_id 
_atom_site.pdbx_PDB_ins_code 
_atom_site.Cartn_x 
_atom_site.Cartn_y 
_atom_site.Cartn_z 
_atom_site.occupancy 
_atom_site.B_iso_or_equiv 
_atom_site.pdbx_formal_charge 
_atom_site.auth_seq_id 
_atom_site.auth_comp_id 
_atom_site.auth_asym_id 
_atom_site.auth_atom_id 
_atom_site.pdbx_PDB_model_num 
ATOM   1   N N   . ALA A 1 8  ? -5.513  15.466  -7.240  0.50 24.01 ? 66  ALA A N   1 
ATOM   2   C CA  . ALA A 1 8  ? -4.744  14.302  -6.722  0.50 22.60 ? 66  ALA A CA  1 
ATOM   3   C C   . ALA A 1 8  ? -5.261  13.015  -7.333  0.50 22.33 ? 66  ALA A C   1 
ATOM   4   O O   . ALA A 1 8  ? -6.472  12.771  -7.359  0.50 23.04 ? 66  ALA A O   1 
ATOM   5   C CB  . ALA A 1 8  ? -4.841  14.226  -5.218  0.50 22.39 ? 66  ALA A CB  1 
ATOM   6   N N   . GLU A 1 9  ? -4.339  12.182  -7.812  1.00 23.50 ? 67  GLU A N   1 
ATOM   7   C CA  . GLU A 1 9  ? -4.706  10.871  -8.326  1.00 22.76 ? 67  GLU A CA  1 
ATOM   8   C C   . GLU A 1 9  ? -5.392  10.097  -7.215  1.00 22.23 ? 67  GLU A C   1 
ATOM   9   O O   . GLU A 1 9  ? -4.946  10.117  -6.063  1.00 23.19 ? 67  GLU A O   1 
ATOM   10  C CB  . GLU A 1 9  ? -3.470  10.102  -8.815  1.00 22.74 ? 67  GLU A CB  1 
ATOM   11  C CG  . GLU A 1 9  ? -3.757  8.671   -9.250  1.00 23.41 ? 67  GLU A CG  1 
ATOM   12  C CD  . GLU A 1 9  ? -2.504  7.867   -9.550  1.00 23.96 ? 67  GLU A CD  1 
ATOM   13  O OE1 . GLU A 1 9  ? -1.418  8.454   -9.659  1.00 31.26 ? 67  GLU A OE1 1 
ATOM   14  O OE2 . GLU A 1 9  ? -2.622  6.635   -9.668  1.00 24.75 ? 67  GLU A OE2 1 
ATOM   15  N N   . THR A 1 10 ? -6.476  9.411   -7.544  1.00 21.35 ? 68  THR A N   1 
ATOM   16  C CA  . THR A 1 10 ? -7.166  8.597   -6.553  1.00 23.46 ? 68  THR A CA  1 
ATOM   17  C C   . THR A 1 10 ? -6.968  7.129   -6.838  1.00 22.40 ? 68  THR A C   1 
ATOM   18  O O   . THR A 1 10 ? -6.514  6.736   -7.905  1.00 22.51 ? 68  THR A O   1 
ATOM   19  C CB  . THR A 1 10 ? -8.662  8.883   -6.510  1.00 25.88 ? 68  THR A CB  1 
ATOM   20  O OG1 . THR A 1 10 ? -9.250  8.511   -7.762  1.00 30.62 ? 68  THR A OG1 1 
ATOM   21  C CG2 . THR A 1 10 ? -8.912  10.348  -6.229  1.00 29.18 ? 68  THR A CG2 1 
ATOM   22  N N   . VAL A 1 11 ? -7.359  6.331   -5.852  1.00 21.91 ? 69  VAL A N   1 
ATOM   23  C CA  . VAL A 1 11 ? -7.075  4.924   -5.820  1.00 21.68 ? 69  VAL A CA  1 
ATOM   24  C C   . VAL A 1 11 ? -8.261  4.197   -5.170  1.00 19.87 ? 69  VAL A C   1 
ATOM   25  O O   . VAL A 1 11 ? -8.805  4.658   -4.180  1.00 21.62 ? 69  VAL A O   1 
ATOM   26  C CB  . VAL A 1 11 ? -5.765  4.690   -5.008  1.00 21.48 ? 69  VAL A CB  1 
ATOM   27  C CG1 . VAL A 1 11 ? -5.924  5.191   -3.568  1.00 24.29 ? 69  VAL A CG1 1 
ATOM   28  C CG2 . VAL A 1 11 ? -5.350  3.249   -5.072  1.00 20.78 ? 69  VAL A CG2 1 
ATOM   29  N N   . ALA A 1 12 ? -8.670  3.074   -5.748  1.00 19.23 ? 70  ALA A N   1 
ATOM   30  C CA  . ALA A 1 12 ? -9.697  2.248   -5.132  1.00 17.18 ? 70  ALA A CA  1 
ATOM   31  C C   . ALA A 1 12 ? -9.142  1.493   -3.917  1.00 15.34 ? 70  ALA A C   1 
ATOM   32  O O   . ALA A 1 12 ? -8.057  0.913   -3.986  1.00 14.36 ? 70  ALA A O   1 
ATOM   33  C CB  . ALA A 1 12 ? -10.254 1.256   -6.135  1.00 19.26 ? 70  ALA A CB  1 
ATOM   34  N N   . PRO A 1 13 ? -9.878  1.472   -2.797  1.00 14.85 ? 71  PRO A N   1 
ATOM   35  C CA  . PRO A 1 13 ? -9.410  0.676   -1.664  1.00 14.75 ? 71  PRO A CA  1 
ATOM   36  C C   . PRO A 1 13 ? -9.105  -0.780  -2.007  1.00 14.35 ? 71  PRO A C   1 
ATOM   37  O O   . PRO A 1 13 ? -8.153  -1.360  -1.478  1.00 13.12 ? 71  PRO A O   1 
ATOM   38  C CB  . PRO A 1 13 ? -10.563 0.792   -0.659  1.00 15.96 ? 71  PRO A CB  1 
ATOM   39  C CG  . PRO A 1 13 ? -11.168 2.125   -0.991  1.00 18.60 ? 71  PRO A CG  1 
ATOM   40  C CD  . PRO A 1 13 ? -11.123 2.198   -2.473  1.00 16.75 ? 71  PRO A CD  1 
ATOM   41  N N   . GLU A 1 14 ? -9.881  -1.365  -2.925  1.00 13.96 ? 72  GLU A N   1 
ATOM   42  C CA  A GLU A 1 14 ? -9.691  -2.739  -3.337  0.60 13.27 ? 72  GLU A CA  1 
ATOM   43  C CA  B GLU A 1 14 ? -9.686  -2.755  -3.326  0.40 15.89 ? 72  GLU A CA  1 
ATOM   44  C C   . GLU A 1 14 ? -8.340  -2.938  -4.023  1.00 12.64 ? 72  GLU A C   1 
ATOM   45  O O   . GLU A 1 14 ? -7.738  -4.000  -3.942  1.00 13.14 ? 72  GLU A O   1 
ATOM   46  C CB  A GLU A 1 14 ? -10.816 -3.153  -4.296  0.60 16.15 ? 72  GLU A CB  1 
ATOM   47  C CB  B GLU A 1 14 ? -10.828 -3.242  -4.239  0.40 17.49 ? 72  GLU A CB  1 
ATOM   48  C CG  A GLU A 1 14 ? -12.231 -3.184  -3.673  0.60 19.46 ? 72  GLU A CG  1 
ATOM   49  C CG  B GLU A 1 14 ? -10.865 -2.561  -5.611  0.40 21.50 ? 72  GLU A CG  1 
ATOM   50  C CD  A GLU A 1 14 ? -12.903 -1.818  -3.479  0.60 22.20 ? 72  GLU A CD  1 
ATOM   51  C CD  B GLU A 1 14 ? -12.056 -2.944  -6.487  0.40 22.80 ? 72  GLU A CD  1 
ATOM   52  O OE1 A GLU A 1 14 ? -12.472 -0.794  -4.054  0.60 16.59 ? 72  GLU A OE1 1 
ATOM   53  O OE1 B GLU A 1 14 ? -12.858 -3.824  -6.095  0.40 29.82 ? 72  GLU A OE1 1 
ATOM   54  O OE2 A GLU A 1 14 ? -13.904 -1.768  -2.728  0.60 28.88 ? 72  GLU A OE2 1 
ATOM   55  O OE2 B GLU A 1 14 ? -12.175 -2.364  -7.589  0.40 26.67 ? 72  GLU A OE2 1 
ATOM   56  N N   . PHE A 1 15 ? -7.882  -1.904  -4.710  1.00 11.86 ? 73  PHE A N   1 
ATOM   57  C CA  . PHE A 1 15 ? -6.564  -1.957  -5.358  1.00 11.14 ? 73  PHE A CA  1 
ATOM   58  C C   . PHE A 1 15 ? -5.445  -2.012  -4.322  1.00 10.17 ? 73  PHE A C   1 
ATOM   59  O O   . PHE A 1 15 ? -4.475  -2.755  -4.486  1.00 10.93 ? 73  PHE A O   1 
ATOM   60  C CB  . PHE A 1 15 ? -6.381  -0.763  -6.291  1.00 11.65 ? 73  PHE A CB  1 
ATOM   61  C CG  . PHE A 1 15 ? -5.063  -0.758  -7.006  1.00 12.33 ? 73  PHE A CG  1 
ATOM   62  C CD1 . PHE A 1 15 ? -4.887  -1.521  -8.137  1.00 13.24 ? 73  PHE A CD1 1 
ATOM   63  C CD2 . PHE A 1 15 ? -3.992  0.002   -6.540  1.00 13.61 ? 73  PHE A CD2 1 
ATOM   64  C CE1 . PHE A 1 15 ? -3.657  -1.530  -8.811  1.00 15.51 ? 73  PHE A CE1 1 
ATOM   65  C CE2 . PHE A 1 15 ? -2.754  -0.019  -7.204  1.00 12.75 ? 73  PHE A CE2 1 
ATOM   66  C CZ  . PHE A 1 15 ? -2.600  -0.792  -8.325  1.00 13.73 ? 73  PHE A CZ  1 
ATOM   67  N N   . ILE A 1 16 ? -5.603  -1.235  -3.261  1.00 9.51  ? 74  ILE A N   1 
ATOM   68  C CA  A ILE A 1 16 ? -4.633  -1.215  -2.175  0.50 9.07  ? 74  ILE A CA  1 
ATOM   69  C CA  B ILE A 1 16 ? -4.632  -1.220  -2.181  0.50 9.15  ? 74  ILE A CA  1 
ATOM   70  C C   . ILE A 1 16 ? -4.533  -2.608  -1.556  1.00 9.70  ? 74  ILE A C   1 
ATOM   71  O O   . ILE A 1 16 ? -3.438  -3.149  -1.377  1.00 9.46  ? 74  ILE A O   1 
ATOM   72  C CB  A ILE A 1 16 ? -4.972  -0.169  -1.098  0.50 9.27  ? 74  ILE A CB  1 
ATOM   73  C CB  B ILE A 1 16 ? -4.964  -0.162  -1.127  0.50 9.28  ? 74  ILE A CB  1 
ATOM   74  C CG1 A ILE A 1 16 ? -5.121  1.234   -1.712  0.50 11.74 ? 74  ILE A CG1 1 
ATOM   75  C CG1 B ILE A 1 16 ? -4.918  1.237   -1.758  0.50 9.00  ? 74  ILE A CG1 1 
ATOM   76  C CG2 A ILE A 1 16 ? -3.892  -0.155  -0.002  0.50 9.64  ? 74  ILE A CG2 1 
ATOM   77  C CG2 B ILE A 1 16 ? -3.986  -0.258  0.059   0.50 11.39 ? 74  ILE A CG2 1 
ATOM   78  C CD1 A ILE A 1 16 ? -3.839  1.815   -2.264  0.50 16.14 ? 74  ILE A CD1 1 
ATOM   79  C CD1 B ILE A 1 16 ? -5.417  2.329   -0.836  0.50 8.41  ? 74  ILE A CD1 1 
ATOM   80  N N   . VAL A 1 17 ? -5.681  -3.211  -1.256  1.00 10.11 ? 75  VAL A N   1 
ATOM   81  C CA  . VAL A 1 17 ? -5.686  -4.567  -0.705  1.00 11.36 ? 75  VAL A CA  1 
ATOM   82  C C   . VAL A 1 17 ? -5.006  -5.553  -1.667  1.00 10.71 ? 75  VAL A C   1 
ATOM   83  O O   . VAL A 1 17 ? -4.199  -6.390  -1.269  1.00 11.29 ? 75  VAL A O   1 
ATOM   84  C CB  . VAL A 1 17 ? -7.141  -5.039  -0.447  1.00 14.03 ? 75  VAL A CB  1 
ATOM   85  C CG1 . VAL A 1 17 ? -7.153  -6.504  -0.026  1.00 16.25 ? 75  VAL A CG1 1 
ATOM   86  C CG2 . VAL A 1 17 ? -7.835  -4.134  0.578   1.00 15.10 ? 75  VAL A CG2 1 
ATOM   87  N N   . LYS A 1 18 ? -5.351  -5.457  -2.941  1.00 11.40 ? 76  LYS A N   1 
ATOM   88  C CA  . LYS A 1 18 ? -4.801  -6.365  -3.937  1.00 13.43 ? 76  LYS A CA  1 
ATOM   89  C C   . LYS A 1 18 ? -3.283  -6.335  -3.929  1.00 11.32 ? 76  LYS A C   1 
ATOM   90  O O   . LYS A 1 18 ? -2.633  -7.371  -3.910  1.00 12.12 ? 76  LYS A O   1 
ATOM   91  C CB  . LYS A 1 18 ? -5.303  -6.009  -5.335  1.00 14.01 ? 76  LYS A CB  1 
ATOM   92  C CG  . LYS A 1 18 ? -4.807  -6.981  -6.373  1.00 18.56 ? 76  LYS A CG  1 
ATOM   93  C CD  . LYS A 1 18 ? -5.131  -6.548  -7.767  1.00 20.58 ? 76  LYS A CD  1 
ATOM   94  C CE  . LYS A 1 18 ? -4.185  -5.492  -8.266  1.00 21.93 ? 76  LYS A CE  1 
ATOM   95  N NZ  . LYS A 1 18 ? -3.990  -5.503  -9.773  1.00 20.33 ? 76  LYS A NZ  1 
ATOM   96  N N   . VAL A 1 19 ? -2.715  -5.139  -3.994  1.00 9.72  ? 77  VAL A N   1 
ATOM   97  C CA  . VAL A 1 19 ? -1.273  -5.025  -4.108  1.00 9.43  ? 77  VAL A CA  1 
ATOM   98  C C   . VAL A 1 19 ? -0.631  -5.451  -2.794  1.00 10.20 ? 77  VAL A C   1 
ATOM   99  O O   . VAL A 1 19 ? 0.358   -6.180  -2.799  1.00 9.82  ? 77  VAL A O   1 
ATOM   100 C CB  . VAL A 1 19 ? -0.842  -3.608  -4.511  1.00 9.45  ? 77  VAL A CB  1 
ATOM   101 C CG1 . VAL A 1 19 ? 0.663   -3.528  -4.606  1.00 11.06 ? 77  VAL A CG1 1 
ATOM   102 C CG2 . VAL A 1 19 ? -1.489  -3.224  -5.840  1.00 10.85 ? 77  VAL A CG2 1 
ATOM   103 N N   . ARG A 1 20 ? -1.184  -5.027  -1.665  1.00 9.42  ? 78  ARG A N   1 
ATOM   104 C CA  . ARG A 1 20 ? -0.601  -5.436  -0.394  1.00 10.07 ? 78  ARG A CA  1 
ATOM   105 C C   . ARG A 1 20 ? -0.533  -6.958  -0.287  1.00 11.40 ? 78  ARG A C   1 
ATOM   106 O O   . ARG A 1 20 ? 0.477   -7.523  0.153   1.00 11.47 ? 78  ARG A O   1 
ATOM   107 C CB  . ARG A 1 20 ? -1.395  -4.858  0.775   1.00 9.75  ? 78  ARG A CB  1 
ATOM   108 C CG  . ARG A 1 20 ? -0.792  -5.274  2.097   1.00 11.57 ? 78  ARG A CG  1 
ATOM   109 C CD  . ARG A 1 20 ? -1.526  -4.773  3.280   1.00 11.68 ? 78  ARG A CD  1 
ATOM   110 N NE  . ARG A 1 20 ? -2.940  -5.140  3.341   1.00 10.67 ? 78  ARG A NE  1 
ATOM   111 C CZ  . ARG A 1 20 ? -3.435  -6.264  3.839   1.00 11.25 ? 78  ARG A CZ  1 
ATOM   112 N NH1 . ARG A 1 20 ? -2.657  -7.248  4.248   1.00 13.55 ? 78  ARG A NH1 1 
ATOM   113 N NH2 . ARG A 1 20 ? -4.750  -6.393  3.904   1.00 14.47 ? 78  ARG A NH2 1 
ATOM   114 N N   . LYS A 1 21 ? -1.617  -7.630  -0.642  1.00 12.64 ? 79  LYS A N   1 
ATOM   115 C CA  . LYS A 1 21 ? -1.660  -9.090  -0.536  1.00 13.72 ? 79  LYS A CA  1 
ATOM   116 C C   . LYS A 1 21 ? -0.722  -9.747  -1.566  1.00 14.50 ? 79  LYS A C   1 
ATOM   117 O O   . LYS A 1 21 ? -0.040  -10.738 -1.242  1.00 15.78 ? 79  LYS A O   1 
ATOM   118 C CB  . LYS A 1 21 ? -3.110  -9.590  -0.645  1.00 14.72 ? 79  LYS A CB  1 
ATOM   119 C CG  . LYS A 1 21 ? -3.961  -9.171  0.540   1.00 18.00 ? 79  LYS A CG  1 
ATOM   120 C CD  . LYS A 1 21 ? -5.290  -9.852  0.596   1.00 22.13 ? 79  LYS A CD  1 
ATOM   121 C CE  . LYS A 1 21 ? -6.002  -9.492  1.888   1.00 25.82 ? 79  LYS A CE  1 
ATOM   122 N NZ  . LYS A 1 21 ? -7.326  -10.175 1.980   0.50 29.84 ? 79  LYS A NZ  1 
ATOM   123 N N   . LYS A 1 22 ? -0.637  -9.184  -2.776  1.00 13.81 ? 80  LYS A N   1 
ATOM   124 C CA  . LYS A 1 22 ? 0.302   -9.683  -3.791  1.00 16.19 ? 80  LYS A CA  1 
ATOM   125 C C   . LYS A 1 22 ? 1.745   -9.675  -3.269  1.00 15.26 ? 80  LYS A C   1 
ATOM   126 O O   . LYS A 1 22 ? 2.561   -10.519 -3.631  1.00 16.85 ? 80  LYS A O   1 
ATOM   127 C CB  . LYS A 1 22 ? 0.208   -8.835  -5.077  1.00 18.17 ? 80  LYS A CB  1 
ATOM   128 C CG  . LYS A 1 22 ? 1.235   -9.179  -6.163  1.00 20.65 ? 80  LYS A CG  1 
ATOM   129 C CD  . LYS A 1 22 ? 1.181   -8.199  -7.331  1.00 22.82 ? 80  LYS A CD  1 
ATOM   130 C CE  . LYS A 1 22 ? -0.064  -8.377  -8.156  1.00 24.86 ? 80  LYS A CE  1 
ATOM   131 N NZ  . LYS A 1 22 ? 0.096   -7.819  -9.514  1.00 20.99 ? 80  LYS A NZ  1 
ATOM   132 N N   . LEU A 1 23 ? 2.061   -8.679  -2.450  1.00 12.25 ? 81  LEU A N   1 
ATOM   133 C CA  . LEU A 1 23 ? 3.379   -8.512  -1.873  1.00 13.24 ? 81  LEU A CA  1 
ATOM   134 C C   . LEU A 1 23 ? 3.567   -9.309  -0.576  1.00 12.97 ? 81  LEU A C   1 
ATOM   135 O O   . LEU A 1 23 ? 4.619   -9.219  0.039   1.00 12.92 ? 81  LEU A O   1 
ATOM   136 C CB  . LEU A 1 23 ? 3.628   -7.024  -1.615  1.00 11.73 ? 81  LEU A CB  1 
ATOM   137 C CG  . LEU A 1 23 ? 3.614   -6.113  -2.846  1.00 10.81 ? 81  LEU A CG  1 
ATOM   138 C CD1 . LEU A 1 23 ? 3.705   -4.653  -2.421  1.00 12.86 ? 81  LEU A CD1 1 
ATOM   139 C CD2 . LEU A 1 23 ? 4.718   -6.497  -3.827  1.00 14.06 ? 81  LEU A CD2 1 
ATOM   140 N N   . SER A 1 24 ? 2.530   -10.047 -0.173  1.00 12.68 ? 82  SER A N   1 
ATOM   141 C CA  A SER A 1 24 ? 2.558   -10.860 1.050   0.75 13.84 ? 82  SER A CA  1 
ATOM   142 C CA  B SER A 1 24 ? 2.557   -10.863 1.045   0.25 14.11 ? 82  SER A CA  1 
ATOM   143 C C   . SER A 1 24 ? 2.901   -10.035 2.278   1.00 13.49 ? 82  SER A C   1 
ATOM   144 O O   . SER A 1 24 ? 3.660   -10.475 3.137   1.00 16.23 ? 82  SER A O   1 
ATOM   145 C CB  A SER A 1 24 ? 3.523   -12.044 0.893   0.75 15.77 ? 82  SER A CB  1 
ATOM   146 C CB  B SER A 1 24 ? 3.531   -12.039 0.898   0.25 15.25 ? 82  SER A CB  1 
ATOM   147 O OG  A SER A 1 24 ? 3.124   -12.865 -0.191  0.75 19.20 ? 82  SER A OG  1 
ATOM   148 O OG  B SER A 1 24 ? 3.390   -12.956 1.973   0.25 18.00 ? 82  SER A OG  1 
ATOM   149 N N   . LEU A 1 25 ? 2.338   -8.825  2.350   1.00 11.44 ? 83  LEU A N   1 
ATOM   150 C CA  . LEU A 1 25 ? 2.510   -7.945  3.491   1.00 10.65 ? 83  LEU A CA  1 
ATOM   151 C C   . LEU A 1 25 ? 1.269   -7.894  4.374   1.00 10.53 ? 83  LEU A C   1 
ATOM   152 O O   . LEU A 1 25 ? 0.150   -7.903  3.876   1.00 12.15 ? 83  LEU A O   1 
ATOM   153 C CB  . LEU A 1 25 ? 2.790   -6.521  3.006   1.00 10.06 ? 83  LEU A CB  1 
ATOM   154 C CG  . LEU A 1 25 ? 4.071   -6.326  2.209   1.00 10.90 ? 83  LEU A CG  1 
ATOM   155 C CD1 . LEU A 1 25 ? 4.118   -4.912  1.646   1.00 11.99 ? 83  LEU A CD1 1 
ATOM   156 C CD2 . LEU A 1 25 ? 5.327   -6.642  3.065   1.00 12.98 ? 83  LEU A CD2 1 
ATOM   157 N N   . THR A 1 26 ? 1.469   -7.760  5.679   1.00 10.11 ? 84  THR A N   1 
ATOM   158 C CA  . THR A 1 26 ? 0.351   -7.441  6.565   1.00 10.42 ? 84  THR A CA  1 
ATOM   159 C C   . THR A 1 26 ? 0.069   -5.938  6.490   1.00 10.13 ? 84  THR A C   1 
ATOM   160 O O   . THR A 1 26 ? 0.892   -5.165  6.009   1.00 9.13  ? 84  THR A O   1 
ATOM   161 C CB  . THR A 1 26 ? 0.687   -7.805  8.025   1.00 10.29 ? 84  THR A CB  1 
ATOM   162 O OG1 . THR A 1 26 ? 1.721   -6.939  8.496   1.00 12.41 ? 84  THR A OG1 1 
ATOM   163 C CG2 . THR A 1 26 ? 1.129   -9.256  8.145   1.00 12.59 ? 84  THR A CG2 1 
ATOM   164 N N   . GLN A 1 27 ? -1.076  -5.513  6.997   1.00 9.27  ? 85  GLN A N   1 
ATOM   165 C CA  . GLN A 1 27 ? -1.362  -4.087  7.068   1.00 8.21  ? 85  GLN A CA  1 
ATOM   166 C C   . GLN A 1 27 ? -0.294  -3.372  7.882   1.00 8.38  ? 85  GLN A C   1 
ATOM   167 O O   . GLN A 1 27 ? 0.148   -2.275  7.509   1.00 9.18  ? 85  GLN A O   1 
ATOM   168 C CB  . GLN A 1 27 ? -2.749  -3.814  7.656   1.00 8.26  ? 85  GLN A CB  1 
ATOM   169 C CG  . GLN A 1 27 ? -3.878  -4.261  6.777   1.00 8.87  ? 85  GLN A CG  1 
ATOM   170 C CD  . GLN A 1 27 ? -5.211  -3.973  7.387   1.00 8.98  ? 85  GLN A CD  1 
ATOM   171 O OE1 . GLN A 1 27 ? -5.317  -3.932  8.623   1.00 11.84 ? 85  GLN A OE1 1 
ATOM   172 N NE2 . GLN A 1 27 ? -6.228  -3.757  6.553   1.00 10.54 ? 85  GLN A NE2 1 
ATOM   173 N N   . LYS A 1 28 ? 0.147   -3.994  8.982   1.00 10.03 ? 86  LYS A N   1 
ATOM   174 C CA  . LYS A 1 28 ? 1.179   -3.397  9.828   1.00 10.91 ? 86  LYS A CA  1 
ATOM   175 C C   . LYS A 1 28 ? 2.494   -3.223  9.062   1.00 9.81  ? 86  LYS A C   1 
ATOM   176 O O   . LYS A 1 28 ? 3.118   -2.159  9.120   1.00 10.81 ? 86  LYS A O   1 
ATOM   177 C CB  . LYS A 1 28 ? 1.412   -4.243  11.090  1.00 12.38 ? 86  LYS A CB  1 
ATOM   178 C CG  . LYS A 1 28 ? 2.432   -3.637  12.062  1.00 15.52 ? 86  LYS A CG  1 
ATOM   179 C CD  . LYS A 1 28 ? 2.626   -4.507  13.285  1.00 18.11 ? 86  LYS A CD  1 
ATOM   180 C CE  . LYS A 1 28 ? 3.670   -3.928  14.220  1.00 23.39 ? 86  LYS A CE  1 
ATOM   181 N NZ  . LYS A 1 28 ? 5.040   -4.270  13.790  1.00 30.03 ? 86  LYS A NZ  1 
ATOM   182 N N   . GLU A 1 29 ? 2.897   -4.265  8.354   1.00 9.96  ? 87  GLU A N   1 
ATOM   183 C CA  . GLU A 1 29 ? 4.119   -4.208  7.551   1.00 9.80  ? 87  GLU A CA  1 
ATOM   184 C C   . GLU A 1 29 ? 4.041   -3.147  6.454   1.00 9.70  ? 87  GLU A C   1 
ATOM   185 O O   . GLU A 1 29 ? 4.980   -2.387  6.239   1.00 10.58 ? 87  GLU A O   1 
ATOM   186 C CB  . GLU A 1 29 ? 4.442   -5.573  6.944   1.00 10.19 ? 87  GLU A CB  1 
ATOM   187 C CG  . GLU A 1 29 ? 4.909   -6.602  7.966   1.00 12.18 ? 87  GLU A CG  1 
ATOM   188 C CD  . GLU A 1 29 ? 4.879   -8.008  7.458   1.00 15.22 ? 87  GLU A CD  1 
ATOM   189 O OE1 . GLU A 1 29 ? 4.254   -8.316  6.434   1.00 12.79 ? 87  GLU A OE1 1 
ATOM   190 O OE2 . GLU A 1 29 ? 5.496   -8.884  8.125   1.00 24.02 ? 87  GLU A OE2 1 
ATOM   191 N N   . ALA A 1 30 ? 2.911   -3.099  5.765   1.00 8.41  ? 88  ALA A N   1 
ATOM   192 C CA  . ALA A 1 30 ? 2.721   -2.109  4.716   1.00 8.41  ? 88  ALA A CA  1 
ATOM   193 C C   . ALA A 1 30 ? 2.808   -0.708  5.286   1.00 8.04  ? 88  ALA A C   1 
ATOM   194 O O   . ALA A 1 30 ? 3.422   0.189   4.698   1.00 9.03  ? 88  ALA A O   1 
ATOM   195 C CB  . ALA A 1 30 ? 1.388   -2.336  3.989   1.00 9.12  ? 88  ALA A CB  1 
ATOM   196 N N   . SER A 1 31 ? 2.181   -0.487  6.430   1.00 8.98  ? 89  SER A N   1 
ATOM   197 C CA  . SER A 1 31 ? 2.212   0.836   7.025   1.00 9.88  ? 89  SER A CA  1 
ATOM   198 C C   . SER A 1 31 ? 3.653   1.218   7.397   1.00 10.17 ? 89  SER A C   1 
ATOM   199 O O   . SER A 1 31 ? 4.044   2.378   7.242   1.00 12.41 ? 89  SER A O   1 
ATOM   200 C CB  . SER A 1 31 ? 1.289   0.903   8.251   1.00 10.81 ? 89  SER A CB  1 
ATOM   201 O OG  . SER A 1 31 ? -0.059  0.597   7.841   1.00 12.56 ? 89  SER A OG  1 
ATOM   202 N N   . GLU A 1 32 ? 4.436   0.256   7.895   1.00 11.15 ? 90  GLU A N   1 
ATOM   203 C CA  . GLU A 1 32 ? 5.836   0.513   8.227   1.00 13.88 ? 90  GLU A CA  1 
ATOM   204 C C   . GLU A 1 32 ? 6.673   0.839   6.988   1.00 12.60 ? 90  GLU A C   1 
ATOM   205 O O   . GLU A 1 32 ? 7.452   1.806   6.994   1.00 16.04 ? 90  GLU A O   1 
ATOM   206 C CB  . GLU A 1 32 ? 6.424   -0.678  8.967   1.00 14.81 ? 90  GLU A CB  1 
ATOM   207 C CG  . GLU A 1 32 ? 5.856   -0.880  10.378  1.00 18.03 ? 90  GLU A CG  1 
ATOM   208 C CD  . GLU A 1 32 ? 6.213   -2.233  10.989  0.75 19.80 ? 90  GLU A CD  1 
ATOM   209 O OE1 . GLU A 1 32 ? 6.663   -3.152  10.267  0.75 22.61 ? 90  GLU A OE1 1 
ATOM   210 O OE2 . GLU A 1 32 ? 5.994   -2.389  12.208  0.75 26.26 ? 90  GLU A OE2 1 
ATOM   211 N N   . ILE A 1 33 ? 6.510   0.048   5.932   1.00 10.26 ? 91  ILE A N   1 
ATOM   212 C CA  . ILE A 1 33 ? 7.291   0.223   4.690   1.00 10.54 ? 91  ILE A CA  1 
ATOM   213 C C   . ILE A 1 33 ? 6.898   1.520   3.968   1.00 9.27  ? 91  ILE A C   1 
ATOM   214 O O   . ILE A 1 33 ? 7.753   2.339   3.593   1.00 11.04 ? 91  ILE A O   1 
ATOM   215 C CB  . ILE A 1 33 ? 7.077   -0.990  3.756   1.00 10.34 ? 91  ILE A CB  1 
ATOM   216 C CG1 . ILE A 1 33 ? 7.689   -2.240  4.382   1.00 11.80 ? 91  ILE A CG1 1 
ATOM   217 C CG2 . ILE A 1 33 ? 7.637   -0.721  2.350   1.00 12.85 ? 91  ILE A CG2 1 
ATOM   218 C CD1 . ILE A 1 33 ? 7.169   -3.521  3.794   1.00 14.18 ? 91  ILE A CD1 1 
ATOM   219 N N   . PHE A 1 34 ? 5.599   1.729   3.778   1.00 9.42  ? 92  PHE A N   1 
ATOM   220 C CA  . PHE A 1 34 ? 5.130   2.841   2.969   1.00 8.99  ? 92  PHE A CA  1 
ATOM   221 C C   . PHE A 1 34 ? 4.942   4.130   3.726   1.00 9.60  ? 92  PHE A C   1 
ATOM   222 O O   . PHE A 1 34 ? 4.905   5.187   3.114   1.00 10.76 ? 92  PHE A O   1 
ATOM   223 C CB  . PHE A 1 34 ? 3.849   2.467   2.223   1.00 9.36  ? 92  PHE A CB  1 
ATOM   224 C CG  . PHE A 1 34 ? 4.047   1.341   1.262   1.00 9.33  ? 92  PHE A CG  1 
ATOM   225 C CD1 . PHE A 1 34 ? 4.677   1.563   0.059   1.00 17.23 ? 92  PHE A CD1 1 
ATOM   226 C CD2 . PHE A 1 34 ? 3.664   0.061   1.563   1.00 8.94  ? 92  PHE A CD2 1 
ATOM   227 C CE1 . PHE A 1 34 ? 4.899   0.540   -0.822  1.00 18.78 ? 92  PHE A CE1 1 
ATOM   228 C CE2 . PHE A 1 34 ? 3.869   -0.957  0.669   1.00 10.57 ? 92  PHE A CE2 1 
ATOM   229 C CZ  . PHE A 1 34 ? 4.476   -0.725  -0.516  1.00 15.41 ? 92  PHE A CZ  1 
ATOM   230 N N   . GLY A 1 35 ? 4.802   4.046   5.041   1.00 11.64 ? 93  GLY A N   1 
ATOM   231 C CA  . GLY A 1 35 ? 4.538   5.209   5.866   1.00 12.55 ? 93  GLY A CA  1 
ATOM   232 C C   . GLY A 1 35 ? 3.058   5.485   6.054   1.00 14.71 ? 93  GLY A C   1 
ATOM   233 O O   . GLY A 1 35 ? 2.203   4.818   5.482   1.00 14.95 ? 93  GLY A O   1 
ATOM   234 N N   . GLY A 1 36 ? 2.767   6.493   6.871   1.00 15.69 ? 94  GLY A N   1 
ATOM   235 C CA  . GLY A 1 36 ? 1.400   6.912   7.156   1.00 18.26 ? 94  GLY A CA  1 
ATOM   236 C C   . GLY A 1 36 ? 0.963   6.688   8.580   1.00 18.51 ? 94  GLY A C   1 
ATOM   237 O O   . GLY A 1 36 ? -0.144  7.108   8.953   1.00 21.60 ? 94  GLY A O   1 
ATOM   238 N N   . GLY A 1 37 ? 1.792   6.009   9.367   1.00 19.23 ? 95  GLY A N   1 
ATOM   239 C CA  . GLY A 1 37 ? 1.434   5.695   10.757  1.00 20.68 ? 95  GLY A CA  1 
ATOM   240 C C   . GLY A 1 37 ? 0.950   4.271   10.899  1.00 22.20 ? 95  GLY A C   1 
ATOM   241 O O   . GLY A 1 37 ? 0.619   3.631   9.915   1.00 18.95 ? 95  GLY A O   1 
ATOM   242 N N   . VAL A 1 38 ? 0.854   3.796   12.139  1.00 25.77 ? 96  VAL A N   1 
ATOM   243 C CA  A VAL A 1 38 ? 0.637   2.371   12.430  0.40 26.33 ? 96  VAL A CA  1 
ATOM   244 C CA  B VAL A 1 38 ? 0.651   2.364   12.402  0.60 26.18 ? 96  VAL A CA  1 
ATOM   245 C C   . VAL A 1 38 ? -0.607  1.786   11.754  1.00 25.47 ? 96  VAL A C   1 
ATOM   246 O O   . VAL A 1 38 ? -0.565  0.669   11.218  1.00 27.30 ? 96  VAL A O   1 
ATOM   247 C CB  A VAL A 1 38 ? 0.539   2.125   13.962  0.40 27.56 ? 96  VAL A CB  1 
ATOM   248 C CB  B VAL A 1 38 ? 0.663   2.033   13.930  0.60 27.22 ? 96  VAL A CB  1 
ATOM   249 C CG1 A VAL A 1 38 ? 0.511   0.641   14.264  0.40 28.87 ? 96  VAL A CG1 1 
ATOM   250 C CG1 B VAL A 1 38 ? 2.009   2.377   14.530  0.60 29.01 ? 96  VAL A CG1 1 
ATOM   251 C CG2 A VAL A 1 38 ? 1.702   2.782   14.691  0.40 28.58 ? 96  VAL A CG2 1 
ATOM   252 C CG2 B VAL A 1 38 ? -0.464  2.752   14.676  0.60 26.28 ? 96  VAL A CG2 1 
ATOM   253 N N   . ASN A 1 39 ? -1.698  2.552   11.786  1.00 21.10 ? 97  ASN A N   1 
ATOM   254 C CA  . ASN A 1 39 ? -3.004  2.138   11.274  1.00 20.39 ? 97  ASN A CA  1 
ATOM   255 C C   . ASN A 1 39 ? -3.311  2.641   9.858   1.00 16.88 ? 97  ASN A C   1 
ATOM   256 O O   . ASN A 1 39 ? -4.454  2.605   9.427   1.00 18.06 ? 97  ASN A O   1 
ATOM   257 C CB  . ASN A 1 39 ? -4.092  2.611   12.249  1.00 23.95 ? 97  ASN A CB  1 
ATOM   258 C CG  . ASN A 1 39 ? -3.908  2.029   13.634  0.70 25.89 ? 97  ASN A CG  1 
ATOM   259 O OD1 . ASN A 1 39 ? -3.582  0.858   13.777  0.70 24.87 ? 97  ASN A OD1 1 
ATOM   260 N ND2 . ASN A 1 39 ? -4.079  2.856   14.656  0.70 33.19 ? 97  ASN A ND2 1 
ATOM   261 N N   . ALA A 1 40 ? -2.285  3.107   9.149   1.00 14.55 ? 98  ALA A N   1 
ATOM   262 C CA  . ALA A 1 40 ? -2.460  3.685   7.824   1.00 12.68 ? 98  ALA A CA  1 
ATOM   263 C C   . ALA A 1 40 ? -3.221  2.745   6.877   1.00 11.40 ? 98  ALA A C   1 
ATOM   264 O O   . ALA A 1 40 ? -4.262  3.107   6.324   1.00 11.84 ? 98  ALA A O   1 
ATOM   265 C CB  . ALA A 1 40 ? -1.099  4.064   7.224   1.00 14.77 ? 98  ALA A CB  1 
ATOM   266 N N   . PHE A 1 41 ? -2.713  1.538   6.670   1.00 11.42 ? 99  PHE A N   1 
ATOM   267 C CA  . PHE A 1 41 ? -3.340  0.669   5.698   1.00 10.21 ? 99  PHE A CA  1 
ATOM   268 C C   . PHE A 1 41 ? -4.709  0.189   6.107   1.00 11.07 ? 99  PHE A C   1 
ATOM   269 O O   . PHE A 1 41 ? -5.569  -0.026  5.254   1.00 10.08 ? 99  PHE A O   1 
ATOM   270 C CB  . PHE A 1 41 ? -2.421  -0.472  5.273   1.00 10.20 ? 99  PHE A CB  1 
ATOM   271 C CG  . PHE A 1 41 ? -1.503  -0.073  4.151   1.00 9.01  ? 99  PHE A CG  1 
ATOM   272 C CD1 . PHE A 1 41 ? -0.497  0.869   4.349   1.00 11.09 ? 99  PHE A CD1 1 
ATOM   273 C CD2 . PHE A 1 41 ? -1.679  -0.580  2.889   1.00 10.08 ? 99  PHE A CD2 1 
ATOM   274 C CE1 . PHE A 1 41 ? 0.301   1.285   3.284   1.00 11.42 ? 99  PHE A CE1 1 
ATOM   275 C CE2 . PHE A 1 41 ? -0.848  -0.172  1.828   1.00 10.86 ? 99  PHE A CE2 1 
ATOM   276 C CZ  . PHE A 1 41 ? 0.122   0.753   2.050   1.00 11.40 ? 99  PHE A CZ  1 
ATOM   277 N N   . SER A 1 42 ? -4.914  0.033   7.410   1.00 12.35 ? 100 SER A N   1 
ATOM   278 C CA  A SER A 1 42 ? -6.238  -0.305  7.932   0.33 14.39 ? 100 SER A CA  1 
ATOM   279 C CA  B SER A 1 42 ? -6.237  -0.334  7.893   0.33 14.06 ? 100 SER A CA  1 
ATOM   280 C CA  C SER A 1 42 ? -6.226  -0.319  7.916   0.33 14.34 ? 100 SER A CA  1 
ATOM   281 C C   . SER A 1 42 ? -7.253  0.729   7.470   1.00 14.95 ? 100 SER A C   1 
ATOM   282 O O   . SER A 1 42 ? -8.320  0.397   6.996   1.00 16.43 ? 100 SER A O   1 
ATOM   283 C CB  A SER A 1 42 ? -6.225  -0.355  9.459   0.33 14.70 ? 100 SER A CB  1 
ATOM   284 C CB  B SER A 1 42 ? -6.241  -0.578  9.409   0.33 14.39 ? 100 SER A CB  1 
ATOM   285 C CB  C SER A 1 42 ? -6.160  -0.437  9.434   0.33 14.87 ? 100 SER A CB  1 
ATOM   286 O OG  A SER A 1 42 ? -7.520  -0.637  9.976   0.33 17.76 ? 100 SER A OG  1 
ATOM   287 O OG  B SER A 1 42 ? -6.091  0.604   10.176  0.33 14.06 ? 100 SER A OG  1 
ATOM   288 O OG  C SER A 1 42 ? -5.076  -1.280  9.813   0.33 18.52 ? 100 SER A OG  1 
ATOM   289 N N   . ARG A 1 43 ? -6.893  2.005   7.587   1.00 12.74 ? 101 ARG A N   1 
ATOM   290 C CA  . ARG A 1 43 ? -7.764  3.094   7.112   1.00 13.86 ? 101 ARG A CA  1 
ATOM   291 C C   . ARG A 1 43 ? -7.874  3.173   5.596   1.00 12.52 ? 101 ARG A C   1 
ATOM   292 O O   . ARG A 1 43 ? -8.955  3.379   5.049   1.00 14.18 ? 101 ARG A O   1 
ATOM   293 C CB  . ARG A 1 43 ? -7.288  4.433   7.655   1.00 14.90 ? 101 ARG A CB  1 
ATOM   294 C CG  . ARG A 1 43 ? -7.323  4.536   9.180   1.00 19.50 ? 101 ARG A CG  1 
ATOM   295 C CD  . ARG A 1 43 ? -7.420  5.974   9.623   1.00 29.55 ? 101 ARG A CD  1 
ATOM   296 N NE  . ARG A 1 43 ? -6.339  6.787   9.084   0.50 33.58 ? 101 ARG A NE  1 
ATOM   297 C CZ  . ARG A 1 43 ? -5.127  6.891   9.621   0.50 36.43 ? 101 ARG A CZ  1 
ATOM   298 N NH1 . ARG A 1 43 ? -4.814  6.224   10.733  0.50 38.37 ? 101 ARG A NH1 1 
ATOM   299 N NH2 . ARG A 1 43 ? -4.224  7.668   9.034   0.50 36.51 ? 101 ARG A NH2 1 
ATOM   300 N N   . TYR A 1 44 ? -6.750  3.032   4.893   1.00 11.61 ? 102 TYR A N   1 
ATOM   301 C CA  . TYR A 1 44 ? -6.793  3.101   3.443   1.00 11.21 ? 102 TYR A CA  1 
ATOM   302 C C   . TYR A 1 44 ? -7.702  2.046   2.851   1.00 11.66 ? 102 TYR A C   1 
ATOM   303 O O   . TYR A 1 44 ? -8.455  2.328   1.897   1.00 13.28 ? 102 TYR A O   1 
ATOM   304 C CB  . TYR A 1 44 ? -5.414  2.917   2.816   1.00 11.61 ? 102 TYR A CB  1 
ATOM   305 C CG  . TYR A 1 44 ? -4.334  3.878   3.241   1.00 11.27 ? 102 TYR A CG  1 
ATOM   306 C CD1 . TYR A 1 44 ? -4.624  5.164   3.665   1.00 11.67 ? 102 TYR A CD1 1 
ATOM   307 C CD2 . TYR A 1 44 ? -3.006  3.492   3.194   1.00 11.19 ? 102 TYR A CD2 1 
ATOM   308 C CE1 . TYR A 1 44 ? -3.620  6.051   4.061   1.00 13.76 ? 102 TYR A CE1 1 
ATOM   309 C CE2 . TYR A 1 44 ? -1.999  4.364   3.597   1.00 12.74 ? 102 TYR A CE2 1 
ATOM   310 C CZ  . TYR A 1 44 ? -2.300  5.631   4.033   1.00 15.31 ? 102 TYR A CZ  1 
ATOM   311 O OH  . TYR A 1 44 ? -1.279  6.487   4.421   1.00 18.89 ? 102 TYR A OH  1 
ATOM   312 N N   . GLU A 1 45 ? -7.640  0.837   3.408   1.00 11.88 ? 103 GLU A N   1 
ATOM   313 C CA  . GLU A 1 45 ? -8.354  -0.300  2.822   1.00 11.62 ? 103 GLU A CA  1 
ATOM   314 C C   . GLU A 1 45 ? -9.851  -0.244  3.121   1.00 13.78 ? 103 GLU A C   1 
ATOM   315 O O   . GLU A 1 45 ? -10.621 -0.935  2.454   1.00 15.97 ? 103 GLU A O   1 
ATOM   316 C CB  . GLU A 1 45 ? -7.701  -1.620  3.231   1.00 12.59 ? 103 GLU A CB  1 
ATOM   317 C CG  . GLU A 1 45 ? -6.303  -1.732  2.626   1.00 10.70 ? 103 GLU A CG  1 
ATOM   318 C CD  . GLU A 1 45 ? -5.546  -2.937  3.054   1.00 11.91 ? 103 GLU A CD  1 
ATOM   319 O OE1 . GLU A 1 45 ? -6.114  -3.843  3.718   1.00 11.86 ? 103 GLU A OE1 1 
ATOM   320 O OE2 . GLU A 1 45 ? -4.353  -3.007  2.688   1.00 12.04 ? 103 GLU A OE2 1 
ATOM   321 N N   . LYS A 1 46 ? -10.227 0.574   4.101   1.00 15.78 ? 104 LYS A N   1 
ATOM   322 C CA  A LYS A 1 46 ? -11.646 0.884   4.388   0.50 16.40 ? 104 LYS A CA  1 
ATOM   323 C CA  B LYS A 1 46 ? -11.655 0.861   4.358   0.50 17.23 ? 104 LYS A CA  1 
ATOM   324 C C   . LYS A 1 46 ? -12.136 2.109   3.593   1.00 16.81 ? 104 LYS A C   1 
ATOM   325 O O   . LYS A 1 46 ? -13.299 2.496   3.686   1.00 18.91 ? 104 LYS A O   1 
ATOM   326 C CB  A LYS A 1 46 ? -11.832 1.173   5.880   0.50 18.03 ? 104 LYS A CB  1 
ATOM   327 C CB  B LYS A 1 46 ? -11.901 1.046   5.855   0.50 18.07 ? 104 LYS A CB  1 
ATOM   328 C CG  A LYS A 1 46 ? -11.649 -0.002  6.816   0.50 19.68 ? 104 LYS A CG  1 
ATOM   329 C CG  B LYS A 1 46 ? -11.701 -0.198  6.707   0.50 20.15 ? 104 LYS A CG  1 
ATOM   330 C CD  A LYS A 1 46 ? -11.757 0.469   8.254   0.50 23.25 ? 104 LYS A CD  1 
ATOM   331 C CD  B LYS A 1 46 ? -12.064 0.079   8.161   0.50 22.66 ? 104 LYS A CD  1 
ATOM   332 C CE  A LYS A 1 46 ? -11.633 -0.673  9.235   0.50 23.49 ? 104 LYS A CE  1 
ATOM   333 C CE  B LYS A 1 46 ? -13.312 -0.655  8.618   0.50 25.43 ? 104 LYS A CE  1 
ATOM   334 N NZ  A LYS A 1 46 ? -12.154 -0.298  10.584  0.50 25.88 ? 104 LYS A NZ  1 
ATOM   335 N NZ  B LYS A 1 46 ? -14.524 -0.517  7.757   0.50 24.41 ? 104 LYS A NZ  1 
ATOM   336 N N   . GLY A 1 47 ? -11.248 2.762   2.843   1.00 16.37 ? 105 GLY A N   1 
ATOM   337 C CA  . GLY A 1 47 ? -11.595 3.984   2.109   1.00 15.46 ? 105 GLY A CA  1 
ATOM   338 C C   . GLY A 1 47 ? -11.749 5.241   2.955   1.00 17.63 ? 105 GLY A C   1 
ATOM   339 O O   . GLY A 1 47 ? -12.300 6.245   2.493   1.00 18.99 ? 105 GLY A O   1 
ATOM   340 N N   . ASN A 1 48 ? -11.245 5.205   4.180   1.00 14.87 ? 106 ASN A N   1 
ATOM   341 C CA  . ASN A 1 48 ? -11.438 6.295   5.131   1.00 16.44 ? 106 ASN A CA  1 
ATOM   342 C C   . ASN A 1 48 ? -10.275 7.257   5.261   1.00 17.12 ? 106 ASN A C   1 
ATOM   343 O O   . ASN A 1 48 ? -10.309 8.188   6.067   1.00 19.16 ? 106 ASN A O   1 
ATOM   344 C CB  . ASN A 1 48 ? -11.820 5.714   6.486   1.00 16.96 ? 106 ASN A CB  1 
ATOM   345 C CG  . ASN A 1 48 ? -13.183 5.036   6.440   1.00 18.25 ? 106 ASN A CG  1 
ATOM   346 O OD1 . ASN A 1 48 ? -14.053 5.440   5.665   1.00 18.31 ? 106 ASN A OD1 1 
ATOM   347 N ND2 . ASN A 1 48 ? -13.343 3.965   7.207   1.00 19.59 ? 106 ASN A ND2 1 
ATOM   348 N N   . ALA A 1 49 ? -9.230  7.016   4.479   1.00 15.90 ? 107 ALA A N   1 
ATOM   349 C CA  . ALA A 1 49 ? -8.140  7.965   4.331   1.00 15.96 ? 107 ALA A CA  1 
ATOM   350 C C   . ALA A 1 49 ? -7.529  7.756   2.967   1.00 15.54 ? 107 ALA A C   1 
ATOM   351 O O   . ALA A 1 49 ? -7.614  6.668   2.395   1.00 14.20 ? 107 ALA A O   1 
ATOM   352 C CB  . ALA A 1 49 ? -7.091  7.777   5.409   1.00 17.21 ? 107 ALA A CB  1 
HETATM 353 N N   . MEQ A 1 50 ? -6.892  8.810   2.478   1.00 16.13 ? 108 MEQ A N   1 
HETATM 354 C CA  . MEQ A 1 50 ? -6.265  8.805   1.191   1.00 17.75 ? 108 MEQ A CA  1 
HETATM 355 C CB  . MEQ A 1 50 ? -6.554  10.186  0.603   1.00 20.81 ? 108 MEQ A CB  1 
HETATM 356 C CG  . MEQ A 1 50 ? -7.791  10.087  -0.271  1.00 25.49 ? 108 MEQ A CG  1 
HETATM 357 C CD  . MEQ A 1 50 ? -7.216  9.539   -1.542  0.90 27.12 ? 108 MEQ A CD  1 
HETATM 358 O OE1 . MEQ A 1 50 ? -7.737  8.597   -2.106  0.90 28.76 ? 108 MEQ A OE1 1 
HETATM 359 N NE2 . MEQ A 1 50 ? -6.035  10.134  -1.929  0.90 27.47 ? 108 MEQ A NE2 1 
HETATM 360 C CE  . MEQ A 1 50 ? -5.776  10.172  -3.364  0.90 17.27 ? 108 MEQ A CE  1 
HETATM 361 C C   . MEQ A 1 50 ? -4.788  8.596   1.395   1.00 15.16 ? 108 MEQ A C   1 
HETATM 362 O O   . MEQ A 1 50 ? -4.159  9.319   2.188   1.00 16.35 ? 108 MEQ A O   1 
ATOM   363 N N   . PRO A 1 51 ? -4.204  7.582   0.722   1.00 14.60 ? 109 PRO A N   1 
ATOM   364 C CA  . PRO A 1 51 ? -2.752  7.494   0.853   1.00 13.88 ? 109 PRO A CA  1 
ATOM   365 C C   . PRO A 1 51 ? -2.041  8.675   0.218   1.00 12.08 ? 109 PRO A C   1 
ATOM   366 O O   . PRO A 1 51 ? -2.565  9.333   -0.686  1.00 13.60 ? 109 PRO A O   1 
ATOM   367 C CB  . PRO A 1 51 ? -2.382  6.223   0.075   1.00 13.14 ? 109 PRO A CB  1 
ATOM   368 C CG  . PRO A 1 51 ? -3.632  5.489   -0.112  1.00 15.61 ? 109 PRO A CG  1 
ATOM   369 C CD  . PRO A 1 51 ? -4.720  6.512   -0.145  1.00 15.13 ? 109 PRO A CD  1 
ATOM   370 N N   . HIS A 1 52 ? -0.837  8.912   0.688   1.00 11.62 ? 110 HIS A N   1 
ATOM   371 C CA  . HIS A 1 52 ? 0.035   9.906   0.103   1.00 10.38 ? 110 HIS A CA  1 
ATOM   372 C C   . HIS A 1 52 ? 0.214   9.627   -1.385  1.00 10.34 ? 110 HIS A C   1 
ATOM   373 O O   . HIS A 1 52 ? 0.275   8.475   -1.781  1.00 10.13 ? 110 HIS A O   1 
ATOM   374 C CB  . HIS A 1 52 ? 1.385   9.831   0.799   1.00 11.15 ? 110 HIS A CB  1 
ATOM   375 C CG  . HIS A 1 52 ? 2.296   10.992  0.521   1.00 11.39 ? 110 HIS A CG  1 
ATOM   376 N ND1 . HIS A 1 52 ? 3.114   11.060  -0.589  1.00 11.32 ? 110 HIS A ND1 1 
ATOM   377 C CD2 . HIS A 1 52 ? 2.569   12.101  1.252   1.00 12.37 ? 110 HIS A CD2 1 
ATOM   378 C CE1 . HIS A 1 52 ? 3.837   12.165  -0.539  1.00 11.57 ? 110 HIS A CE1 1 
ATOM   379 N NE2 . HIS A 1 52 ? 3.525   12.820  0.563   1.00 13.04 ? 110 HIS A NE2 1 
ATOM   380 N N   . PRO A 1 53 ? 0.325   10.679  -2.216  1.00 9.45  ? 111 PRO A N   1 
ATOM   381 C CA  . PRO A 1 53 ? 0.540   10.435  -3.642  1.00 9.36  ? 111 PRO A CA  1 
ATOM   382 C C   . PRO A 1 53 ? 1.688   9.473   -3.953  1.00 8.31  ? 111 PRO A C   1 
ATOM   383 O O   . PRO A 1 53 ? 1.580   8.673   -4.877  1.00 8.99  ? 111 PRO A O   1 
ATOM   384 C CB  . PRO A 1 53 ? 0.815   11.839  -4.187  1.00 10.81 ? 111 PRO A CB  1 
ATOM   385 C CG  . PRO A 1 53 ? 0.053   12.724  -3.310  1.00 11.19 ? 111 PRO A CG  1 
ATOM   386 C CD  . PRO A 1 53 ? 0.181   12.112  -1.931  1.00 10.63 ? 111 PRO A CD  1 
ATOM   387 N N   . SER A 1 54 ? 2.795   9.553   -3.208  1.00 8.07  ? 112 SER A N   1 
ATOM   388 C CA  . SER A 1 54 ? 3.891   8.635   -3.452  1.00 8.46  ? 112 SER A CA  1 
ATOM   389 C C   . SER A 1 54 ? 3.539   7.197   -3.102  1.00 7.43  ? 112 SER A C   1 
ATOM   390 O O   . SER A 1 54 ? 4.075   6.272   -3.693  1.00 8.11  ? 112 SER A O   1 
ATOM   391 C CB  . SER A 1 54 ? 5.151   9.057   -2.709  1.00 8.01  ? 112 SER A CB  1 
ATOM   392 O OG  . SER A 1 54 ? 5.747   10.199  -3.329  1.00 9.94  ? 112 SER A OG  1 
ATOM   393 N N   . THR A 1 55 ? 2.709   7.006   -2.085  1.00 8.28  ? 113 THR A N   1 
ATOM   394 C CA  . THR A 1 55 ? 2.270   5.648   -1.767  1.00 7.33  ? 113 THR A CA  1 
ATOM   395 C C   . THR A 1 55 ? 1.441   5.050   -2.906  1.00 7.68  ? 113 THR A C   1 
ATOM   396 O O   . THR A 1 55 ? 1.668   3.930   -3.312  1.00 8.24  ? 113 THR A O   1 
ATOM   397 C CB  . THR A 1 55 ? 1.471   5.638   -0.473  1.00 7.37  ? 113 THR A CB  1 
ATOM   398 O OG1 . THR A 1 55 ? 2.300   6.124   0.587   1.00 8.65  ? 113 THR A OG1 1 
ATOM   399 C CG2 . THR A 1 55 ? 0.992   4.204   -0.132  1.00 9.56  ? 113 THR A CG2 1 
ATOM   400 N N   . ILE A 1 56 ? 0.505   5.831   -3.435  1.00 8.18  ? 114 ILE A N   1 
ATOM   401 C CA  . ILE A 1 56 ? -0.291  5.377   -4.577  1.00 8.93  ? 114 ILE A CA  1 
ATOM   402 C C   . ILE A 1 56 ? 0.622   4.999   -5.747  1.00 9.03  ? 114 ILE A C   1 
ATOM   403 O O   . ILE A 1 56 ? 0.502   3.933   -6.329  1.00 9.23  ? 114 ILE A O   1 
ATOM   404 C CB  . ILE A 1 56 ? -1.334  6.463   -5.020  1.00 10.18 ? 114 ILE A CB  1 
ATOM   405 C CG1 . ILE A 1 56 ? -2.331  6.728   -3.882  1.00 11.61 ? 114 ILE A CG1 1 
ATOM   406 C CG2 . ILE A 1 56 ? -2.036  6.056   -6.285  1.00 13.05 ? 114 ILE A CG2 1 
ATOM   407 C CD1 . ILE A 1 56 ? -3.340  7.814   -4.145  1.00 14.46 ? 114 ILE A CD1 1 
ATOM   408 N N   . LYS A 1 57 ? 1.540   5.891   -6.104  1.00 8.91  ? 115 LYS A N   1 
ATOM   409 C CA  A LYS A 1 57 ? 2.396   5.640   -7.256  0.50 8.83  ? 115 LYS A CA  1 
ATOM   410 C CA  B LYS A 1 57 ? 2.381   5.628   -7.259  0.50 8.03  ? 115 LYS A CA  1 
ATOM   411 C C   . LYS A 1 57 ? 3.324   4.452   -7.031  1.00 7.64  ? 115 LYS A C   1 
ATOM   412 O O   . LYS A 1 57 ? 3.533   3.664   -7.935  1.00 8.70  ? 115 LYS A O   1 
ATOM   413 C CB  A LYS A 1 57 ? 3.152   6.913   -7.649  0.50 10.36 ? 115 LYS A CB  1 
ATOM   414 C CB  B LYS A 1 57 ? 3.094   6.905   -7.699  0.50 10.46 ? 115 LYS A CB  1 
ATOM   415 C CG  A LYS A 1 57 ? 2.177   7.982   -8.225  0.50 12.88 ? 115 LYS A CG  1 
ATOM   416 C CG  B LYS A 1 57 ? 2.079   7.892   -8.341  0.50 13.09 ? 115 LYS A CG  1 
ATOM   417 C CD  A LYS A 1 57 ? 2.891   9.195   -8.792  0.50 13.20 ? 115 LYS A CD  1 
ATOM   418 C CD  B LYS A 1 57 ? 2.643   9.282   -8.527  0.50 16.23 ? 115 LYS A CD  1 
ATOM   419 C CE  A LYS A 1 57 ? 1.921   10.142  -9.482  0.50 15.26 ? 115 LYS A CE  1 
ATOM   420 C CE  B LYS A 1 57 ? 1.593   10.239  -9.089  0.50 18.72 ? 115 LYS A CE  1 
ATOM   421 N NZ  A LYS A 1 57 ? 1.244   11.035  -8.488  0.50 13.00 ? 115 LYS A NZ  1 
ATOM   422 N NZ  B LYS A 1 57 ? 1.004   9.754   -10.356 0.50 19.56 ? 115 LYS A NZ  1 
ATOM   423 N N   . LEU A 1 58 ? 3.851   4.304   -5.813  1.00 7.32  ? 116 LEU A N   1 
ATOM   424 C CA  . LEU A 1 58 ? 4.711   3.175   -5.520  1.00 7.91  ? 116 LEU A CA  1 
ATOM   425 C C   . LEU A 1 58 ? 3.921   1.859   -5.562  1.00 7.72  ? 116 LEU A C   1 
ATOM   426 O O   . LEU A 1 58 ? 4.419   0.840   -6.050  1.00 8.23  ? 116 LEU A O   1 
ATOM   427 C CB  . LEU A 1 58 ? 5.409   3.413   -4.187  1.00 8.53  ? 116 LEU A CB  1 
ATOM   428 C CG  . LEU A 1 58 ? 6.448   2.403   -3.742  1.00 9.13  ? 116 LEU A CG  1 
ATOM   429 C CD1 . LEU A 1 58 ? 7.513   2.143   -4.805  1.00 10.06 ? 116 LEU A CD1 1 
ATOM   430 C CD2 . LEU A 1 58 ? 7.043   2.880   -2.398  1.00 10.14 ? 116 LEU A CD2 1 
ATOM   431 N N   . LEU A 1 59 ? 2.698   1.867   -5.049  1.00 7.70  ? 117 LEU A N   1 
ATOM   432 C CA  . LEU A 1 59 ? 1.851   0.677   -5.152  1.00 7.69  ? 117 LEU A CA  1 
ATOM   433 C C   . LEU A 1 59 ? 1.564   0.320   -6.610  1.00 7.33  ? 117 LEU A C   1 
ATOM   434 O O   . LEU A 1 59 ? 1.543   -0.852  -6.975  1.00 8.19  ? 117 LEU A O   1 
ATOM   435 C CB  . LEU A 1 59 ? 0.539   0.878   -4.394  1.00 8.68  ? 117 LEU A CB  1 
ATOM   436 C CG  . LEU A 1 59 ? 0.638   0.864   -2.870  1.00 10.32 ? 117 LEU A CG  1 
ATOM   437 C CD1 . LEU A 1 59 ? -0.699  1.312   -2.278  1.00 12.05 ? 117 LEU A CD1 1 
ATOM   438 C CD2 . LEU A 1 59 ? 1.056   -0.519  -2.334  1.00 12.23 ? 117 LEU A CD2 1 
ATOM   439 N N   . ARG A 1 60 ? 1.346   1.324   -7.458  1.00 8.10  ? 118 ARG A N   1 
ATOM   440 C CA  . ARG A 1 60 ? 1.119   1.025   -8.870  1.00 8.58  ? 118 ARG A CA  1 
ATOM   441 C C   . ARG A 1 60 ? 2.354   0.411   -9.525  1.00 9.01  ? 118 ARG A C   1 
ATOM   442 O O   . ARG A 1 60 ? 2.249   -0.496  -10.330 1.00 9.75  ? 118 ARG A O   1 
ATOM   443 C CB  . ARG A 1 60 ? 0.668   2.264   -9.649  1.00 9.16  ? 118 ARG A CB  1 
ATOM   444 C CG  . ARG A 1 60 ? -0.730  2.723   -9.290  1.00 11.66 ? 118 ARG A CG  1 
ATOM   445 C CD  . ARG A 1 60 ? -1.405  3.499   -10.418 1.00 18.26 ? 118 ARG A CD  1 
ATOM   446 N NE  . ARG A 1 60 ? -0.925  4.855   -10.551 0.75 18.62 ? 118 ARG A NE  1 
ATOM   447 C CZ  . ARG A 1 60 ? -0.099  5.295   -11.497 0.75 19.96 ? 118 ARG A CZ  1 
ATOM   448 N NH1 . ARG A 1 60 ? 0.421   4.473   -12.407 0.75 18.44 ? 118 ARG A NH1 1 
ATOM   449 N NH2 . ARG A 1 60 ? 0.243   6.584   -11.497 0.75 16.10 ? 118 ARG A NH2 1 
ATOM   450 N N   . VAL A 1 61 ? 3.537   0.904   -9.171  1.00 8.46  ? 119 VAL A N   1 
ATOM   451 C CA  . VAL A 1 61 ? 4.773   0.331   -9.666  1.00 8.99  ? 119 VAL A CA  1 
ATOM   452 C C   . VAL A 1 61 ? 4.921   -1.111  -9.202  1.00 9.37  ? 119 VAL A C   1 
ATOM   453 O O   . VAL A 1 61 ? 5.251   -2.015  -9.986  1.00 9.85  ? 119 VAL A O   1 
ATOM   454 C CB  . VAL A 1 61 ? 5.999   1.212   -9.248  1.00 9.79  ? 119 VAL A CB  1 
ATOM   455 C CG1 . VAL A 1 61 ? 7.283   0.471   -9.471  1.00 12.55 ? 119 VAL A CG1 1 
ATOM   456 C CG2 . VAL A 1 61 ? 5.961   2.516   -10.012 1.00 11.78 ? 119 VAL A CG2 1 
ATOM   457 N N   . LEU A 1 62 ? 4.683   -1.341  -7.923  1.00 8.23  ? 120 LEU A N   1 
ATOM   458 C CA  . LEU A 1 62 ? 4.822   -2.680  -7.360  1.00 8.97  ? 120 LEU A CA  1 
ATOM   459 C C   . LEU A 1 62 ? 3.794   -3.670  -7.883  1.00 9.80  ? 120 LEU A C   1 
ATOM   460 O O   . LEU A 1 62 ? 4.065   -4.867  -7.947  1.00 11.56 ? 120 LEU A O   1 
ATOM   461 C CB  . LEU A 1 62 ? 4.754   -2.624  -5.844  1.00 8.09  ? 120 LEU A CB  1 
ATOM   462 C CG  . LEU A 1 62 ? 5.981   -1.961  -5.196  1.00 8.91  ? 120 LEU A CG  1 
ATOM   463 C CD1 . LEU A 1 62 ? 5.729   -1.527  -3.762  1.00 10.12 ? 120 LEU A CD1 1 
ATOM   464 C CD2 . LEU A 1 62 ? 7.193   -2.922  -5.247  1.00 12.19 ? 120 LEU A CD2 1 
ATOM   465 N N   . ASP A 1 63 ? 2.619   -3.182  -8.264  1.00 9.39  ? 121 ASP A N   1 
ATOM   466 C CA  . ASP A 1 63 ? 1.625   -4.063  -8.856  1.00 10.96 ? 121 ASP A CA  1 
ATOM   467 C C   . ASP A 1 63 ? 2.147   -4.673  -10.154 1.00 12.30 ? 121 ASP A C   1 
ATOM   468 O O   . ASP A 1 63 ? 1.925   -5.854  -10.425 1.00 14.37 ? 121 ASP A O   1 
ATOM   469 C CB  . ASP A 1 63 ? 0.351   -3.300  -9.125  1.00 11.28 ? 121 ASP A CB  1 
ATOM   470 C CG  . ASP A 1 63 ? -0.793  -4.203  -9.493  1.00 13.88 ? 121 ASP A CG  1 
ATOM   471 O OD1 . ASP A 1 63 ? -0.863  -5.349  -9.011  1.00 18.24 ? 121 ASP A OD1 1 
ATOM   472 O OD2 . ASP A 1 63 ? -1.596  -3.721  -10.280 1.00 19.94 ? 121 ASP A OD2 1 
ATOM   473 N N   . LYS A 1 64 ? 2.870   -3.874  -10.936 1.00 11.52 ? 122 LYS A N   1 
ATOM   474 C CA  . LYS A 1 64 ? 3.441   -4.312  -12.203 1.00 12.79 ? 122 LYS A CA  1 
ATOM   475 C C   . LYS A 1 64 ? 4.782   -5.034  -12.044 1.00 12.04 ? 122 LYS A C   1 
ATOM   476 O O   . LYS A 1 64 ? 5.112   -5.938  -12.820 1.00 14.49 ? 122 LYS A O   1 
ATOM   477 C CB  . LYS A 1 64 ? 3.581   -3.100  -13.129 1.00 14.33 ? 122 LYS A CB  1 
ATOM   478 C CG  . LYS A 1 64 ? 2.235   -2.486  -13.532 1.00 21.73 ? 122 LYS A CG  1 
ATOM   479 C CD  . LYS A 1 64 ? 2.270   -1.866  -14.925 0.50 24.89 ? 122 LYS A CD  1 
ATOM   480 C CE  . LYS A 1 64 ? 0.935   -1.235  -15.318 0.50 24.40 ? 122 LYS A CE  1 
ATOM   481 N NZ  . LYS A 1 64 ? 0.929   0.246   -15.113 0.50 23.86 ? 122 LYS A NZ  1 
ATOM   482 N N   . HIS A 1 65 ? 5.551   -4.637  -11.030 1.00 11.08 ? 123 HIS A N   1 
ATOM   483 C CA  . HIS A 1 65 ? 6.905   -5.125  -10.807 1.00 11.01 ? 123 HIS A CA  1 
ATOM   484 C C   . HIS A 1 65 ? 7.088   -5.489  -9.329  1.00 10.68 ? 123 HIS A C   1 
ATOM   485 O O   . HIS A 1 65 ? 7.836   -4.833  -8.599  1.00 10.41 ? 123 HIS A O   1 
ATOM   486 C CB  . HIS A 1 65 ? 7.909   -4.046  -11.201 1.00 11.53 ? 123 HIS A CB  1 
ATOM   487 C CG  . HIS A 1 65 ? 7.696   -3.484  -12.572 1.00 12.22 ? 123 HIS A CG  1 
ATOM   488 N ND1 . HIS A 1 65 ? 8.008   -4.173  -13.728 1.00 15.96 ? 123 HIS A ND1 1 
ATOM   489 C CD2 . HIS A 1 65 ? 7.195   -2.293  -12.967 1.00 12.13 ? 123 HIS A CD2 1 
ATOM   490 C CE1 . HIS A 1 65 ? 7.708   -3.419  -14.772 1.00 15.29 ? 123 HIS A CE1 1 
ATOM   491 N NE2 . HIS A 1 65 ? 7.201   -2.278  -14.338 1.00 13.61 ? 123 HIS A NE2 1 
ATOM   492 N N   . PRO A 1 66 ? 6.373   -6.522  -8.868  1.00 12.13 ? 124 PRO A N   1 
ATOM   493 C CA  . PRO A 1 66 ? 6.406   -6.829  -7.450  1.00 12.88 ? 124 PRO A CA  1 
ATOM   494 C C   . PRO A 1 66 ? 7.780   -7.192  -6.898  1.00 13.24 ? 124 PRO A C   1 
ATOM   495 O O   . PRO A 1 66 ? 8.018   -7.034  -5.705  1.00 12.99 ? 124 PRO A O   1 
ATOM   496 C CB  . PRO A 1 66 ? 5.393   -7.966  -7.311  1.00 14.36 ? 124 PRO A CB  1 
ATOM   497 C CG  . PRO A 1 66 ? 5.279   -8.549  -8.664  1.00 15.28 ? 124 PRO A CG  1 
ATOM   498 C CD  . PRO A 1 66 ? 5.450   -7.406  -9.611  1.00 13.03 ? 124 PRO A CD  1 
ATOM   499 N N   . GLU A 1 67 ? 8.682   -7.641  -7.765  1.00 13.27 ? 125 GLU A N   1 
ATOM   500 C CA  . GLU A 1 67 ? 10.035  -7.958  -7.342  1.00 13.58 ? 125 GLU A CA  1 
ATOM   501 C C   . GLU A 1 67 ? 10.769  -6.740  -6.790  1.00 12.92 ? 125 GLU A C   1 
ATOM   502 O O   . GLU A 1 67 ? 11.715  -6.877  -6.013  1.00 13.39 ? 125 GLU A O   1 
ATOM   503 C CB  . GLU A 1 67 ? 10.824  -8.612  -8.488  1.00 15.10 ? 125 GLU A CB  1 
ATOM   504 C CG  . GLU A 1 67 ? 11.239  -7.661  -9.609  1.00 19.33 ? 125 GLU A CG  1 
ATOM   505 C CD  . GLU A 1 67 ? 10.170  -7.374  -10.653 1.00 20.23 ? 125 GLU A CD  1 
ATOM   506 O OE1 . GLU A 1 67 ? 8.998   -7.820  -10.524 1.00 19.97 ? 125 GLU A OE1 1 
ATOM   507 O OE2 . GLU A 1 67 ? 10.526  -6.685  -11.631 1.00 26.93 ? 125 GLU A OE2 1 
ATOM   508 N N   . LEU A 1 68 ? 10.327  -5.539  -7.154  1.00 11.08 ? 126 LEU A N   1 
ATOM   509 C CA  . LEU A 1 68 ? 10.933  -4.335  -6.613  1.00 11.38 ? 126 LEU A CA  1 
ATOM   510 C C   . LEU A 1 68 ? 10.741  -4.178  -5.107  1.00 10.72 ? 126 LEU A C   1 
ATOM   511 O O   . LEU A 1 68 ? 11.401  -3.341  -4.497  1.00 10.87 ? 126 LEU A O   1 
ATOM   512 C CB  . LEU A 1 68 ? 10.453  -3.102  -7.382  1.00 12.20 ? 126 LEU A CB  1 
ATOM   513 C CG  . LEU A 1 68 ? 10.946  -3.036  -8.830  1.00 13.66 ? 126 LEU A CG  1 
ATOM   514 C CD1 . LEU A 1 68 ? 10.351  -1.861  -9.569  1.00 15.84 ? 126 LEU A CD1 1 
ATOM   515 C CD2 . LEU A 1 68 ? 12.482  -3.006  -8.899  1.00 18.87 ? 126 LEU A CD2 1 
ATOM   516 N N   . LEU A 1 69 ? 9.881   -4.985  -4.480  1.00 10.57 ? 127 LEU A N   1 
ATOM   517 C CA  . LEU A 1 69 ? 9.803   -4.961  -3.007  1.00 11.41 ? 127 LEU A CA  1 
ATOM   518 C C   . LEU A 1 69 ? 11.186  -5.235  -2.394  1.00 11.75 ? 127 LEU A C   1 
ATOM   519 O O   . LEU A 1 69 ? 11.549  -4.638  -1.387  1.00 12.70 ? 127 LEU A O   1 
ATOM   520 C CB  . LEU A 1 69 ? 8.801   -5.983  -2.476  1.00 12.92 ? 127 LEU A CB  1 
ATOM   521 C CG  . LEU A 1 69 ? 8.553   -5.966  -0.967  1.00 14.31 ? 127 LEU A CG  1 
ATOM   522 C CD1 . LEU A 1 69 ? 7.982   -4.628  -0.509  1.00 15.79 ? 127 LEU A CD1 1 
ATOM   523 C CD2 . LEU A 1 69 ? 7.629   -7.114  -0.620  1.00 16.02 ? 127 LEU A CD2 1 
ATOM   524 N N   . ASN A 1 70 ? 11.987  -6.060  -3.063  1.00 11.98 ? 128 ASN A N   1 
ATOM   525 C CA  A ASN A 1 70 ? 13.320  -6.385  -2.544  0.50 12.63 ? 128 ASN A CA  1 
ATOM   526 C CA  B ASN A 1 70 ? 13.339  -6.396  -2.587  0.50 12.88 ? 128 ASN A CA  1 
ATOM   527 C C   . ASN A 1 70 ? 14.279  -5.199  -2.572  1.00 12.37 ? 128 ASN A C   1 
ATOM   528 O O   . ASN A 1 70 ? 15.317  -5.204  -1.915  1.00 13.19 ? 128 ASN A O   1 
ATOM   529 C CB  A ASN A 1 70 ? 13.920  -7.557  -3.312  0.50 13.77 ? 128 ASN A CB  1 
ATOM   530 C CB  B ASN A 1 70 ? 13.962  -7.488  -3.460  0.50 14.53 ? 128 ASN A CB  1 
ATOM   531 C CG  A ASN A 1 70 ? 13.123  -8.837  -3.144  0.30 18.34 ? 128 ASN A CG  1 
ATOM   532 C CG  B ASN A 1 70 ? 13.377  -8.859  -3.201  0.20 19.25 ? 128 ASN A CG  1 
ATOM   533 O OD1 A ASN A 1 70 ? 12.414  -9.020  -2.151  0.30 20.48 ? 128 ASN A OD1 1 
ATOM   534 O OD1 B ASN A 1 70 ? 13.624  -9.464  -2.156  0.20 21.60 ? 128 ASN A OD1 1 
ATOM   535 N ND2 A ASN A 1 70 ? 13.243  -9.736  -4.115  0.30 21.43 ? 128 ASN A ND2 1 
ATOM   536 N ND2 B ASN A 1 70 ? 12.620  -9.370  -4.167  0.20 22.87 ? 128 ASN A ND2 1 
ATOM   537 N N   . GLU A 1 71 ? 13.935  -4.160  -3.317  1.00 11.40 ? 129 GLU A N   1 
ATOM   538 C CA  A GLU A 1 71 ? 14.768  -2.975  -3.362  0.70 12.60 ? 129 GLU A CA  1 
ATOM   539 C CA  B GLU A 1 71 ? 14.734  -2.946  -3.396  0.30 12.72 ? 129 GLU A CA  1 
ATOM   540 C C   . GLU A 1 71 ? 14.386  -1.958  -2.292  1.00 12.39 ? 129 GLU A C   1 
ATOM   541 O O   . GLU A 1 71 ? 15.151  -1.042  -2.033  1.00 16.98 ? 129 GLU A O   1 
ATOM   542 C CB  A GLU A 1 71 ? 14.690  -2.331  -4.743  0.70 12.90 ? 129 GLU A CB  1 
ATOM   543 C CB  B GLU A 1 71 ? 14.502  -2.261  -4.747  0.30 13.44 ? 129 GLU A CB  1 
ATOM   544 C CG  A GLU A 1 71 ? 15.314  -3.167  -5.851  0.70 15.13 ? 129 GLU A CG  1 
ATOM   545 C CG  B GLU A 1 71 ? 15.278  -2.868  -5.901  0.30 16.00 ? 129 GLU A CG  1 
ATOM   546 C CD  A GLU A 1 71 ? 15.468  -2.396  -7.168  0.70 17.00 ? 129 GLU A CD  1 
ATOM   547 C CD  B GLU A 1 71 ? 16.648  -2.234  -6.104  0.30 17.77 ? 129 GLU A CD  1 
ATOM   548 O OE1 A GLU A 1 71 ? 15.184  -1.163  -7.214  0.70 17.66 ? 129 GLU A OE1 1 
ATOM   549 O OE1 B GLU A 1 71 ? 16.966  -1.213  -5.442  0.30 16.46 ? 129 GLU A OE1 1 
ATOM   550 O OE2 A GLU A 1 71 ? 15.840  -3.039  -8.171  0.70 17.62 ? 129 GLU A OE2 1 
ATOM   551 O OE2 B GLU A 1 71 ? 17.414  -2.765  -6.928  0.30 22.28 ? 129 GLU A OE2 1 
ATOM   552 N N   . ILE A 1 72 ? 13.210  -2.114  -1.683  1.00 12.58 ? 130 ILE A N   1 
ATOM   553 C CA  . ILE A 1 72 ? 12.707  -1.079  -0.784  1.00 14.44 ? 130 ILE A CA  1 
ATOM   554 C C   . ILE A 1 72 ? 12.482  -1.514  0.645   1.00 14.58 ? 130 ILE A C   1 
ATOM   555 O O   . ILE A 1 72 ? 12.390  -0.673  1.526   1.00 16.37 ? 130 ILE A O   1 
ATOM   556 C CB  . ILE A 1 72 ? 11.401  -0.397  -1.308  1.00 14.85 ? 130 ILE A CB  1 
ATOM   557 C CG1 . ILE A 1 72 ? 10.220  -1.371  -1.288  1.00 15.01 ? 130 ILE A CG1 1 
ATOM   558 C CG2 . ILE A 1 72 ? 11.631  0.233   -2.659  1.00 18.47 ? 130 ILE A CG2 1 
ATOM   559 C CD1 . ILE A 1 72 ? 8.833   -0.708  -1.469  1.00 16.49 ? 130 ILE A CD1 1 
ATOM   560 N N   . ARG A 1 73 ? 12.379  -2.810  0.892   1.00 14.91 ? 131 ARG A N   1 
ATOM   561 C CA  . ARG A 1 73 ? 11.976  -3.261  2.195   1.00 17.67 ? 131 ARG A CA  1 
ATOM   562 C C   . ARG A 1 73 ? 13.121  -3.129  3.168   1.00 20.07 ? 131 ARG A C   1 
ATOM   563 O O   . ARG A 1 73 ? 14.296  -3.333  2.837   1.00 19.46 ? 131 ARG A O   1 
ATOM   564 C CB  . ARG A 1 73 ? 11.444  -4.684  2.125   1.00 20.45 ? 131 ARG A CB  1 
ATOM   565 C CG  . ARG A 1 73 ? 10.770  -5.011  3.383   1.00 22.88 ? 131 ARG A CG  1 
ATOM   566 C CD  . ARG A 1 73 ? 9.966   -6.224  3.316   1.00 22.98 ? 131 ARG A CD  1 
ATOM   567 N NE  . ARG A 1 73 ? 9.374   -6.339  4.632   1.00 23.74 ? 131 ARG A NE  1 
ATOM   568 C CZ  . ARG A 1 73 ? 8.533   -7.284  4.992   1.00 20.50 ? 131 ARG A CZ  1 
ATOM   569 N NH1 . ARG A 1 73 ? 8.207   -8.234  4.151   1.00 22.22 ? 131 ARG A NH1 1 
ATOM   570 N NH2 . ARG A 1 73 ? 8.054   -7.271  6.232   1.00 29.15 ? 131 ARG A NH2 1 
ATOM   571 O OXT . ARG A 1 73 ? 12.877  -2.761  4.324   1.00 24.51 ? 131 ARG A OXT 1 
HETATM 572 O O   . HOH B 2 .  ? 3.051   -7.564  10.778  1.00 19.99 ? 1   HOH A O   1 
HETATM 573 O O   . HOH B 2 .  ? -8.514  -5.089  4.005   1.00 17.46 ? 2   HOH A O   1 
HETATM 574 O O   . HOH B 2 .  ? -8.840  -2.475  7.453   1.00 15.64 ? 3   HOH A O   1 
HETATM 575 O O   . HOH B 2 .  ? 4.173   4.355   9.287   1.00 20.49 ? 4   HOH A O   1 
HETATM 576 O O   . HOH B 2 .  ? -2.415  -0.580  9.302   1.00 14.61 ? 5   HOH A O   1 
HETATM 577 O O   . HOH B 2 .  ? -8.252  4.756   0.510   1.00 18.31 ? 7   HOH A O   1 
HETATM 578 O O   . HOH B 2 .  ? -2.811  -7.597  7.931   1.00 14.50 ? 8   HOH A O   1 
HETATM 579 O O   . HOH B 2 .  ? -14.508 8.162   6.447   1.00 20.86 ? 9   HOH A O   1 
HETATM 580 O O   . HOH B 2 .  ? -0.362  -0.530  -11.542 1.00 20.02 ? 10  HOH A O   1 
HETATM 581 O O   . HOH B 2 .  ? -1.773  5.092   12.476  1.00 38.41 ? 11  HOH A O   1 
HETATM 582 O O   . HOH B 2 .  ? 4.721   8.452   7.629   1.00 28.40 ? 12  HOH A O   1 
HETATM 583 O O   . HOH B 2 .  ? 6.714   -10.160 1.648   1.00 23.11 ? 13  HOH A O   1 
HETATM 584 O O   . HOH B 2 .  ? -6.881  -3.849  10.882  1.00 19.80 ? 14  HOH A O   1 
HETATM 585 O O   . HOH B 2 .  ? -11.073 3.453   9.096   1.00 24.65 ? 16  HOH A O   1 
HETATM 586 O O   . HOH B 2 .  ? 1.864   5.793   14.162  1.00 36.73 ? 17  HOH A O   1 
HETATM 587 O O   . HOH B 2 .  ? 16.368  0.925   -5.944  1.00 25.54 ? 18  HOH A O   1 
HETATM 588 O O   . HOH B 2 .  ? -8.826  -6.499  -3.783  1.00 22.13 ? 19  HOH A O   1 
HETATM 589 O O   . HOH B 2 .  ? -3.098  11.137  -2.619  1.00 18.98 ? 20  HOH A O   1 
HETATM 590 O O   . HOH B 2 .  ? 9.056   -6.707  -13.752 1.00 29.34 ? 21  HOH A O   1 
HETATM 591 O O   . HOH B 2 .  ? -9.372  1.290   10.522  1.00 34.93 ? 24  HOH A O   1 
HETATM 592 O O   . HOH B 2 .  ? -10.218 -3.542  5.427   1.00 21.63 ? 26  HOH A O   1 
HETATM 593 O O   . HOH B 2 .  ? 9.395   -9.191  1.784   1.00 26.14 ? 27  HOH A O   1 
HETATM 594 O O   . HOH B 2 .  ? -0.265  -1.979  14.754  1.00 33.25 ? 28  HOH A O   1 
HETATM 595 O O   . HOH B 2 .  ? -3.533  -9.820  -4.639  1.00 24.17 ? 29  HOH A O   1 
HETATM 596 O O   . HOH B 2 .  ? -3.335  13.557  -1.395  1.00 28.88 ? 30  HOH A O   1 
HETATM 597 O O   . HOH B 2 .  ? 0.510   7.217   2.597   1.00 18.36 ? 34  HOH A O   1 
HETATM 598 O O   . HOH B 2 .  ? -0.130  1.642   -13.298 1.00 25.41 ? 35  HOH A O   1 
HETATM 599 O O   . HOH B 2 .  ? 4.198   14.775  2.556   1.00 23.70 ? 36  HOH A O   1 
HETATM 600 O O   . HOH B 2 .  ? -2.444  11.032  -5.320  1.00 19.17 ? 38  HOH A O   1 
HETATM 601 O O   . HOH B 2 .  ? 15.945  -0.956  1.181   1.00 22.22 ? 41  HOH A O   1 
HETATM 602 O O   . HOH B 2 .  ? -1.661  -4.586  -13.841 1.00 38.04 ? 42  HOH A O   1 
HETATM 603 O O   . HOH B 2 .  ? -0.590  9.582   -6.730  1.00 22.25 ? 43  HOH A O   1 
HETATM 604 O O   . HOH B 2 .  ? 14.755  -5.544  -9.145  1.00 30.42 ? 44  HOH A O   1 
HETATM 605 O O   . HOH B 2 .  ? -13.962 7.938   9.137   1.00 28.37 ? 47  HOH A O   1 
HETATM 606 O O   . HOH B 2 .  ? -2.640  -7.939  -10.887 1.00 29.37 ? 50  HOH A O   1 
HETATM 607 O O   . HOH B 2 .  ? -0.710  -10.425 2.863   1.00 25.28 ? 51  HOH A O   1 
HETATM 608 O O   . HOH B 2 .  ? -3.033  11.937  1.492   1.00 41.70 ? 53  HOH A O   1 
HETATM 609 O O   . HOH B 2 .  ? -13.947 -3.230  9.535   1.00 22.54 ? 55  HOH A O   1 
HETATM 610 O O   . HOH B 2 .  ? -13.066 10.152  5.189   1.00 26.18 ? 132 HOH A O   1 
HETATM 611 O O   . HOH B 2 .  ? -2.603  0.807   -11.770 1.00 33.73 ? 133 HOH A O   1 
HETATM 612 O O   . HOH B 2 .  ? 2.701   -0.273  11.329  1.00 26.34 ? 134 HOH A O   1 
HETATM 613 O O   . HOH B 2 .  ? -1.565  12.953  -6.972  1.00 27.18 ? 135 HOH A O   1 
HETATM 614 O O   . HOH B 2 .  ? -4.517  5.043   -8.830  1.00 30.71 ? 136 HOH A O   1 
HETATM 615 O O   . HOH B 2 .  ? -7.343  9.333   -10.461 1.00 39.02 ? 137 HOH A O   1 
HETATM 616 O O   . HOH B 2 .  ? -7.535  2.377   -8.401  1.00 27.90 ? 138 HOH A O   1 
HETATM 617 O O   . HOH B 2 .  ? -4.589  2.398   -9.021  1.00 36.20 ? 139 HOH A O   1 
HETATM 618 O O   . HOH B 2 .  ? -11.450 -4.798  -0.452  1.00 30.91 ? 140 HOH A O   1 
HETATM 619 O O   . HOH B 2 .  ? -10.963 -6.431  -2.220  1.00 32.78 ? 141 HOH A O   1 
HETATM 620 O O   . HOH B 2 .  ? -10.681 -5.639  2.228   1.00 28.49 ? 142 HOH A O   1 
HETATM 621 O O   . HOH B 2 .  ? -7.419  -8.594  -2.819  1.00 30.24 ? 143 HOH A O   1 
HETATM 622 O O   . HOH B 2 .  ? -6.219  -10.342 -4.341  1.00 33.30 ? 144 HOH A O   1 
HETATM 623 O O   . HOH B 2 .  ? -8.064  -7.871  4.115   1.00 24.26 ? 145 HOH A O   1 
HETATM 624 O O   . HOH B 2 .  ? 2.061   -9.371  -10.765 1.00 31.53 ? 146 HOH A O   1 
HETATM 625 O O   . HOH B 2 .  ? 7.851   -9.270  -4.041  1.00 26.54 ? 147 HOH A O   1 
HETATM 626 O O   . HOH B 2 .  ? 4.877   -7.587  14.349  1.00 32.11 ? 148 HOH A O   1 
HETATM 627 O O   . HOH B 2 .  ? 4.187   -11.350 7.640   1.00 30.97 ? 149 HOH A O   1 
HETATM 628 O O   . HOH B 2 .  ? -15.790 2.035   7.435   1.00 25.66 ? 150 HOH A O   1 
HETATM 629 O O   . HOH B 2 .  ? -7.023  11.354  3.917   1.00 31.41 ? 151 HOH A O   1 
HETATM 630 O O   . HOH B 2 .  ? 1.729   12.659  -11.756 1.00 25.11 ? 152 HOH A O   1 
HETATM 631 O O   . HOH B 2 .  ? 14.328  -6.688  -6.986  1.00 30.15 ? 153 HOH A O   1 
HETATM 632 O O   . HOH B 2 .  ? -8.477  -9.866  -0.459  1.00 36.36 ? 154 HOH A O   1 
HETATM 633 O O   . HOH B 2 .  ? 3.806   2.457   11.195  1.00 31.07 ? 155 HOH A O   1 
HETATM 634 O O   . HOH B 2 .  ? -0.192  -1.470  12.036  1.00 43.22 ? 156 HOH A O   1 
HETATM 635 O O   . HOH B 2 .  ? 2.698   -11.454 -8.879  1.00 35.82 ? 157 HOH A O   1 
HETATM 636 O O   . HOH B 2 .  ? 9.948   -4.171  6.306   1.00 30.06 ? 158 HOH A O   1 
HETATM 637 O O   . HOH B 2 .  ? -14.692 1.493   0.463   1.00 41.52 ? 159 HOH A O   1 
HETATM 638 O O   . HOH B 2 .  ? 12.060  -3.219  -13.850 0.50 38.01 ? 160 HOH A O   1 
HETATM 639 O O   . HOH B 2 .  ? 5.287   -6.476  11.483  1.00 35.41 ? 161 HOH A O   1 
HETATM 640 O O   . HOH B 2 .  ? 7.841   -3.910  7.733   1.00 39.74 ? 162 HOH A O   1 
HETATM 641 O O   . HOH B 2 .  ? -1.760  -2.488  -12.073 1.00 31.70 ? 163 HOH A O   1 
HETATM 642 O O   . HOH B 2 .  ? -10.232 9.314   1.919   1.00 37.77 ? 164 HOH A O   1 
HETATM 643 O O   . HOH B 2 .  ? -0.753  -12.345 0.903   1.00 33.46 ? 165 HOH A O   1 
HETATM 644 O O   . HOH B 2 .  ? -8.431  0.184   -9.548  1.00 34.90 ? 166 HOH A O   1 
HETATM 645 O O   . HOH B 2 .  ? -1.297  10.990  -10.807 1.00 39.41 ? 167 HOH A O   1 
HETATM 646 O O   . HOH B 2 .  ? -1.768  15.348  -4.687  1.00 39.40 ? 168 HOH A O   1 
HETATM 647 O O   . HOH B 2 .  ? 4.392   -0.552  13.325  1.00 36.89 ? 169 HOH A O   1 
HETATM 648 O O   . HOH B 2 .  ? -9.522  5.394   -1.704  1.00 32.95 ? 170 HOH A O   1 
HETATM 649 O O   . HOH B 2 .  ? -9.419  -8.904  2.015   1.00 45.05 ? 171 HOH A O   1 
HETATM 650 O O   . HOH B 2 .  ? -3.027  -10.199 -7.245  1.00 36.71 ? 172 HOH A O   1 
HETATM 651 O O   . HOH B 2 .  ? -2.195  6.157   10.221  1.00 41.17 ? 173 HOH A O   1 
# 
loop_
_atom_site_anisotrop.id 
_atom_site_anisotrop.type_symbol 
_atom_site_anisotrop.pdbx_label_atom_id 
_atom_site_anisotrop.pdbx_label_alt_id 
_atom_site_anisotrop.pdbx_label_comp_id 
_atom_site_anisotrop.pdbx_label_asym_id 
_atom_site_anisotrop.pdbx_label_seq_id 
_atom_site_anisotrop.pdbx_PDB_ins_code 
_atom_site_anisotrop.U[1][1] 
_atom_site_anisotrop.U[2][2] 
_atom_site_anisotrop.U[3][3] 
_atom_site_anisotrop.U[1][2] 
_atom_site_anisotrop.U[1][3] 
_atom_site_anisotrop.U[2][3] 
_atom_site_anisotrop.pdbx_auth_seq_id 
_atom_site_anisotrop.pdbx_auth_comp_id 
_atom_site_anisotrop.pdbx_auth_asym_id 
_atom_site_anisotrop.pdbx_auth_atom_id 
1   N N   . ALA A 8  ? 0.3052 0.2881 0.3188 0.0020  -0.0050 0.0021  66  ALA A N   
2   C CA  . ALA A 8  ? 0.2821 0.2807 0.2958 0.0035  -0.0074 -0.0037 66  ALA A CA  
3   C C   . ALA A 8  ? 0.2767 0.2760 0.2954 0.0050  -0.0070 -0.0001 66  ALA A C   
4   O O   . ALA A 8  ? 0.2792 0.2719 0.3242 0.0071  -0.0143 -0.0010 66  ALA A O   
5   C CB  . ALA A 8  ? 0.2769 0.2786 0.2953 0.0007  0.0030  0.0022  66  ALA A CB  
6   N N   . GLU A 9  ? 0.2920 0.2975 0.3031 0.0069  0.0037  0.0023  67  GLU A N   
7   C CA  . GLU A 9  ? 0.2801 0.2910 0.2936 0.0077  -0.0024 0.0035  67  GLU A CA  
8   C C   . GLU A 9  ? 0.2794 0.2832 0.2820 0.0104  -0.0006 0.0044  67  GLU A C   
9   O O   . GLU A 9  ? 0.2813 0.3076 0.2922 0.0057  -0.0104 0.0124  67  GLU A O   
10  C CB  . GLU A 9  ? 0.2815 0.3019 0.2804 0.0046  0.0040  0.0019  67  GLU A CB  
11  C CG  . GLU A 9  ? 0.2885 0.2946 0.3061 0.0209  -0.0073 0.0069  67  GLU A CG  
12  C CD  . GLU A 9  ? 0.2979 0.2932 0.3192 0.0132  0.0105  0.0097  67  GLU A CD  
13  O OE1 . GLU A 9  ? 0.3309 0.3886 0.4681 -0.0061 -0.0137 0.0034  67  GLU A OE1 
14  O OE2 . GLU A 9  ? 0.3437 0.2918 0.3049 0.0315  0.0030  0.0097  67  GLU A OE2 
15  N N   . THR A 10 ? 0.2763 0.2689 0.2659 0.0182  -0.0093 0.0231  68  THR A N   
16  C CA  . THR A 10 ? 0.3062 0.2923 0.2929 0.0019  0.0082  0.0142  68  THR A CA  
17  C C   . THR A 10 ? 0.2982 0.2793 0.2736 0.0097  -0.0016 0.0226  68  THR A C   
18  O O   . THR A 10 ? 0.3007 0.2718 0.2827 0.0172  0.0140  0.0392  68  THR A O   
19  C CB  . THR A 10 ? 0.3161 0.3295 0.3375 -0.0003 0.0153  0.0214  68  THR A CB  
20  O OG1 . THR A 10 ? 0.3842 0.3881 0.3907 -0.0003 -0.0197 0.0058  68  THR A OG1 
21  C CG2 . THR A 10 ? 0.3688 0.3574 0.3824 -0.0013 0.0231  -0.0101 68  THR A CG2 
22  N N   . VAL A 11 ? 0.2723 0.2767 0.2833 -0.0141 0.0115  0.0176  69  VAL A N   
23  C CA  . VAL A 11 ? 0.2541 0.2830 0.2866 0.0009  -0.0034 0.0065  69  VAL A CA  
24  C C   . VAL A 11 ? 0.2257 0.2564 0.2727 0.0080  -0.0027 0.0007  69  VAL A C   
25  O O   . VAL A 11 ? 0.2613 0.2876 0.2723 -0.0139 -0.0219 0.0042  69  VAL A O   
26  C CB  . VAL A 11 ? 0.2529 0.2802 0.2829 -0.0141 -0.0069 0.0022  69  VAL A CB  
27  C CG1 . VAL A 11 ? 0.2877 0.3294 0.3058 -0.0067 0.0124  -0.0088 69  VAL A CG1 
28  C CG2 . VAL A 11 ? 0.2595 0.2735 0.2565 0.0098  -0.0042 0.0225  69  VAL A CG2 
29  N N   . ALA A 12 ? 0.2272 0.2521 0.2513 0.0217  -0.0038 0.0095  70  ALA A N   
30  C CA  . ALA A 12 ? 0.1961 0.2209 0.2356 0.0163  -0.0241 0.0139  70  ALA A CA  
31  C C   . ALA A 12 ? 0.1753 0.2122 0.1952 0.0076  -0.0108 0.0012  70  ALA A C   
32  O O   . ALA A 12 ? 0.1312 0.1942 0.2201 -0.0094 -0.0048 -0.0081 70  ALA A O   
33  C CB  . ALA A 12 ? 0.2390 0.2324 0.2601 0.0003  -0.0287 -0.0003 70  ALA A CB  
34  N N   . PRO A 13 ? 0.1326 0.2125 0.2191 0.0176  0.0116  -0.0046 71  PRO A N   
35  C CA  . PRO A 13 ? 0.1427 0.2218 0.1961 -0.0040 0.0177  -0.0080 71  PRO A CA  
36  C C   . PRO A 13 ? 0.1564 0.2082 0.1804 -0.0025 0.0010  -0.0023 71  PRO A C   
37  O O   . PRO A 13 ? 0.1048 0.2277 0.1660 0.0025  0.0127  0.0077  71  PRO A O   
38  C CB  . PRO A 13 ? 0.1630 0.2407 0.2024 0.0016  0.0287  -0.0212 71  PRO A CB  
39  C CG  . PRO A 13 ? 0.1895 0.2716 0.2453 0.0155  0.0032  -0.0065 71  PRO A CG  
40  C CD  . PRO A 13 ? 0.1660 0.2289 0.2413 0.0360  0.0096  0.0067  71  PRO A CD  
41  N N   . GLU A 14 ? 0.1243 0.2221 0.1839 -0.0078 0.0027  -0.0030 72  GLU A N   
42  C CA  A GLU A 14 ? 0.1336 0.1986 0.1718 -0.0154 -0.0075 0.0003  72  GLU A CA  
43  C CA  B GLU A 14 ? 0.1750 0.2189 0.2099 -0.0073 0.0048  -0.0024 72  GLU A CA  
44  C C   . GLU A 14 ? 0.1382 0.1835 0.1586 -0.0202 -0.0198 -0.0044 72  GLU A C   
45  O O   . GLU A 14 ? 0.1279 0.2046 0.1665 -0.0212 -0.0063 0.0006  72  GLU A O   
46  C CB  A GLU A 14 ? 0.1754 0.2188 0.2194 -0.0232 -0.0196 -0.0180 72  GLU A CB  
47  C CB  B GLU A 14 ? 0.1964 0.2294 0.2383 -0.0143 -0.0068 -0.0179 72  GLU A CB  
48  C CG  A GLU A 14 ? 0.2077 0.2672 0.2641 -0.0253 0.0133  -0.0010 72  GLU A CG  
49  C CG  B GLU A 14 ? 0.2751 0.2794 0.2621 -0.0029 -0.0068 0.0007  72  GLU A CG  
50  C CD  A GLU A 14 ? 0.2744 0.2775 0.2913 -0.0094 -0.0090 0.0080  72  GLU A CD  
51  C CD  B GLU A 14 ? 0.2699 0.3103 0.2858 -0.0015 -0.0171 -0.0068 72  GLU A CD  
52  O OE1 A GLU A 14 ? 0.1079 0.2708 0.2516 0.0178  -0.0174 0.0106  72  GLU A OE1 
53  O OE1 B GLU A 14 ? 0.3710 0.3652 0.3966 -0.0338 0.0047  0.0057  72  GLU A OE1 
54  O OE2 A GLU A 14 ? 0.3298 0.3865 0.3809 0.0032  0.0427  0.0002  72  GLU A OE2 
55  O OE2 B GLU A 14 ? 0.3281 0.3512 0.3340 0.0033  -0.0127 0.0158  72  GLU A OE2 
56  N N   . PHE A 15 ? 0.1140 0.1878 0.1486 0.0012  -0.0244 0.0104  73  PHE A N   
57  C CA  . PHE A 15 ? 0.1102 0.1657 0.1474 -0.0123 -0.0150 -0.0019 73  PHE A CA  
58  C C   . PHE A 15 ? 0.1120 0.1318 0.1425 0.0004  -0.0118 0.0012  73  PHE A C   
59  O O   . PHE A 15 ? 0.1198 0.1551 0.1403 -0.0087 -0.0116 -0.0017 73  PHE A O   
60  C CB  . PHE A 15 ? 0.1292 0.1749 0.1385 -0.0133 -0.0306 0.0013  73  PHE A CB  
61  C CG  . PHE A 15 ? 0.1525 0.1536 0.1624 0.0081  0.0029  0.0202  73  PHE A CG  
62  C CD1 . PHE A 15 ? 0.1508 0.1787 0.1733 0.0041  0.0088  -0.0084 73  PHE A CD1 
63  C CD2 . PHE A 15 ? 0.1736 0.1601 0.1832 0.0003  -0.0087 0.0055  73  PHE A CD2 
64  C CE1 . PHE A 15 ? 0.1811 0.2067 0.2013 -0.0080 0.0207  -0.0028 73  PHE A CE1 
65  C CE2 . PHE A 15 ? 0.1573 0.1738 0.1534 0.0065  -0.0251 0.0351  73  PHE A CE2 
66  C CZ  . PHE A 15 ? 0.1495 0.1891 0.1829 0.0126  0.0008  0.0271  73  PHE A CZ  
67  N N   . ILE A 16 ? 0.0941 0.1443 0.1229 0.0010  -0.0021 0.0063  74  ILE A N   
68  C CA  A ILE A 16 ? 0.1006 0.1288 0.1150 -0.0103 -0.0065 0.0051  74  ILE A CA  
69  C CA  B ILE A 16 ? 0.1019 0.1301 0.1157 -0.0100 -0.0051 0.0055  74  ILE A CA  
70  C C   . ILE A 16 ? 0.1022 0.1326 0.1336 -0.0034 -0.0082 0.0081  74  ILE A C   
71  O O   . ILE A 16 ? 0.1005 0.1308 0.1279 -0.0145 0.0019  0.0119  74  ILE A O   
72  C CB  A ILE A 16 ? 0.1079 0.1288 0.1155 -0.0103 -0.0040 0.0060  74  ILE A CB  
73  C CB  B ILE A 16 ? 0.1103 0.1234 0.1186 -0.0098 0.0012  0.0087  74  ILE A CB  
74  C CG1 A ILE A 16 ? 0.1419 0.1476 0.1564 0.0071  -0.0080 0.0136  74  ILE A CG1 
75  C CG1 B ILE A 16 ? 0.0906 0.1257 0.1255 0.0046  0.0111  0.0145  74  ILE A CG1 
76  C CG2 A ILE A 16 ? 0.1102 0.1295 0.1265 -0.0075 -0.0171 -0.0021 74  ILE A CG2 
77  C CG2 B ILE A 16 ? 0.1226 0.1695 0.1406 -0.0025 -0.0106 -0.0021 74  ILE A CG2 
78  C CD1 A ILE A 16 ? 0.1773 0.2168 0.2189 -0.0219 0.0016  0.0002  74  ILE A CD1 
79  C CD1 B ILE A 16 ? 0.0848 0.1129 0.1216 0.0043  0.0004  0.0047  74  ILE A CD1 
80  N N   . VAL A 17 ? 0.1051 0.1335 0.1455 -0.0166 -0.0051 -0.0024 75  VAL A N   
81  C CA  . VAL A 17 ? 0.1253 0.1542 0.1519 -0.0144 -0.0003 0.0053  75  VAL A CA  
82  C C   . VAL A 17 ? 0.1217 0.1345 0.1504 -0.0294 -0.0120 0.0143  75  VAL A C   
83  O O   . VAL A 17 ? 0.1271 0.1417 0.1598 -0.0151 0.0010  -0.0053 75  VAL A O   
84  C CB  . VAL A 17 ? 0.1571 0.1883 0.1876 -0.0213 0.0137  0.0062  75  VAL A CB  
85  C CG1 . VAL A 17 ? 0.1820 0.1880 0.2473 -0.0033 0.0427  0.0017  75  VAL A CG1 
86  C CG2 . VAL A 17 ? 0.1791 0.1901 0.2045 -0.0311 0.0203  -0.0024 75  VAL A CG2 
87  N N   . LYS A 18 ? 0.1280 0.1531 0.1520 -0.0280 0.0052  -0.0037 76  LYS A N   
88  C CA  . LYS A 18 ? 0.1505 0.1796 0.1801 -0.0051 -0.0099 -0.0166 76  LYS A CA  
89  C C   . LYS A 18 ? 0.1402 0.1448 0.1452 -0.0110 -0.0061 -0.0050 76  LYS A C   
90  O O   . LYS A 18 ? 0.1561 0.1447 0.1594 -0.0112 -0.0107 -0.0124 76  LYS A O   
91  C CB  . LYS A 18 ? 0.1516 0.1831 0.1974 -0.0152 -0.0235 -0.0189 76  LYS A CB  
92  C CG  . LYS A 18 ? 0.2147 0.2678 0.2226 0.0049  -0.0008 -0.0342 76  LYS A CG  
93  C CD  . LYS A 18 ? 0.2683 0.2756 0.2379 0.0330  0.0100  -0.0081 76  LYS A CD  
94  C CE  . LYS A 18 ? 0.2676 0.3033 0.2621 -0.0066 -0.0318 0.0071  76  LYS A CE  
95  N NZ  . LYS A 18 ? 0.2319 0.2932 0.2471 -0.0444 -0.0300 -0.0249 76  LYS A NZ  
96  N N   . VAL A 19 ? 0.1162 0.1268 0.1263 0.0035  -0.0045 0.0004  77  VAL A N   
97  C CA  . VAL A 19 ? 0.1117 0.1235 0.1232 0.0009  0.0074  -0.0011 77  VAL A CA  
98  C C   . VAL A 19 ? 0.1197 0.1275 0.1401 -0.0009 0.0075  0.0133  77  VAL A C   
99  O O   . VAL A 19 ? 0.1253 0.1218 0.1256 0.0088  0.0134  0.0162  77  VAL A O   
100 C CB  . VAL A 19 ? 0.1071 0.1247 0.1269 0.0073  -0.0086 -0.0112 77  VAL A CB  
101 C CG1 . VAL A 19 ? 0.1131 0.1578 0.1492 0.0011  0.0009  0.0192  77  VAL A CG1 
102 C CG2 . VAL A 19 ? 0.1395 0.1438 0.1287 -0.0022 -0.0005 0.0104  77  VAL A CG2 
103 N N   . ARG A 20 ? 0.1167 0.1117 0.1294 -0.0059 0.0037  0.0096  78  ARG A N   
104 C CA  . ARG A 20 ? 0.1130 0.1284 0.1413 -0.0010 0.0094  0.0147  78  ARG A CA  
105 C C   . ARG A 20 ? 0.1291 0.1446 0.1594 -0.0052 0.0078  0.0103  78  ARG A C   
106 O O   . ARG A 20 ? 0.1295 0.1399 0.1661 -0.0006 0.0031  0.0222  78  ARG A O   
107 C CB  . ARG A 20 ? 0.1075 0.1414 0.1212 -0.0144 0.0089  0.0119  78  ARG A CB  
108 C CG  . ARG A 20 ? 0.1396 0.1610 0.1388 -0.0076 -0.0191 0.0043  78  ARG A CG  
109 C CD  . ARG A 20 ? 0.1200 0.1677 0.1559 -0.0141 -0.0121 -0.0007 78  ARG A CD  
110 N NE  . ARG A 20 ? 0.1148 0.1539 0.1364 -0.0175 -0.0019 0.0179  78  ARG A NE  
111 C CZ  . ARG A 20 ? 0.1386 0.1458 0.1427 0.0011  -0.0054 0.0127  78  ARG A CZ  
112 N NH1 . ARG A 20 ? 0.1345 0.1707 0.2093 -0.0044 0.0190  0.0347  78  ARG A NH1 
113 N NH2 . ARG A 20 ? 0.1409 0.1843 0.2244 -0.0182 0.0081  0.0039  78  ARG A NH2 
114 N N   . LYS A 21 ? 0.1422 0.1357 0.2022 0.0006  -0.0070 0.0173  79  LYS A N   
115 C CA  . LYS A 21 ? 0.1748 0.1459 0.2002 -0.0112 -0.0110 0.0233  79  LYS A CA  
116 C C   . LYS A 21 ? 0.1847 0.1595 0.2065 -0.0068 -0.0024 0.0140  79  LYS A C   
117 O O   . LYS A 21 ? 0.2070 0.1537 0.2387 0.0050  0.0011  0.0019  79  LYS A O   
118 C CB  . LYS A 21 ? 0.1796 0.1609 0.2185 -0.0237 -0.0110 -0.0049 79  LYS A CB  
119 C CG  . LYS A 21 ? 0.2330 0.2138 0.2370 -0.0173 0.0187  0.0151  79  LYS A CG  
120 C CD  . LYS A 21 ? 0.2748 0.2521 0.3137 -0.0227 0.0030  -0.0168 79  LYS A CD  
121 C CE  . LYS A 21 ? 0.3390 0.3268 0.3151 -0.0054 0.0242  0.0161  79  LYS A CE  
122 N NZ  . LYS A 21 ? 0.3705 0.3803 0.3829 -0.0229 0.0036  0.0028  79  LYS A NZ  
123 N N   . LYS A 22 ? 0.1778 0.1504 0.1964 -0.0093 -0.0074 -0.0110 80  LYS A N   
124 C CA  . LYS A 22 ? 0.2202 0.1706 0.2242 -0.0025 0.0054  -0.0107 80  LYS A CA  
125 C C   . LYS A 22 ? 0.2156 0.1721 0.1921 0.0125  0.0107  -0.0051 80  LYS A C   
126 O O   . LYS A 22 ? 0.2433 0.1702 0.2267 0.0388  0.0050  -0.0013 80  LYS A O   
127 C CB  . LYS A 22 ? 0.2295 0.2381 0.2227 0.0170  -0.0107 -0.0078 80  LYS A CB  
128 C CG  . LYS A 22 ? 0.2711 0.2611 0.2522 0.0100  0.0121  0.0029  80  LYS A CG  
129 C CD  . LYS A 22 ? 0.3002 0.2847 0.2822 -0.0143 0.0059  0.0174  80  LYS A CD  
130 C CE  . LYS A 22 ? 0.3279 0.3111 0.3055 -0.0053 -0.0160 0.0066  80  LYS A CE  
131 N NZ  . LYS A 22 ? 0.2882 0.2271 0.2823 -0.0423 -0.0311 -0.0117 80  LYS A NZ  
132 N N   . LEU A 23 ? 0.1826 0.1258 0.1567 0.0019  0.0145  0.0084  81  LEU A N   
133 C CA  . LEU A 23 ? 0.1799 0.1527 0.1705 0.0137  0.0080  0.0064  81  LEU A CA  
134 C C   . LEU A 23 ? 0.1740 0.1441 0.1744 0.0176  -0.0025 -0.0021 81  LEU A C   
135 O O   . LEU A 23 ? 0.1787 0.1362 0.1759 0.0268  0.0069  0.0241  81  LEU A O   
136 C CB  . LEU A 23 ? 0.1468 0.1593 0.1394 0.0064  0.0024  0.0068  81  LEU A CB  
137 C CG  . LEU A 23 ? 0.1151 0.1509 0.1446 0.0332  0.0111  0.0117  81  LEU A CG  
138 C CD1 . LEU A 23 ? 0.1474 0.1580 0.1833 -0.0141 0.0042  0.0167  81  LEU A CD1 
139 C CD2 . LEU A 23 ? 0.1666 0.2152 0.1525 0.0345  0.0222  0.0071  81  LEU A CD2 
140 N N   . SER A 24 ? 0.1823 0.1321 0.1673 0.0255  0.0053  -0.0043 82  SER A N   
141 C CA  A SER A 24 ? 0.1872 0.1520 0.1866 0.0180  0.0011  0.0115  82  SER A CA  
142 C CA  B SER A 24 ? 0.1867 0.1663 0.1832 0.0106  0.0023  0.0064  82  SER A CA  
143 C C   . SER A 24 ? 0.1725 0.1556 0.1843 0.0180  0.0027  0.0072  82  SER A C   
144 O O   . SER A 24 ? 0.2500 0.1535 0.2130 0.0529  -0.0076 0.0114  82  SER A O   
145 C CB  A SER A 24 ? 0.2071 0.1761 0.2158 0.0229  0.0002  0.0190  82  SER A CB  
146 C CB  B SER A 24 ? 0.1954 0.1829 0.2011 0.0123  0.0009  0.0026  82  SER A CB  
147 O OG  A SER A 24 ? 0.3011 0.1662 0.2619 0.0257  -0.0342 0.0125  82  SER A OG  
148 O OG  B SER A 24 ? 0.2402 0.2184 0.2252 -0.0045 0.0116  0.0128  82  SER A OG  
149 N N   . LEU A 25 ? 0.1482 0.1100 0.1761 0.0050  0.0161  0.0165  83  LEU A N   
150 C CA  . LEU A 25 ? 0.1383 0.1186 0.1477 0.0008  0.0156  0.0212  83  LEU A CA  
151 C C   . LEU A 25 ? 0.1429 0.1112 0.1459 -0.0069 0.0081  0.0149  83  LEU A C   
152 O O   . LEU A 25 ? 0.1425 0.1599 0.1591 0.0058  0.0217  0.0258  83  LEU A O   
153 C CB  . LEU A 25 ? 0.1449 0.1084 0.1288 0.0127  0.0066  0.0144  83  LEU A CB  
154 C CG  . LEU A 25 ? 0.1531 0.1286 0.1322 -0.0031 0.0136  0.0332  83  LEU A CG  
155 C CD1 . LEU A 25 ? 0.1715 0.1190 0.1649 -0.0087 0.0224  0.0231  83  LEU A CD1 
156 C CD2 . LEU A 25 ? 0.1236 0.1789 0.1905 0.0115  0.0031  0.0249  83  LEU A CD2 
157 N N   . THR A 26 ? 0.1278 0.1198 0.1364 0.0177  0.0069  0.0247  84  THR A N   
158 C CA  . THR A 26 ? 0.1414 0.1197 0.1350 0.0237  0.0206  0.0232  84  THR A CA  
159 C C   . THR A 26 ? 0.1213 0.1176 0.1457 0.0070  0.0126  0.0157  84  THR A C   
160 O O   . THR A 26 ? 0.1096 0.1052 0.1318 0.0131  0.0063  0.0333  84  THR A O   
161 C CB  . THR A 26 ? 0.1396 0.1171 0.1341 0.0219  0.0311  0.0228  84  THR A CB  
162 O OG1 . THR A 26 ? 0.1540 0.1591 0.1580 0.0104  -0.0021 0.0456  84  THR A OG1 
163 C CG2 . THR A 26 ? 0.1802 0.1186 0.1794 0.0202  0.0088  0.0586  84  THR A CG2 
164 N N   . GLN A 27 ? 0.1231 0.1107 0.1184 0.0076  0.0174  0.0234  85  GLN A N   
165 C CA  . GLN A 27 ? 0.1104 0.1013 0.1002 0.0054  0.0171  0.0285  85  GLN A CA  
166 C C   . GLN A 27 ? 0.1046 0.1067 0.1070 0.0085  0.0091  0.0217  85  GLN A C   
167 O O   . GLN A 27 ? 0.1042 0.1184 0.1260 -0.0050 0.0174  0.0265  85  GLN A O   
168 C CB  . GLN A 27 ? 0.1232 0.1034 0.0869 0.0079  0.0197  0.0308  85  GLN A CB  
169 C CG  . GLN A 27 ? 0.1053 0.1087 0.1227 0.0148  0.0200  0.0116  85  GLN A CG  
170 C CD  . GLN A 27 ? 0.1052 0.1219 0.1139 -0.0115 0.0058  0.0065  85  GLN A CD  
171 O OE1 . GLN A 27 ? 0.1286 0.1819 0.1392 -0.0097 0.0257  0.0101  85  GLN A OE1 
172 N NE2 . GLN A 27 ? 0.1164 0.1388 0.1453 -0.0245 0.0175  0.0293  85  GLN A NE2 
173 N N   . LYS A 28 ? 0.1237 0.1359 0.1214 0.0058  0.0093  0.0404  86  LYS A N   
174 C CA  . LYS A 28 ? 0.1324 0.1459 0.1362 -0.0104 0.0172  0.0248  86  LYS A CA  
175 C C   . LYS A 28 ? 0.1189 0.1340 0.1199 -0.0061 -0.0138 0.0131  86  LYS A C   
176 O O   . LYS A 28 ? 0.1139 0.1482 0.1486 -0.0096 -0.0058 0.0253  86  LYS A O   
177 C CB  . LYS A 28 ? 0.1509 0.1745 0.1449 -0.0020 0.0194  0.0349  86  LYS A CB  
178 C CG  . LYS A 28 ? 0.1950 0.2198 0.1747 -0.0095 0.0072  0.0240  86  LYS A CG  
179 C CD  . LYS A 28 ? 0.2474 0.2474 0.1930 -0.0067 0.0106  0.0404  86  LYS A CD  
180 C CE  . LYS A 28 ? 0.3214 0.2949 0.2722 -0.0262 -0.0225 0.0214  86  LYS A CE  
181 N NZ  . LYS A 28 ? 0.3754 0.3856 0.3799 0.0046  0.0002  0.0289  86  LYS A NZ  
182 N N   . GLU A 29 ? 0.1324 0.1327 0.1131 -0.0005 0.0141  0.0229  87  GLU A N   
183 C CA  . GLU A 29 ? 0.1093 0.1590 0.1040 0.0131  0.0072  0.0254  87  GLU A CA  
184 C C   . GLU A 29 ? 0.1151 0.1216 0.1317 -0.0104 0.0000  0.0288  87  GLU A C   
185 O O   . GLU A 29 ? 0.1022 0.1649 0.1346 -0.0151 -0.0076 0.0393  87  GLU A O   
186 C CB  . GLU A 29 ? 0.1093 0.1403 0.1374 0.0046  0.0008  0.0342  87  GLU A CB  
187 C CG  . GLU A 29 ? 0.1402 0.1700 0.1522 0.0273  -0.0114 0.0456  87  GLU A CG  
188 C CD  . GLU A 29 ? 0.1965 0.1878 0.1937 0.0170  -0.0173 0.0259  87  GLU A CD  
189 O OE1 . GLU A 29 ? 0.1665 0.1562 0.1633 0.0374  0.0043  0.0316  87  GLU A OE1 
190 O OE2 . GLU A 29 ? 0.3241 0.2680 0.3203 0.1073  -0.0755 0.0607  87  GLU A OE2 
191 N N   . ALA A 30 ? 0.0926 0.1196 0.1071 -0.0010 0.0070  0.0261  88  ALA A N   
192 C CA  . ALA A 30 ? 0.0746 0.1179 0.1271 -0.0044 0.0201  0.0203  88  ALA A CA  
193 C C   . ALA A 30 ? 0.0919 0.1096 0.1036 -0.0052 0.0062  0.0063  88  ALA A C   
194 O O   . ALA A 30 ? 0.1040 0.1158 0.1230 -0.0187 0.0093  0.0101  88  ALA A O   
195 C CB  . ALA A 30 ? 0.0880 0.1242 0.1342 -0.0201 -0.0089 0.0247  88  ALA A CB  
196 N N   . SER A 31 ? 0.1026 0.1265 0.1120 -0.0053 0.0194  0.0098  89  SER A N   
197 C CA  . SER A 31 ? 0.1348 0.1301 0.1103 0.0014  0.0152  0.0084  89  SER A CA  
198 C C   . SER A 31 ? 0.1485 0.1235 0.1141 -0.0064 0.0133  -0.0067 89  SER A C   
199 O O   . SER A 31 ? 0.1807 0.1508 0.1400 -0.0364 0.0227  0.0005  89  SER A O   
200 C CB  . SER A 31 ? 0.1511 0.1385 0.1208 -0.0040 0.0162  0.0027  89  SER A CB  
201 O OG  . SER A 31 ? 0.1374 0.1908 0.1490 0.0160  0.0051  0.0086  89  SER A OG  
202 N N   . GLU A 32 ? 0.1346 0.1530 0.1359 -0.0153 0.0008  0.0070  90  GLU A N   
203 C CA  . GLU A 32 ? 0.1604 0.2026 0.1644 -0.0154 -0.0053 -0.0060 90  GLU A CA  
204 C C   . GLU A 32 ? 0.1479 0.1733 0.1574 -0.0163 0.0017  -0.0122 90  GLU A C   
205 O O   . GLU A 32 ? 0.1874 0.2298 0.1921 -0.0619 0.0097  -0.0083 90  GLU A O   
206 C CB  . GLU A 32 ? 0.1576 0.2226 0.1823 -0.0094 -0.0192 0.0063  90  GLU A CB  
207 C CG  . GLU A 32 ? 0.2032 0.2625 0.2193 -0.0182 -0.0061 -0.0036 90  GLU A CG  
208 C CD  . GLU A 32 ? 0.2400 0.2646 0.2476 -0.0002 -0.0005 0.0183  90  GLU A CD  
209 O OE1 . GLU A 32 ? 0.2987 0.2901 0.2703 0.0221  -0.0120 0.0171  90  GLU A OE1 
210 O OE2 . GLU A 32 ? 0.3636 0.3631 0.2708 -0.0198 -0.0179 0.0179  90  GLU A OE2 
211 N N   . ILE A 33 ? 0.1112 0.1601 0.1184 -0.0195 0.0012  0.0056  91  ILE A N   
212 C CA  . ILE A 33 ? 0.1147 0.1517 0.1341 -0.0101 0.0139  0.0052  91  ILE A CA  
213 C C   . ILE A 33 ? 0.1030 0.1419 0.1074 -0.0253 0.0076  0.0153  91  ILE A C   
214 O O   . ILE A 33 ? 0.1130 0.1533 0.1531 -0.0363 0.0181  0.0186  91  ILE A O   
215 C CB  . ILE A 33 ? 0.1191 0.1445 0.1292 -0.0047 0.0125  0.0173  91  ILE A CB  
216 C CG1 . ILE A 33 ? 0.0958 0.1744 0.1782 0.0074  0.0051  0.0020  91  ILE A CG1 
217 C CG2 . ILE A 33 ? 0.1553 0.1811 0.1517 -0.0097 0.0368  -0.0090 91  ILE A CG2 
218 C CD1 . ILE A 33 ? 0.1762 0.1457 0.2167 -0.0019 0.0096  0.0060  91  ILE A CD1 
219 N N   . PHE A 34 ? 0.0902 0.1387 0.1290 -0.0065 0.0103  0.0154  92  PHE A N   
220 C CA  . PHE A 34 ? 0.0988 0.1280 0.1145 -0.0098 0.0242  0.0125  92  PHE A CA  
221 C C   . PHE A 34 ? 0.1031 0.1216 0.1400 -0.0126 0.0074  0.0131  92  PHE A C   
222 O O   . PHE A 34 ? 0.1482 0.1171 0.1434 -0.0303 0.0151  0.0074  92  PHE A O   
223 C CB  . PHE A 34 ? 0.1284 0.1111 0.1159 -0.0210 0.0092  0.0255  92  PHE A CB  
224 C CG  . PHE A 34 ? 0.1300 0.1068 0.1174 -0.0385 0.0130  0.0064  92  PHE A CG  
225 C CD1 . PHE A 34 ? 0.2781 0.2091 0.1672 -0.0301 0.0538  -0.0034 92  PHE A CD1 
226 C CD2 . PHE A 34 ? 0.1062 0.1005 0.1327 -0.0159 0.0130  0.0066  92  PHE A CD2 
227 C CE1 . PHE A 34 ? 0.2843 0.2063 0.2228 -0.0441 0.0429  -0.0148 92  PHE A CE1 
228 C CE2 . PHE A 34 ? 0.1434 0.1381 0.1200 -0.0287 0.0051  0.0203  92  PHE A CE2 
229 C CZ  . PHE A 34 ? 0.2589 0.1629 0.1635 -0.0276 0.0395  -0.0338 92  PHE A CZ  
230 N N   . GLY A 35 ? 0.1747 0.1284 0.1391 -0.0171 0.0074  0.0014  93  GLY A N   
231 C CA  . GLY A 35 ? 0.1651 0.1522 0.1593 -0.0277 0.0163  -0.0203 93  GLY A CA  
232 C C   . GLY A 35 ? 0.1903 0.1807 0.1875 -0.0160 0.0161  -0.0066 93  GLY A C   
233 O O   . GLY A 35 ? 0.1770 0.1898 0.2012 -0.0012 0.0197  -0.0306 93  GLY A O   
234 N N   . GLY A 36 ? 0.1928 0.1865 0.2166 -0.0185 0.0235  -0.0289 94  GLY A N   
235 C CA  . GLY A 36 ? 0.2296 0.2255 0.2386 -0.0033 0.0159  -0.0076 94  GLY A CA  
236 C C   . GLY A 36 ? 0.2351 0.2327 0.2353 -0.0059 0.0071  -0.0252 94  GLY A C   
237 O O   . GLY A 36 ? 0.2477 0.2904 0.2825 0.0094  0.0189  -0.0527 94  GLY A O   
238 N N   . GLY A 37 ? 0.2492 0.2576 0.2237 -0.0112 0.0165  -0.0183 95  GLY A N   
239 C CA  . GLY A 37 ? 0.2734 0.2812 0.2308 -0.0077 0.0073  -0.0117 95  GLY A CA  
240 C C   . GLY A 37 ? 0.2835 0.2886 0.2713 -0.0121 0.0041  -0.0087 95  GLY A C   
241 O O   . GLY A 37 ? 0.2327 0.2707 0.2166 -0.0002 -0.0035 -0.0020 95  GLY A O   
242 N N   . VAL A 38 ? 0.3338 0.3357 0.3095 -0.0105 -0.0089 0.0055  96  VAL A N   
243 C CA  A VAL A 38 ? 0.3368 0.3353 0.3281 -0.0050 -0.0067 0.0002  96  VAL A CA  
244 C CA  B VAL A 38 ? 0.3363 0.3346 0.3238 -0.0049 -0.0082 -0.0004 96  VAL A CA  
245 C C   . VAL A 38 ? 0.3247 0.3267 0.3161 0.0005  0.0006  -0.0008 96  VAL A C   
246 O O   . VAL A 38 ? 0.3441 0.3592 0.3335 -0.0087 -0.0112 -0.0240 96  VAL A O   
247 C CB  A VAL A 38 ? 0.3548 0.3545 0.3375 0.0002  -0.0011 0.0016  96  VAL A CB  
248 C CB  B VAL A 38 ? 0.3547 0.3481 0.3313 0.0019  0.0002  -0.0004 96  VAL A CB  
249 C CG1 A VAL A 38 ? 0.3719 0.3623 0.3624 -0.0027 -0.0038 0.0071  96  VAL A CG1 
250 C CG1 B VAL A 38 ? 0.3602 0.3817 0.3602 0.0027  -0.0033 -0.0002 96  VAL A CG1 
251 C CG2 A VAL A 38 ? 0.3597 0.3659 0.3600 0.0000  -0.0059 0.0005  96  VAL A CG2 
252 C CG2 B VAL A 38 ? 0.3389 0.3469 0.3126 0.0093  -0.0108 -0.0044 96  VAL A CG2 
253 N N   . ASN A 39 ? 0.2793 0.2925 0.2299 -0.0033 -0.0025 -0.0006 97  ASN A N   
254 C CA  . ASN A 39 ? 0.2606 0.2660 0.2480 -0.0030 0.0111  0.0004  97  ASN A CA  
255 C C   . ASN A 39 ? 0.2096 0.2016 0.2299 0.0048  0.0050  0.0008  97  ASN A C   
256 O O   . ASN A 39 ? 0.2457 0.2349 0.2051 0.0031  0.0110  -0.0289 97  ASN A O   
257 C CB  . ASN A 39 ? 0.3073 0.3120 0.2908 0.0014  0.0129  -0.0030 97  ASN A CB  
258 C CG  . ASN A 39 ? 0.3285 0.3358 0.3194 0.0061  0.0045  0.0229  97  ASN A CG  
259 O OD1 . ASN A 39 ? 0.3394 0.3249 0.2804 -0.0156 0.0089  0.0303  97  ASN A OD1 
260 N ND2 . ASN A 39 ? 0.4348 0.4264 0.3998 0.0072  0.0118  -0.0178 97  ASN A ND2 
261 N N   . ALA A 40 ? 0.2078 0.1716 0.1734 0.0147  -0.0028 -0.0022 98  ALA A N   
262 C CA  . ALA A 40 ? 0.1735 0.1404 0.1677 0.0186  -0.0059 0.0041  98  ALA A CA  
263 C C   . ALA A 40 ? 0.1573 0.1285 0.1471 0.0121  0.0030  0.0026  98  ALA A C   
264 O O   . ALA A 40 ? 0.1381 0.1495 0.1623 0.0045  0.0010  0.0175  98  ALA A O   
265 C CB  . ALA A 40 ? 0.1992 0.1826 0.1796 -0.0110 0.0003  0.0336  98  ALA A CB  
266 N N   . PHE A 41 ? 0.1587 0.1367 0.1381 0.0122  -0.0017 0.0096  99  PHE A N   
267 C CA  . PHE A 41 ? 0.1260 0.1303 0.1315 0.0049  -0.0041 0.0161  99  PHE A CA  
268 C C   . PHE A 41 ? 0.1504 0.1318 0.1383 0.0113  0.0099  0.0108  99  PHE A C   
269 O O   . PHE A 41 ? 0.1100 0.1237 0.1491 0.0004  0.0352  0.0060  99  PHE A O   
270 C CB  . PHE A 41 ? 0.1138 0.1380 0.1357 0.0114  0.0054  0.0190  99  PHE A CB  
271 C CG  . PHE A 41 ? 0.1033 0.1135 0.1253 -0.0049 0.0074  0.0217  99  PHE A CG  
272 C CD1 . PHE A 41 ? 0.1119 0.1591 0.1502 0.0142  -0.0115 -0.0011 99  PHE A CD1 
273 C CD2 . PHE A 41 ? 0.1135 0.1490 0.1204 0.0061  -0.0076 0.0176  99  PHE A CD2 
274 C CE1 . PHE A 41 ? 0.0939 0.1513 0.1887 -0.0018 0.0027  0.0085  99  PHE A CE1 
275 C CE2 . PHE A 41 ? 0.1172 0.1723 0.1231 0.0074  0.0010  0.0163  99  PHE A CE2 
276 C CZ  . PHE A 41 ? 0.1153 0.1519 0.1660 0.0088  0.0198  0.0253  99  PHE A CZ  
277 N N   . SER A 42 ? 0.1712 0.1416 0.1564 0.0098  0.0163  0.0066  100 SER A N   
278 C CA  A SER A 42 ? 0.1771 0.1810 0.1883 -0.0019 0.0153  0.0008  100 SER A CA  
279 C CA  B SER A 42 ? 0.1750 0.1777 0.1814 -0.0027 0.0150  0.0003  100 SER A CA  
280 C CA  C SER A 42 ? 0.1785 0.1803 0.1858 -0.0019 0.0147  0.0005  100 SER A CA  
281 C C   . SER A 42 ? 0.1818 0.1951 0.1911 -0.0036 0.0227  0.0063  100 SER A C   
282 O O   . SER A 42 ? 0.1742 0.2135 0.2363 -0.0103 0.0361  -0.0053 100 SER A O   
283 C CB  A SER A 42 ? 0.1875 0.1831 0.1878 -0.0039 0.0107  0.0112  100 SER A CB  
284 C CB  B SER A 42 ? 0.1807 0.1855 0.1803 -0.0041 0.0104  0.0051  100 SER A CB  
285 C CB  C SER A 42 ? 0.1899 0.1888 0.1863 -0.0079 0.0130  0.0083  100 SER A CB  
286 O OG  A SER A 42 ? 0.1955 0.2287 0.2503 0.0038  0.0278  0.0004  100 SER A OG  
287 O OG  B SER A 42 ? 0.1879 0.1794 0.1666 -0.0208 0.0095  0.0111  100 SER A OG  
288 O OG  C SER A 42 ? 0.2513 0.2224 0.2300 0.0160  -0.0058 0.0068  100 SER A OG  
289 N N   . ARG A 43 ? 0.1512 0.1661 0.1667 0.0031  0.0501  0.0148  101 ARG A N   
290 C CA  . ARG A 43 ? 0.1703 0.1807 0.1753 0.0046  0.0365  0.0011  101 ARG A CA  
291 C C   . ARG A 43 ? 0.1469 0.1556 0.1732 -0.0038 0.0148  0.0044  101 ARG A C   
292 O O   . ARG A 43 ? 0.1395 0.2087 0.1904 -0.0060 0.0433  0.0010  101 ARG A O   
293 C CB  . ARG A 43 ? 0.2005 0.1801 0.1855 -0.0021 0.0245  -0.0040 101 ARG A CB  
294 C CG  . ARG A 43 ? 0.2692 0.2630 0.2087 0.0099  0.0203  0.0149  101 ARG A CG  
295 C CD  . ARG A 43 ? 0.4093 0.3439 0.3694 0.0091  0.0047  -0.0273 101 ARG A CD  
296 N NE  . ARG A 43 ? 0.4329 0.4218 0.4211 -0.0091 0.0095  -0.0077 101 ARG A NE  
297 C CZ  . ARG A 43 ? 0.4521 0.4673 0.4645 -0.0024 0.0001  -0.0070 101 ARG A CZ  
298 N NH1 . ARG A 43 ? 0.4873 0.4847 0.4858 0.0025  -0.0036 0.0040  101 ARG A NH1 
299 N NH2 . ARG A 43 ? 0.4528 0.4684 0.4658 -0.0073 -0.0001 -0.0019 101 ARG A NH2 
300 N N   . TYR A 44 ? 0.1291 0.1398 0.1719 -0.0045 0.0293  0.0023  102 TYR A N   
301 C CA  . TYR A 44 ? 0.1152 0.1438 0.1667 0.0162  0.0059  -0.0055 102 TYR A CA  
302 C C   . TYR A 44 ? 0.1166 0.1573 0.1689 0.0115  0.0104  0.0071  102 TYR A C   
303 O O   . TYR A 44 ? 0.1284 0.1861 0.1900 -0.0057 0.0038  0.0221  102 TYR A O   
304 C CB  . TYR A 44 ? 0.1227 0.1531 0.1651 0.0189  0.0177  -0.0008 102 TYR A CB  
305 C CG  . TYR A 44 ? 0.1300 0.1466 0.1514 0.0080  0.0149  0.0227  102 TYR A CG  
306 C CD1 . TYR A 44 ? 0.1249 0.1563 0.1621 -0.0095 0.0087  0.0198  102 TYR A CD1 
307 C CD2 . TYR A 44 ? 0.1250 0.1460 0.1540 -0.0122 -0.0049 0.0438  102 TYR A CD2 
308 C CE1 . TYR A 44 ? 0.1751 0.1239 0.2239 -0.0104 0.0009  0.0137  102 TYR A CE1 
309 C CE2 . TYR A 44 ? 0.1204 0.1727 0.1907 -0.0155 -0.0021 0.0155  102 TYR A CE2 
310 C CZ  . TYR A 44 ? 0.1609 0.1807 0.2399 -0.0236 -0.0177 0.0148  102 TYR A CZ  
311 O OH  . TYR A 44 ? 0.2131 0.1976 0.3071 -0.0552 -0.0367 0.0180  102 TYR A OH  
312 N N   . GLU A 45 ? 0.1356 0.1501 0.1654 -0.0026 0.0115  -0.0030 103 GLU A N   
313 C CA  . GLU A 45 ? 0.1039 0.1622 0.1752 -0.0046 0.0131  0.0012  103 GLU A CA  
314 C C   . GLU A 45 ? 0.1354 0.1842 0.2038 -0.0253 0.0291  0.0093  103 GLU A C   
315 O O   . GLU A 45 ? 0.1327 0.2140 0.2599 -0.0061 0.0036  -0.0184 103 GLU A O   
316 C CB  . GLU A 45 ? 0.1392 0.1645 0.1745 0.0014  0.0390  -0.0062 103 GLU A CB  
317 C CG  . GLU A 45 ? 0.1132 0.1322 0.1611 -0.0011 0.0355  0.0034  103 GLU A CG  
318 C CD  . GLU A 45 ? 0.1535 0.1323 0.1665 0.0090  0.0241  0.0101  103 GLU A CD  
319 O OE1 . GLU A 45 ? 0.1308 0.1692 0.1503 -0.0207 0.0132  0.0131  103 GLU A OE1 
320 O OE2 . GLU A 45 ? 0.1138 0.1628 0.1805 -0.0069 0.0247  0.0118  103 GLU A OE2 
321 N N   . LYS A 46 ? 0.1420 0.2078 0.2497 -0.0067 0.0164  -0.0071 104 LYS A N   
322 C CA  A LYS A 46 ? 0.1632 0.2158 0.2441 -0.0071 0.0193  0.0001  104 LYS A CA  
323 C CA  B LYS A 46 ? 0.1753 0.2244 0.2547 -0.0060 0.0164  -0.0002 104 LYS A CA  
324 C C   . LYS A 46 ? 0.1732 0.2235 0.2417 0.0065  0.0204  0.0003  104 LYS A C   
325 O O   . LYS A 46 ? 0.1560 0.2708 0.2916 0.0268  0.0151  -0.0011 104 LYS A O   
326 C CB  A LYS A 46 ? 0.1861 0.2450 0.2539 -0.0093 0.0260  0.0027  104 LYS A CB  
327 C CB  B LYS A 46 ? 0.1874 0.2416 0.2574 -0.0099 0.0232  0.0020  104 LYS A CB  
328 C CG  A LYS A 46 ? 0.2221 0.2576 0.2679 0.0092  0.0059  -0.0010 104 LYS A CG  
329 C CG  B LYS A 46 ? 0.2301 0.2615 0.2739 0.0033  0.0045  0.0039  104 LYS A CG  
330 C CD  A LYS A 46 ? 0.2999 0.3034 0.2800 0.0080  -0.0020 0.0115  104 LYS A CD  
331 C CD  B LYS A 46 ? 0.2866 0.3004 0.2739 0.0024  0.0005  0.0065  104 LYS A CD  
332 C CE  A LYS A 46 ? 0.3031 0.2804 0.3090 0.0065  0.0068  0.0173  104 LYS A CE  
333 C CE  B LYS A 46 ? 0.3199 0.3252 0.3210 -0.0047 0.0050  -0.0005 104 LYS A CE  
334 N NZ  A LYS A 46 ? 0.3434 0.3219 0.3181 0.0155  0.0052  0.0087  104 LYS A NZ  
335 N NZ  B LYS A 46 ? 0.3325 0.2872 0.3076 0.0066  0.0039  0.0097  104 LYS A NZ  
336 N N   . GLY A 47 ? 0.1697 0.2067 0.2454 0.0103  0.0238  -0.0062 105 GLY A N   
337 C CA  . GLY A 47 ? 0.1483 0.2213 0.2178 -0.0006 0.0012  -0.0076 105 GLY A CA  
338 C C   . GLY A 47 ? 0.1799 0.2461 0.2439 -0.0017 0.0258  -0.0007 105 GLY A C   
339 O O   . GLY A 47 ? 0.1673 0.2687 0.2855 0.0190  0.0099  -0.0009 105 GLY A O   
340 N N   . ASN A 48 ? 0.1444 0.2108 0.2098 0.0070  0.0318  0.0166  106 ASN A N   
341 C CA  . ASN A 48 ? 0.1836 0.2120 0.2291 0.0086  0.0177  0.0019  106 ASN A CA  
342 C C   . ASN A 48 ? 0.1894 0.2220 0.2389 0.0053  0.0289  -0.0105 106 ASN A C   
343 O O   . ASN A 48 ? 0.1977 0.2541 0.2762 -0.0222 0.0608  -0.0213 106 ASN A O   
344 C CB  . ASN A 48 ? 0.1883 0.2267 0.2292 0.0249  0.0290  -0.0010 106 ASN A CB  
345 C CG  . ASN A 48 ? 0.2147 0.2410 0.2376 -0.0011 0.0189  0.0154  106 ASN A CG  
346 O OD1 . ASN A 48 ? 0.1979 0.2492 0.2485 -0.0046 0.0543  0.0208  106 ASN A OD1 
347 N ND2 . ASN A 48 ? 0.2332 0.2570 0.2541 0.0626  0.0801  0.0300  106 ASN A ND2 
348 N N   . ALA A 49 ? 0.1733 0.1917 0.2388 0.0134  0.0373  0.0066  107 ALA A N   
349 C CA  . ALA A 49 ? 0.1883 0.2005 0.2175 0.0017  0.0256  -0.0074 107 ALA A CA  
350 C C   . ALA A 49 ? 0.1638 0.2034 0.2229 -0.0020 0.0279  -0.0039 107 ALA A C   
351 O O   . ALA A 49 ? 0.1261 0.2074 0.2060 -0.0092 0.0084  0.0063  107 ALA A O   
352 C CB  . ALA A 49 ? 0.1900 0.2258 0.2378 0.0030  0.0174  -0.0056 107 ALA A CB  
353 N N   . MEQ A 50 ? 0.1775 0.1922 0.2429 0.0134  0.0293  -0.0070 108 MEQ A N   
354 C CA  . MEQ A 50 ? 0.2106 0.2304 0.2333 0.0075  0.0170  0.0190  108 MEQ A CA  
355 C CB  . MEQ A 50 ? 0.2557 0.2712 0.2635 0.0125  0.0250  0.0447  108 MEQ A CB  
356 C CG  . MEQ A 50 ? 0.3008 0.3452 0.3222 -0.0017 0.0135  0.0098  108 MEQ A CG  
357 C CD  . MEQ A 50 ? 0.3382 0.3507 0.3416 0.0133  0.0103  -0.0124 108 MEQ A CD  
358 O OE1 . MEQ A 50 ? 0.3688 0.3464 0.3775 0.0149  -0.0280 0.0248  108 MEQ A OE1 
359 N NE2 . MEQ A 50 ? 0.3611 0.3516 0.3308 -0.0014 0.0032  0.0169  108 MEQ A NE2 
360 C CE  . MEQ A 50 ? 0.1662 0.2312 0.2587 0.0223  0.0041  -0.0254 108 MEQ A CE  
361 C C   . MEQ A 50 ? 0.1883 0.1958 0.1916 -0.0049 0.0169  0.0160  108 MEQ A C   
362 O O   . MEQ A 50 ? 0.1889 0.2085 0.2237 0.0042  0.0467  -0.0099 108 MEQ A O   
363 N N   . PRO A 51 ? 0.1775 0.1878 0.1891 -0.0180 0.0279  0.0203  109 PRO A N   
364 C CA  . PRO A 51 ? 0.1712 0.1753 0.1809 -0.0096 0.0253  0.0180  109 PRO A CA  
365 C C   . PRO A 51 ? 0.1486 0.1546 0.1556 -0.0072 0.0220  0.0070  109 PRO A C   
366 O O   . PRO A 51 ? 0.1426 0.1825 0.1913 0.0085  0.0254  0.0195  109 PRO A O   
367 C CB  . PRO A 51 ? 0.1715 0.1684 0.1592 -0.0204 0.0108  0.0088  109 PRO A CB  
368 C CG  . PRO A 51 ? 0.1894 0.2105 0.1930 -0.0304 0.0220  -0.0078 109 PRO A CG  
369 C CD  . PRO A 51 ? 0.1920 0.1844 0.1983 -0.0222 0.0108  0.0175  109 PRO A CD  
370 N N   . HIS A 52 ? 0.1456 0.1426 0.1533 -0.0034 0.0187  0.0174  110 HIS A N   
371 C CA  . HIS A 52 ? 0.1342 0.1192 0.1407 -0.0059 0.0337  0.0124  110 HIS A CA  
372 C C   . HIS A 52 ? 0.1305 0.1274 0.1349 -0.0057 0.0147  0.0072  110 HIS A C   
373 O O   . HIS A 52 ? 0.1278 0.1242 0.1328 -0.0121 0.0238  0.0061  110 HIS A O   
374 C CB  . HIS A 52 ? 0.1586 0.1324 0.1327 -0.0027 0.0195  -0.0100 110 HIS A CB  
375 C CG  . HIS A 52 ? 0.1555 0.1397 0.1376 -0.0196 0.0076  0.0150  110 HIS A CG  
376 N ND1 . HIS A 52 ? 0.1447 0.1540 0.1315 -0.0067 0.0159  -0.0148 110 HIS A ND1 
377 C CD2 . HIS A 52 ? 0.1681 0.1586 0.1433 -0.0232 0.0256  -0.0086 110 HIS A CD2 
378 C CE1 . HIS A 52 ? 0.1407 0.1717 0.1270 -0.0141 0.0174  -0.0009 110 HIS A CE1 
379 N NE2 . HIS A 52 ? 0.1624 0.1782 0.1544 -0.0251 0.0198  -0.0045 110 HIS A NE2 
380 N N   . PRO A 53 ? 0.1164 0.1081 0.1344 0.0060  0.0149  -0.0035 111 PRO A N   
381 C CA  . PRO A 53 ? 0.1189 0.1087 0.1280 -0.0115 0.0060  0.0076  111 PRO A CA  
382 C C   . PRO A 53 ? 0.1066 0.0985 0.1103 -0.0203 -0.0082 0.0017  111 PRO A C   
383 O O   . PRO A 53 ? 0.1125 0.1198 0.1091 -0.0162 -0.0052 0.0153  111 PRO A O   
384 C CB  . PRO A 53 ? 0.1424 0.1224 0.1457 0.0077  -0.0004 0.0267  111 PRO A CB  
385 C CG  . PRO A 53 ? 0.1291 0.1250 0.1709 0.0049  -0.0033 0.0241  111 PRO A CG  
386 C CD  . PRO A 53 ? 0.1252 0.1277 0.1507 0.0146  0.0046  -0.0159 111 PRO A CD  
387 N N   . SER A 54 ? 0.0998 0.0836 0.1232 -0.0090 0.0071  0.0052  112 SER A N   
388 C CA  . SER A 54 ? 0.1024 0.0992 0.1196 -0.0046 0.0072  0.0044  112 SER A CA  
389 C C   . SER A 54 ? 0.1003 0.0917 0.0903 0.0010  0.0088  -0.0051 112 SER A C   
390 O O   . SER A 54 ? 0.1115 0.0994 0.0971 -0.0126 0.0125  -0.0069 112 SER A O   
391 C CB  . SER A 54 ? 0.0930 0.0999 0.1111 -0.0126 0.0158  0.0163  112 SER A CB  
392 O OG  . SER A 54 ? 0.1252 0.1214 0.1310 -0.0209 0.0260  0.0168  112 SER A OG  
393 N N   . THR A 55 ? 0.1109 0.1004 0.1032 -0.0118 0.0169  -0.0040 113 THR A N   
394 C CA  . THR A 55 ? 0.0942 0.0826 0.1016 -0.0028 0.0050  0.0047  113 THR A CA  
395 C C   . THR A 55 ? 0.0993 0.0852 0.1073 0.0025  0.0063  0.0001  113 THR A C   
396 O O   . THR A 55 ? 0.0999 0.1077 0.1053 -0.0199 0.0008  0.0035  113 THR A O   
397 C CB  . THR A 55 ? 0.0875 0.1074 0.0851 -0.0120 0.0050  0.0124  113 THR A CB  
398 O OG1 . THR A 55 ? 0.1055 0.1183 0.1047 -0.0240 0.0005  -0.0024 113 THR A OG1 
399 C CG2 . THR A 55 ? 0.1374 0.1042 0.1216 -0.0289 -0.0014 0.0260  113 THR A CG2 
400 N N   . ILE A 56 ? 0.1057 0.1035 0.1016 -0.0107 0.0150  0.0032  114 ILE A N   
401 C CA  . ILE A 56 ? 0.0992 0.1265 0.1135 -0.0062 0.0041  0.0019  114 ILE A CA  
402 C C   . ILE A 56 ? 0.1184 0.1041 0.1202 0.0020  0.0050  0.0037  114 ILE A C   
403 O O   . ILE A 56 ? 0.1036 0.1282 0.1190 -0.0156 -0.0080 0.0031  114 ILE A O   
404 C CB  . ILE A 56 ? 0.1186 0.1551 0.1129 0.0018  -0.0049 -0.0015 114 ILE A CB  
405 C CG1 . ILE A 56 ? 0.1298 0.1644 0.1469 0.0079  0.0083  -0.0131 114 ILE A CG1 
406 C CG2 . ILE A 56 ? 0.1534 0.2099 0.1325 0.0116  -0.0170 -0.0071 114 ILE A CG2 
407 C CD1 . ILE A 56 ? 0.1814 0.1718 0.1960 0.0412  0.0146  0.0104  114 ILE A CD1 
408 N N   . LYS A 57 ? 0.1034 0.1198 0.1153 -0.0013 -0.0011 -0.0024 115 LYS A N   
409 C CA  A LYS A 57 ? 0.1060 0.1203 0.1092 0.0001  -0.0050 -0.0009 115 LYS A CA  
410 C CA  B LYS A 57 ? 0.0977 0.1098 0.0975 -0.0016 -0.0058 0.0025  115 LYS A CA  
411 C C   . LYS A 57 ? 0.0957 0.1035 0.0909 -0.0085 0.0071  -0.0056 115 LYS A C   
412 O O   . LYS A 57 ? 0.1100 0.1306 0.0897 -0.0058 0.0058  0.0006  115 LYS A O   
413 C CB  A LYS A 57 ? 0.1423 0.1312 0.1199 -0.0020 0.0142  -0.0023 115 LYS A CB  
414 C CB  B LYS A 57 ? 0.1437 0.1347 0.1189 -0.0066 0.0154  -0.0003 115 LYS A CB  
415 C CG  A LYS A 57 ? 0.1647 0.1645 0.1600 0.0115  0.0150  0.0049  115 LYS A CG  
416 C CG  B LYS A 57 ? 0.1610 0.1784 0.1579 0.0116  0.0053  0.0011  115 LYS A CG  
417 C CD  A LYS A 57 ? 0.1767 0.1433 0.1815 -0.0022 -0.0096 0.0020  115 LYS A CD  
418 C CD  B LYS A 57 ? 0.2104 0.1842 0.2217 0.0122  -0.0054 0.0019  115 LYS A CD  
419 C CE  A LYS A 57 ? 0.2141 0.1871 0.1783 0.0267  -0.0119 0.0031  115 LYS A CE  
420 C CE  B LYS A 57 ? 0.2389 0.2263 0.2462 0.0231  -0.0298 0.0254  115 LYS A CE  
421 N NZ  A LYS A 57 ? 0.1363 0.1889 0.1688 0.0158  -0.0119 -0.0060 115 LYS A NZ  
422 N NZ  B LYS A 57 ? 0.2501 0.2425 0.2504 0.0076  0.0026  -0.0053 115 LYS A NZ  
423 N N   . LEU A 58 ? 0.0893 0.1022 0.0866 -0.0172 -0.0008 -0.0016 116 LEU A N   
424 C CA  . LEU A 58 ? 0.0944 0.1112 0.0945 -0.0107 -0.0008 0.0018  116 LEU A CA  
425 C C   . LEU A 58 ? 0.0967 0.1139 0.0825 -0.0012 -0.0091 0.0149  116 LEU A C   
426 O O   . LEU A 58 ? 0.1095 0.1074 0.0955 0.0057  -0.0023 -0.0025 116 LEU A O   
427 C CB  . LEU A 58 ? 0.1030 0.1103 0.1104 -0.0078 0.0030  -0.0092 116 LEU A CB  
428 C CG  . LEU A 58 ? 0.1310 0.0992 0.1167 0.0069  -0.0026 -0.0006 116 LEU A CG  
429 C CD1 . LEU A 58 ? 0.1081 0.1463 0.1277 0.0265  0.0085  0.0113  116 LEU A CD1 
430 C CD2 . LEU A 58 ? 0.1322 0.1328 0.1202 -0.0169 -0.0255 0.0022  116 LEU A CD2 
431 N N   . LEU A 59 ? 0.0975 0.1022 0.0926 0.0010  -0.0003 -0.0095 117 LEU A N   
432 C CA  . LEU A 59 ? 0.1011 0.0902 0.1008 -0.0096 0.0018  -0.0004 117 LEU A CA  
433 C C   . LEU A 59 ? 0.0944 0.0903 0.0935 -0.0008 0.0032  0.0093  117 LEU A C   
434 O O   . LEU A 59 ? 0.1144 0.0972 0.0995 -0.0079 -0.0189 -0.0026 117 LEU A O   
435 C CB  . LEU A 59 ? 0.1200 0.1032 0.1063 -0.0208 -0.0016 0.0039  117 LEU A CB  
436 C CG  . LEU A 59 ? 0.1605 0.1227 0.1089 -0.0251 -0.0009 -0.0034 117 LEU A CG  
437 C CD1 . LEU A 59 ? 0.1425 0.1869 0.1284 -0.0184 0.0179  -0.0043 117 LEU A CD1 
438 C CD2 . LEU A 59 ? 0.1979 0.1273 0.1392 -0.0051 -0.0004 0.0054  117 LEU A CD2 
439 N N   . ARG A 60 ? 0.1123 0.0978 0.0977 -0.0093 -0.0053 0.0008  118 ARG A N   
440 C CA  . ARG A 60 ? 0.1276 0.1125 0.0859 -0.0075 -0.0047 0.0015  118 ARG A CA  
441 C C   . ARG A 60 ? 0.1244 0.1130 0.1047 -0.0025 -0.0104 0.0064  118 ARG A C   
442 O O   . ARG A 60 ? 0.1370 0.1346 0.0988 -0.0135 -0.0165 -0.0133 118 ARG A O   
443 C CB  . ARG A 60 ? 0.1259 0.1288 0.0932 -0.0008 0.0011  0.0144  118 ARG A CB  
444 C CG  . ARG A 60 ? 0.1372 0.1641 0.1413 -0.0011 -0.0051 0.0064  118 ARG A CG  
445 C CD  . ARG A 60 ? 0.2264 0.2274 0.2398 0.0402  -0.0059 0.0386  118 ARG A CD  
446 N NE  . ARG A 60 ? 0.1911 0.2493 0.2670 -0.0003 -0.0130 0.0000  118 ARG A NE  
447 C CZ  . ARG A 60 ? 0.2550 0.2523 0.2511 0.0022  0.0075  0.0016  118 ARG A CZ  
448 N NH1 . ARG A 60 ? 0.2485 0.2172 0.2349 -0.0034 -0.0211 0.0101  118 ARG A NH1 
449 N NH2 . ARG A 60 ? 0.2108 0.2038 0.1970 0.0109  -0.0328 0.0438  118 ARG A NH2 
450 N N   . VAL A 61 ? 0.1152 0.1069 0.0992 0.0024  -0.0064 0.0197  119 VAL A N   
451 C CA  . VAL A 61 ? 0.1169 0.1211 0.1036 -0.0017 -0.0050 0.0015  119 VAL A CA  
452 C C   . VAL A 61 ? 0.1173 0.1202 0.1184 -0.0006 -0.0015 -0.0108 119 VAL A C   
453 O O   . VAL A 61 ? 0.1438 0.1237 0.1064 -0.0007 0.0025  -0.0100 119 VAL A O   
454 C CB  . VAL A 61 ? 0.1236 0.1032 0.1451 -0.0044 0.0124  0.0076  119 VAL A CB  
455 C CG1 . VAL A 61 ? 0.1356 0.1698 0.1711 0.0071  0.0115  -0.0074 119 VAL A CG1 
456 C CG2 . VAL A 61 ? 0.1460 0.1309 0.1705 -0.0013 0.0208  0.0160  119 VAL A CG2 
457 N N   . LEU A 62 ? 0.0911 0.1080 0.1136 -0.0059 -0.0059 -0.0094 120 LEU A N   
458 C CA  . LEU A 62 ? 0.1074 0.1084 0.1247 -0.0005 0.0029  0.0083  120 LEU A CA  
459 C C   . LEU A 62 ? 0.1231 0.1247 0.1245 0.0070  0.0025  0.0061  120 LEU A C   
460 O O   . LEU A 62 ? 0.1570 0.1289 0.1530 -0.0014 -0.0161 -0.0016 120 LEU A O   
461 C CB  . LEU A 62 ? 0.0974 0.0960 0.1138 -0.0033 -0.0059 0.0086  120 LEU A CB  
462 C CG  . LEU A 62 ? 0.1083 0.1283 0.1019 0.0106  -0.0133 0.0188  120 LEU A CG  
463 C CD1 . LEU A 62 ? 0.1538 0.1238 0.1067 0.0138  -0.0062 0.0028  120 LEU A CD1 
464 C CD2 . LEU A 62 ? 0.1402 0.1440 0.1790 0.0275  -0.0258 0.0075  120 LEU A CD2 
465 N N   . ASP A 63 ? 0.1180 0.1103 0.1284 -0.0152 0.0025  -0.0086 121 ASP A N   
466 C CA  . ASP A 63 ? 0.1362 0.1357 0.1445 -0.0246 -0.0116 0.0001  121 ASP A CA  
467 C C   . ASP A 63 ? 0.1623 0.1493 0.1557 0.0028  -0.0078 -0.0052 121 ASP A C   
468 O O   . ASP A 63 ? 0.1901 0.1752 0.1805 -0.0302 -0.0006 -0.0278 121 ASP A O   
469 C CB  . ASP A 63 ? 0.1295 0.1550 0.1438 -0.0193 0.0203  -0.0155 121 ASP A CB  
470 C CG  . ASP A 63 ? 0.2005 0.1774 0.1493 -0.0053 -0.0126 -0.0195 121 ASP A CG  
471 O OD1 . ASP A 63 ? 0.1987 0.2199 0.2743 -0.0748 -0.0052 -0.0324 121 ASP A OD1 
472 O OD2 . ASP A 63 ? 0.2353 0.2914 0.2307 0.0186  -0.0646 -0.0844 121 ASP A OD2 
473 N N   . LYS A 64 ? 0.1496 0.1522 0.1357 -0.0066 -0.0083 -0.0268 122 LYS A N   
474 C CA  . LYS A 64 ? 0.1589 0.1791 0.1477 -0.0117 -0.0024 -0.0350 122 LYS A CA  
475 C C   . LYS A 64 ? 0.1631 0.1583 0.1359 0.0002  -0.0053 -0.0360 122 LYS A C   
476 O O   . LYS A 64 ? 0.1765 0.1984 0.1757 -0.0073 -0.0105 -0.0553 122 LYS A O   
477 C CB  . LYS A 64 ? 0.1924 0.2064 0.1453 -0.0047 0.0128  -0.0362 122 LYS A CB  
478 C CG  . LYS A 64 ? 0.2527 0.3019 0.2709 0.0254  0.0073  0.0013  122 LYS A CG  
479 C CD  . LYS A 64 ? 0.3142 0.3264 0.3050 0.0092  -0.0088 0.0173  122 LYS A CD  
480 C CE  . LYS A 64 ? 0.3097 0.3035 0.3138 0.0205  -0.0317 0.0029  122 LYS A CE  
481 N NZ  . LYS A 64 ? 0.3030 0.2956 0.3076 -0.0007 -0.0097 0.0195  122 LYS A NZ  
482 N N   . HIS A 65 ? 0.1465 0.1411 0.1332 0.0041  -0.0068 -0.0299 123 HIS A N   
483 C CA  . HIS A 65 ? 0.1508 0.1391 0.1284 0.0063  -0.0004 -0.0275 123 HIS A CA  
484 C C   . HIS A 65 ? 0.1317 0.1206 0.1534 0.0043  -0.0119 -0.0101 123 HIS A C   
485 O O   . HIS A 65 ? 0.1361 0.1253 0.1340 0.0047  -0.0055 -0.0102 123 HIS A O   
486 C CB  . HIS A 65 ? 0.1301 0.1695 0.1382 0.0109  0.0045  -0.0133 123 HIS A CB  
487 C CG  . HIS A 65 ? 0.1515 0.1626 0.1500 0.0159  0.0024  -0.0133 123 HIS A CG  
488 N ND1 . HIS A 65 ? 0.2050 0.2435 0.1580 0.0324  0.0084  -0.0185 123 HIS A ND1 
489 C CD2 . HIS A 65 ? 0.1571 0.1663 0.1374 0.0050  -0.0138 -0.0148 123 HIS A CD2 
490 C CE1 . HIS A 65 ? 0.2011 0.2256 0.1542 0.0336  0.0247  -0.0186 123 HIS A CE1 
491 N NE2 . HIS A 65 ? 0.1754 0.2195 0.1222 -0.0108 -0.0182 0.0038  123 HIS A NE2 
492 N N   . PRO A 66 ? 0.1548 0.1478 0.1582 -0.0012 -0.0046 -0.0135 124 PRO A N   
493 C CA  . PRO A 66 ? 0.1694 0.1360 0.1839 -0.0112 -0.0169 -0.0035 124 PRO A CA  
494 C C   . PRO A 66 ? 0.1853 0.1354 0.1824 0.0073  -0.0130 0.0068  124 PRO A C   
495 O O   . PRO A 66 ? 0.1635 0.1333 0.1966 0.0252  -0.0159 0.0189  124 PRO A O   
496 C CB  . PRO A 66 ? 0.1889 0.1561 0.2004 -0.0156 -0.0148 0.0161  124 PRO A CB  
497 C CG  . PRO A 66 ? 0.2224 0.1560 0.2020 -0.0152 -0.0114 -0.0072 124 PRO A CG  
498 C CD  . PRO A 66 ? 0.1590 0.1684 0.1672 -0.0205 -0.0028 -0.0208 124 PRO A CD  
499 N N   . GLU A 67 ? 0.1851 0.1331 0.1859 0.0041  -0.0086 -0.0082 125 GLU A N   
500 C CA  . GLU A 67 ? 0.1740 0.1524 0.1894 0.0164  -0.0038 -0.0105 125 GLU A CA  
501 C C   . GLU A 67 ? 0.1625 0.1500 0.1783 0.0199  -0.0013 -0.0010 125 GLU A C   
502 O O   . GLU A 67 ? 0.1754 0.1409 0.1923 0.0381  -0.0053 -0.0112 125 GLU A O   
503 C CB  . GLU A 67 ? 0.1808 0.1802 0.2126 0.0300  -0.0040 -0.0321 125 GLU A CB  
504 C CG  . GLU A 67 ? 0.2409 0.2583 0.2351 0.0122  0.0219  -0.0190 125 GLU A CG  
505 C CD  . GLU A 67 ? 0.2651 0.2260 0.2776 0.0098  0.0074  -0.0134 125 GLU A CD  
506 O OE1 . GLU A 67 ? 0.2421 0.2685 0.2479 0.0402  0.0035  -0.0278 125 GLU A OE1 
507 O OE2 . GLU A 67 ? 0.3493 0.3459 0.3277 0.0359  0.0388  0.0233  125 GLU A OE2 
508 N N   . LEU A 68 ? 0.1402 0.1431 0.1376 0.0255  -0.0139 -0.0017 126 LEU A N   
509 C CA  . LEU A 68 ? 0.1317 0.1451 0.1553 0.0151  -0.0033 -0.0017 126 LEU A CA  
510 C C   . LEU A 68 ? 0.1235 0.1248 0.1588 0.0289  -0.0123 0.0054  126 LEU A C   
511 O O   . LEU A 68 ? 0.1331 0.1318 0.1479 0.0321  -0.0292 0.0139  126 LEU A O   
512 C CB  . LEU A 68 ? 0.1543 0.1454 0.1638 -0.0002 -0.0219 -0.0055 126 LEU A CB  
513 C CG  . LEU A 68 ? 0.1658 0.1744 0.1786 0.0187  -0.0008 0.0239  126 LEU A CG  
514 C CD1 . LEU A 68 ? 0.2241 0.1772 0.2007 0.0077  -0.0371 0.0200  126 LEU A CD1 
515 C CD2 . LEU A 68 ? 0.2045 0.2815 0.2309 0.0070  0.0158  0.0297  126 LEU A CD2 
516 N N   . LEU A 69 ? 0.1184 0.1314 0.1515 0.0350  -0.0100 0.0081  127 LEU A N   
517 C CA  . LEU A 69 ? 0.1379 0.1538 0.1418 0.0310  -0.0141 0.0081  127 LEU A CA  
518 C C   . LEU A 69 ? 0.1401 0.1601 0.1460 0.0145  -0.0107 0.0086  127 LEU A C   
519 O O   . LEU A 69 ? 0.1407 0.1913 0.1502 0.0302  -0.0146 0.0089  127 LEU A O   
520 C CB  . LEU A 69 ? 0.1356 0.1876 0.1675 0.0455  -0.0106 0.0167  127 LEU A CB  
521 C CG  . LEU A 69 ? 0.1926 0.1972 0.1538 0.0262  -0.0279 0.0276  127 LEU A CG  
522 C CD1 . LEU A 69 ? 0.1726 0.2361 0.1911 0.0448  0.0074  0.0085  127 LEU A CD1 
523 C CD2 . LEU A 69 ? 0.1878 0.2164 0.2047 0.0123  -0.0131 0.0400  127 LEU A CD2 
524 N N   . ASN A 70 ? 0.1386 0.1714 0.1451 0.0121  -0.0043 0.0102  128 ASN A N   
525 C CA  A ASN A 70 ? 0.1470 0.1724 0.1602 0.0184  -0.0197 0.0161  128 ASN A CA  
526 C CA  B ASN A 70 ? 0.1488 0.1769 0.1638 0.0177  -0.0189 0.0147  128 ASN A CA  
527 C C   . ASN A 70 ? 0.1415 0.1738 0.1545 0.0186  -0.0138 0.0298  128 ASN A C   
528 O O   . ASN A 70 ? 0.1382 0.1792 0.1837 0.0334  -0.0270 0.0363  128 ASN A O   
529 C CB  A ASN A 70 ? 0.1766 0.1689 0.1777 0.0113  -0.0120 0.0100  128 ASN A CB  
530 C CB  B ASN A 70 ? 0.1787 0.1811 0.1921 0.0121  -0.0120 0.0023  128 ASN A CB  
531 C CG  A ASN A 70 ? 0.2324 0.2175 0.2467 -0.0182 -0.0121 0.0041  128 ASN A CG  
532 C CG  B ASN A 70 ? 0.2457 0.2255 0.2600 -0.0096 0.0081  0.0031  128 ASN A CG  
533 O OD1 A ASN A 70 ? 0.2667 0.2352 0.2762 -0.0079 0.0123  -0.0043 128 ASN A OD1 
534 O OD1 B ASN A 70 ? 0.2859 0.2645 0.2702 0.0018  -0.0025 0.0073  128 ASN A OD1 
535 N ND2 A ASN A 70 ? 0.2627 0.2761 0.2752 -0.0023 0.0064  -0.0166 128 ASN A ND2 
536 N ND2 B ASN A 70 ? 0.2944 0.2919 0.2826 -0.0007 -0.0102 -0.0030 128 ASN A ND2 
537 N N   . GLU A 71 ? 0.1366 0.1444 0.1521 0.0246  -0.0171 0.0191  129 GLU A N   
538 C CA  A GLU A 71 ? 0.1593 0.1549 0.1643 0.0183  -0.0239 0.0031  129 GLU A CA  
539 C CA  B GLU A 71 ? 0.1651 0.1571 0.1610 0.0134  -0.0122 0.0064  129 GLU A CA  
540 C C   . GLU A 71 ? 0.1859 0.1416 0.1431 0.0314  -0.0154 0.0318  129 GLU A C   
541 O O   . GLU A 71 ? 0.2192 0.2108 0.2150 -0.0053 -0.0095 -0.0309 129 GLU A O   
542 C CB  A GLU A 71 ? 0.1727 0.1542 0.1632 0.0034  -0.0076 0.0088  129 GLU A CB  
543 C CB  B GLU A 71 ? 0.1777 0.1656 0.1672 0.0051  -0.0085 0.0121  129 GLU A CB  
544 C CG  A GLU A 71 ? 0.1840 0.1946 0.1959 0.0003  -0.0116 -0.0108 129 GLU A CG  
545 C CG  B GLU A 71 ? 0.2030 0.2047 0.1999 0.0017  -0.0029 -0.0048 129 GLU A CG  
546 C CD  A GLU A 71 ? 0.2243 0.2188 0.2025 -0.0006 -0.0128 0.0074  129 GLU A CD  
547 C CD  B GLU A 71 ? 0.2157 0.2291 0.2302 -0.0113 -0.0010 0.0068  129 GLU A CD  
548 O OE1 A GLU A 71 ? 0.2206 0.2299 0.2202 0.0059  0.0020  0.0134  129 GLU A OE1 
549 O OE1 B GLU A 71 ? 0.2149 0.2095 0.2009 0.0304  0.0104  0.0315  129 GLU A OE1 
550 O OE2 A GLU A 71 ? 0.2303 0.2407 0.1982 0.0385  -0.0321 0.0303  129 GLU A OE2 
551 O OE2 B GLU A 71 ? 0.2798 0.2909 0.2756 0.0029  0.0116  0.0000  129 GLU A OE2 
552 N N   . ILE A 72 ? 0.1942 0.1417 0.1420 0.0374  -0.0205 0.0116  130 ILE A N   
553 C CA  . ILE A 72 ? 0.1967 0.1687 0.1831 0.0438  -0.0016 -0.0062 130 ILE A CA  
554 C C   . ILE A 72 ? 0.2046 0.1757 0.1735 0.0274  -0.0226 -0.0026 130 ILE A C   
555 O O   . ILE A 72 ? 0.2701 0.1714 0.1804 0.0475  -0.0393 0.0156  130 ILE A O   
556 C CB  . ILE A 72 ? 0.2068 0.1827 0.1747 0.0635  -0.0049 0.0120  130 ILE A CB  
557 C CG1 . ILE A 72 ? 0.1971 0.1758 0.1975 0.0624  -0.0373 -0.0002 130 ILE A CG1 
558 C CG2 . ILE A 72 ? 0.2683 0.2328 0.2004 0.0614  0.0128  0.0035  130 ILE A CG2 
559 C CD1 . ILE A 72 ? 0.1920 0.2221 0.2123 0.0626  0.0001  0.0006  130 ILE A CD1 
560 N N   . ARG A 73 ? 0.1921 0.1851 0.1892 0.0441  -0.0033 0.0160  131 ARG A N   
561 C CA  . ARG A 73 ? 0.2398 0.2128 0.2188 0.0363  0.0141  -0.0022 131 ARG A CA  
562 C C   . ARG A 73 ? 0.2715 0.2592 0.2318 0.0219  0.0076  0.0082  131 ARG A C   
563 O O   . ARG A 73 ? 0.2678 0.2675 0.2041 0.0685  -0.0309 0.0156  131 ARG A O   
564 C CB  . ARG A 73 ? 0.2857 0.2517 0.2395 -0.0007 0.0009  0.0272  131 ARG A CB  
565 C CG  . ARG A 73 ? 0.2765 0.2885 0.3041 -0.0067 0.0073  -0.0023 131 ARG A CG  
566 C CD  . ARG A 73 ? 0.2800 0.2869 0.3063 0.0002  -0.0187 0.0073  131 ARG A CD  
567 N NE  . ARG A 73 ? 0.2564 0.3202 0.3254 0.0192  0.0072  0.0186  131 ARG A NE  
568 C CZ  . ARG A 73 ? 0.2165 0.2720 0.2903 0.0523  -0.0232 0.0395  131 ARG A CZ  
569 N NH1 . ARG A 73 ? 0.2172 0.3014 0.3256 0.0168  -0.0032 0.0196  131 ARG A NH1 
570 N NH2 . ARG A 73 ? 0.3603 0.3949 0.3524 0.0040  0.0263  0.0046  131 ARG A NH2 
571 O OXT . ARG A 73 ? 0.3532 0.3160 0.2620 0.0266  0.0148  0.0038  131 ARG A OXT 
572 O O   . HOH B .  ? 0.2920 0.2833 0.1841 0.0351  -0.0099 0.0502  1   HOH A O   
573 O O   . HOH B .  ? 0.1638 0.2685 0.2307 -0.0533 0.0227  0.0260  2   HOH A O   
574 O O   . HOH B .  ? 0.1448 0.2184 0.2310 0.0062  0.0517  0.0560  3   HOH A O   
575 O O   . HOH B .  ? 0.2728 0.2639 0.2418 -0.0083 -0.0001 -0.0193 4   HOH A O   
576 O O   . HOH B .  ? 0.2252 0.1682 0.1614 -0.0107 0.0333  -0.0167 5   HOH A O   
577 O O   . HOH B .  ? 0.2498 0.2114 0.2345 0.0022  0.0013  0.0221  7   HOH A O   
578 O O   . HOH B .  ? 0.1892 0.1537 0.2080 -0.0108 0.0377  0.0686  8   HOH A O   
579 O O   . HOH B .  ? 0.2183 0.2552 0.3188 0.0055  0.0038  -0.0119 9   HOH A O   
580 O O   . HOH B .  ? 0.2639 0.2898 0.2069 0.0099  -0.0652 -0.0037 10  HOH A O   
581 O O   . HOH B .  ? 0.4736 0.5082 0.4775 0.0093  0.0087  -0.0130 11  HOH A O   
582 O O   . HOH B .  ? 0.3490 0.3651 0.3647 -0.0395 -0.0009 -0.0516 12  HOH A O   
583 O O   . HOH B .  ? 0.2847 0.2499 0.3433 0.0379  -0.0515 0.0342  13  HOH A O   
584 O O   . HOH B .  ? 0.2609 0.2932 0.1981 -0.0323 0.0577  0.0467  14  HOH A O   
585 O O   . HOH B .  ? 0.2813 0.3374 0.3178 0.0127  0.0437  0.0257  16  HOH A O   
586 O O   . HOH B .  ? 0.4814 0.4692 0.4447 -0.0104 -0.0002 -0.0207 17  HOH A O   
587 O O   . HOH B .  ? 0.3541 0.2801 0.3360 0.0177  -0.0277 0.0408  18  HOH A O   
588 O O   . HOH B .  ? 0.2477 0.2723 0.3204 -0.0551 -0.0262 -0.0318 19  HOH A O   
589 O O   . HOH B .  ? 0.2180 0.2303 0.2728 0.0256  0.0055  0.0306  20  HOH A O   
590 O O   . HOH B .  ? 0.3814 0.3569 0.3763 0.0352  0.0027  -0.0079 21  HOH A O   
591 O O   . HOH B .  ? 0.4519 0.4316 0.4434 0.0298  0.0455  -0.0047 24  HOH A O   
592 O O   . HOH B .  ? 0.2477 0.2996 0.2742 -0.0281 0.0264  0.0358  26  HOH A O   
593 O O   . HOH B .  ? 0.2946 0.3685 0.3302 -0.0059 -0.0574 0.0612  27  HOH A O   
594 O O   . HOH B .  ? 0.4309 0.4209 0.4114 -0.0068 0.0055  -0.0063 28  HOH A O   
595 O O   . HOH B .  ? 0.3038 0.2612 0.3531 -0.0440 -0.0235 -0.0462 29  HOH A O   
596 O O   . HOH B .  ? 0.3296 0.3524 0.4152 -0.0115 0.0095  -0.0260 30  HOH A O   
597 O O   . HOH B .  ? 0.2111 0.2407 0.2456 -0.0290 0.0117  0.0242  34  HOH A O   
598 O O   . HOH B .  ? 0.3858 0.3102 0.2692 -0.0062 -0.0124 -0.0009 35  HOH A O   
599 O O   . HOH B .  ? 0.3061 0.2892 0.3051 -0.0324 0.0264  -0.0424 36  HOH A O   
600 O O   . HOH B .  ? 0.2179 0.2899 0.2204 0.0044  0.0007  0.0227  38  HOH A O   
601 O O   . HOH B .  ? 0.2728 0.2508 0.3205 0.0160  -0.0168 0.0061  41  HOH A O   
602 O O   . HOH B .  ? 0.4708 0.4838 0.4907 -0.0163 -0.0056 -0.0109 42  HOH A O   
603 O O   . HOH B .  ? 0.2747 0.2914 0.2789 0.0122  0.0287  0.0337  43  HOH A O   
604 O O   . HOH B .  ? 0.4022 0.3615 0.3917 0.0192  -0.0047 -0.0091 44  HOH A O   
605 O O   . HOH B .  ? 0.3495 0.3782 0.3498 -0.0001 -0.0041 -0.0148 47  HOH A O   
606 O O   . HOH B .  ? 0.3417 0.3781 0.3958 -0.0269 -0.0412 -0.0041 50  HOH A O   
607 O O   . HOH B .  ? 0.3377 0.2909 0.3318 -0.0346 -0.0057 -0.0255 51  HOH A O   
608 O O   . HOH B .  ? 0.5294 0.5164 0.5385 -0.0081 0.0041  -0.0100 53  HOH A O   
609 O O   . HOH B .  ? 0.3025 0.2587 0.2952 -0.0081 0.0110  0.0223  55  HOH A O   
610 O O   . HOH B .  ? 0.2854 0.3427 0.3666 -0.0062 0.0166  -0.0017 132 HOH A O   
611 O O   . HOH B .  ? 0.4614 0.4198 0.4004 0.0036  -0.0224 0.0246  133 HOH A O   
612 O O   . HOH B .  ? 0.3513 0.3604 0.2888 -0.0133 0.0116  0.0093  134 HOH A O   
613 O O   . HOH B .  ? 0.3188 0.3413 0.3726 -0.0240 -0.0537 0.0684  135 HOH A O   
614 O O   . HOH B .  ? 0.3588 0.4070 0.4009 0.0452  0.0044  0.0069  136 HOH A O   
615 O O   . HOH B .  ? 0.5059 0.5044 0.4723 0.0127  -0.0022 -0.0038 137 HOH A O   
616 O O   . HOH B .  ? 0.3764 0.3589 0.3245 0.0070  0.0042  0.0053  138 HOH A O   
617 O O   . HOH B .  ? 0.4683 0.4444 0.4626 0.0066  -0.0192 0.0115  139 HOH A O   
618 O O   . HOH B .  ? 0.3517 0.4305 0.3920 -0.0084 -0.0107 -0.0112 140 HOH A O   
619 O O   . HOH B .  ? 0.3906 0.4173 0.4376 -0.0353 0.0024  -0.0026 141 HOH A O   
620 O O   . HOH B .  ? 0.3362 0.3816 0.3647 -0.0172 -0.0007 0.0342  142 HOH A O   
621 O O   . HOH B .  ? 0.3642 0.3644 0.4204 -0.0275 -0.0108 -0.0268 143 HOH A O   
622 O O   . HOH B .  ? 0.4103 0.4115 0.4434 -0.0304 -0.0029 -0.0171 144 HOH A O   
623 O O   . HOH B .  ? 0.3395 0.3107 0.2714 -0.0159 -0.0339 0.0078  145 HOH A O   
624 O O   . HOH B .  ? 0.3850 0.3993 0.4136 0.0060  0.0057  -0.0284 146 HOH A O   
625 O O   . HOH B .  ? 0.3914 0.3090 0.3079 0.0020  -0.0031 0.0397  147 HOH A O   
626 O O   . HOH B .  ? 0.3811 0.4363 0.4024 -0.0201 0.0105  0.0224  148 HOH A O   
627 O O   . HOH B .  ? 0.3809 0.3894 0.4065 0.0308  0.0073  0.0126  149 HOH A O   
628 O O   . HOH B .  ? 0.2868 0.3120 0.3761 -0.0200 -0.0058 0.0194  150 HOH A O   
629 O O   . HOH B .  ? 0.3864 0.3791 0.4276 -0.0050 0.0290  -0.0149 151 HOH A O   
630 O O   . HOH B .  ? 0.2891 0.3690 0.2959 0.0012  -0.0318 -0.0360 152 HOH A O   
631 O O   . HOH B .  ? 0.3237 0.4167 0.4050 0.0171  0.0292  -0.0191 153 HOH A O   
632 O O   . HOH B .  ? 0.4555 0.4529 0.4730 -0.0190 0.0040  -0.0147 154 HOH A O   
633 O O   . HOH B .  ? 0.4120 0.4027 0.3655 -0.0078 -0.0143 0.0037  155 HOH A O   
634 O O   . HOH B .  ? 0.5520 0.5674 0.5227 0.0182  0.0109  -0.0188 156 HOH A O   
635 O O   . HOH B .  ? 0.4493 0.4355 0.4763 -0.0078 -0.0020 -0.0065 157 HOH A O   
636 O O   . HOH B .  ? 0.3158 0.4160 0.4105 0.0461  -0.0068 0.0217  158 HOH A O   
637 O O   . HOH B .  ? 0.5025 0.5319 0.5429 -0.0061 -0.0057 -0.0109 159 HOH A O   
638 O O   . HOH B .  ? 0.4762 0.4790 0.4888 -0.0119 0.0018  -0.0007 160 HOH A O   
639 O O   . HOH B .  ? 0.4121 0.4953 0.4376 0.0158  0.0100  -0.0061 161 HOH A O   
640 O O   . HOH B .  ? 0.4971 0.5047 0.5081 0.0015  0.0043  0.0078  162 HOH A O   
641 O O   . HOH B .  ? 0.3799 0.4040 0.4204 -0.0550 -0.0129 -0.0161 163 HOH A O   
642 O O   . HOH B .  ? 0.4604 0.4933 0.4812 0.0232  -0.0023 -0.0013 164 HOH A O   
643 O O   . HOH B .  ? 0.4286 0.3921 0.4503 -0.0123 0.0035  0.0310  165 HOH A O   
644 O O   . HOH B .  ? 0.4555 0.4424 0.4279 0.0032  -0.0090 -0.0094 166 HOH A O   
645 O O   . HOH B .  ? 0.4982 0.5077 0.4913 0.0092  0.0065  0.0059  167 HOH A O   
646 O O   . HOH B .  ? 0.4908 0.4930 0.5131 0.0043  0.0045  0.0021  168 HOH A O   
647 O O   . HOH B .  ? 0.4880 0.4800 0.4335 -0.0088 -0.0235 0.0156  169 HOH A O   
648 O O   . HOH B .  ? 0.4197 0.4176 0.4145 0.0061  -0.0267 0.0031  170 HOH A O   
649 O O   . HOH B .  ? 0.5774 0.5648 0.5694 -0.0117 -0.0012 -0.0116 171 HOH A O   
650 O O   . HOH B .  ? 0.4600 0.4669 0.4677 -0.0060 -0.0043 -0.0256 172 HOH A O   
651 O O   . HOH B .  ? 0.5270 0.5141 0.5229 -0.0018 0.0215  -0.0249 173 HOH A O   
# 
